data_3WVQ
#
_entry.id   3WVQ
#
_cell.length_a   77.660
_cell.length_b   86.750
_cell.length_c   94.260
_cell.angle_alpha   73.740
_cell.angle_beta   85.930
_cell.angle_gamma   68.260
#
_symmetry.space_group_name_H-M   'P 1'
#
loop_
_entity.id
_entity.type
_entity.pdbx_description
1 polymer PGM1
2 non-polymer 'SULFATE ION'
3 non-polymer GLYCEROL
4 water water
#
_entity_poly.entity_id   1
_entity_poly.type   'polypeptide(L)'
_entity_poly.pdbx_seq_one_letter_code
;(MSE)RLLVGNDWSEELAEPTGSTGWAVQRLVWFARDGDVLVLPVAPQEEFLAYVTSLTGTRRSSLTVVVPPPGRLGAGA
LTADRLADPRFLAALREAFAGRPVHEVFALWPDAVVADLADALGCPEALEGHDFLTQSGGLIGSSKAAFRALAAGAGVAL
PAGAVCADRRRAHRHVTRLLDEGSPVILKQDYGSGSDGNEILSRTPGLALRGARALRVLADSAALDAYLDERWDWLTEGG
RHRVVVERYHPGSRAYFAEFWISDGGVRLGGHGE(MSE)RYRPLPDSQV(MSE)PAPDLDQAQLDDLVEGGRRLCVALHA
LGYRGVLSADAVVTPAGEVLFTEHNGRATGSTHIYEIVGKRVVGPGFGTDRILLERVWPEGWEAPSFAGALTRLRDSGHL
YDPETRRGAVILAAYNTHRKGV(MSE)LCYVAEDLEAALHREESVSRLFAPALSALEHHHHHH
;
_entity_poly.pdbx_strand_id   A,B,C,D
#
# COMPACT_ATOMS: atom_id res chain seq x y z
N ARG A 2 4.63 -21.44 12.04
CA ARG A 2 4.93 -20.07 12.32
C ARG A 2 5.94 -20.04 13.45
N LEU A 3 6.68 -18.98 13.56
CA LEU A 3 7.61 -18.72 14.65
C LEU A 3 6.98 -17.70 15.60
N LEU A 4 6.65 -18.15 16.79
CA LEU A 4 6.07 -17.30 17.83
C LEU A 4 7.12 -16.91 18.85
N VAL A 5 7.27 -15.61 19.09
CA VAL A 5 8.30 -15.13 20.00
C VAL A 5 7.72 -14.46 21.24
N GLY A 6 7.98 -15.03 22.41
CA GLY A 6 7.44 -14.50 23.64
C GLY A 6 8.35 -13.46 24.27
N ASN A 7 8.63 -12.37 23.55
CA ASN A 7 9.52 -11.36 24.08
C ASN A 7 8.80 -10.33 24.94
N ASP A 8 9.60 -9.57 25.67
CA ASP A 8 9.13 -8.60 26.66
C ASP A 8 9.29 -7.16 26.18
N TRP A 9 8.92 -6.22 27.05
CA TRP A 9 9.17 -4.80 26.87
C TRP A 9 10.58 -4.55 26.33
N SER A 10 10.70 -3.63 25.38
CA SER A 10 11.94 -3.46 24.65
C SER A 10 13.15 -3.22 25.54
N GLU A 11 14.19 -4.00 25.29
CA GLU A 11 15.47 -3.83 25.92
C GLU A 11 16.07 -2.42 25.68
N GLU A 12 15.71 -1.80 24.56
CA GLU A 12 16.14 -0.43 24.27
C GLU A 12 15.55 0.59 25.25
N LEU A 13 14.42 0.27 25.84
CA LEU A 13 13.71 1.20 26.71
C LEU A 13 14.06 1.00 28.17
N ALA A 14 14.21 -0.26 28.58
CA ALA A 14 14.48 -0.56 29.97
C ALA A 14 15.05 -1.98 30.14
N GLU A 15 15.87 -2.15 31.18
CA GLU A 15 16.36 -3.49 31.54
C GLU A 15 15.23 -4.31 32.17
N PRO A 16 14.89 -5.45 31.56
CA PRO A 16 13.82 -6.29 32.07
C PRO A 16 14.28 -7.12 33.27
N THR A 17 14.87 -6.47 34.27
CA THR A 17 15.54 -7.14 35.37
C THR A 17 14.55 -7.77 36.36
N GLY A 18 13.30 -7.36 36.31
CA GLY A 18 12.31 -7.89 37.23
C GLY A 18 11.49 -9.03 36.64
N SER A 19 11.70 -9.36 35.36
CA SER A 19 10.87 -10.38 34.73
C SER A 19 11.17 -11.78 35.26
N THR A 20 10.13 -12.60 35.35
CA THR A 20 10.24 -13.95 35.89
C THR A 20 9.90 -15.00 34.83
N GLY A 21 9.41 -14.54 33.68
CA GLY A 21 9.07 -15.43 32.59
C GLY A 21 7.66 -15.98 32.65
N TRP A 22 6.81 -15.32 33.42
CA TRP A 22 5.45 -15.77 33.64
C TRP A 22 4.45 -15.20 32.62
N ALA A 23 4.37 -13.88 32.56
CA ALA A 23 3.40 -13.19 31.72
C ALA A 23 3.39 -13.65 30.26
N VAL A 24 4.58 -13.89 29.70
CA VAL A 24 4.67 -14.12 28.27
C VAL A 24 4.19 -15.51 27.88
N GLN A 25 3.91 -16.37 28.86
CA GLN A 25 3.46 -17.72 28.54
C GLN A 25 2.06 -17.69 27.94
N ARG A 26 1.40 -16.53 28.01
CA ARG A 26 0.17 -16.30 27.26
C ARG A 26 0.33 -16.57 25.75
N LEU A 27 1.58 -16.55 25.28
CA LEU A 27 1.89 -16.90 23.90
C LEU A 27 1.22 -18.19 23.43
N VAL A 28 1.05 -19.14 24.35
CA VAL A 28 0.52 -20.46 23.98
C VAL A 28 -0.91 -20.36 23.44
N TRP A 29 -1.68 -19.38 23.92
CA TRP A 29 -3.01 -19.15 23.40
C TRP A 29 -2.99 -18.93 21.89
N PHE A 30 -1.94 -18.31 21.39
CA PHE A 30 -1.88 -18.00 19.97
C PHE A 30 -1.41 -19.18 19.12
N ALA A 31 -0.87 -20.21 19.74
CA ALA A 31 -0.27 -21.31 18.99
C ALA A 31 -1.31 -22.11 18.20
N ARG A 32 -0.94 -22.47 16.98
CA ARG A 32 -1.73 -23.33 16.11
C ARG A 32 -0.86 -24.53 15.73
N ASP A 33 -1.44 -25.53 15.08
CA ASP A 33 -0.72 -26.77 14.76
C ASP A 33 0.61 -26.51 14.05
N GLY A 34 1.69 -27.04 14.61
CA GLY A 34 2.99 -26.99 13.98
C GLY A 34 3.89 -25.83 14.38
N ASP A 35 3.36 -24.89 15.15
CA ASP A 35 4.12 -23.69 15.51
C ASP A 35 5.30 -23.98 16.41
N VAL A 36 6.30 -23.14 16.30
CA VAL A 36 7.44 -23.19 17.20
C VAL A 36 7.41 -21.93 18.04
N LEU A 37 7.48 -22.11 19.35
CA LEU A 37 7.35 -21.02 20.32
C LEU A 37 8.68 -20.77 20.98
N VAL A 38 9.10 -19.52 21.00
CA VAL A 38 10.29 -19.14 21.75
C VAL A 38 9.88 -18.48 23.06
N LEU A 39 10.27 -19.08 24.19
CA LEU A 39 9.91 -18.54 25.50
C LEU A 39 11.15 -18.46 26.38
N PRO A 40 11.15 -17.53 27.35
CA PRO A 40 12.30 -17.37 28.25
C PRO A 40 12.33 -18.46 29.32
N VAL A 41 11.17 -19.02 29.65
CA VAL A 41 11.03 -20.07 30.66
C VAL A 41 10.08 -21.14 30.13
N ALA A 42 10.54 -22.38 30.09
CA ALA A 42 9.72 -23.48 29.58
C ALA A 42 8.46 -23.65 30.43
N PRO A 43 7.29 -23.61 29.77
CA PRO A 43 6.00 -23.83 30.43
C PRO A 43 5.86 -25.24 31.00
N GLN A 44 5.14 -25.37 32.11
CA GLN A 44 4.82 -26.68 32.64
C GLN A 44 3.87 -27.37 31.69
N GLU A 45 4.04 -28.68 31.50
CA GLU A 45 3.25 -29.43 30.54
C GLU A 45 1.75 -29.36 30.80
N GLU A 46 1.36 -29.21 32.06
CA GLU A 46 -0.06 -29.16 32.44
C GLU A 46 -0.75 -27.91 31.89
N PHE A 47 -0.05 -26.79 31.93
CA PHE A 47 -0.56 -25.55 31.35
C PHE A 47 -0.71 -25.66 29.83
N LEU A 48 0.30 -26.24 29.18
CA LEU A 48 0.24 -26.50 27.75
C LEU A 48 -0.92 -27.40 27.36
N ALA A 49 -1.10 -28.50 28.10
CA ALA A 49 -2.19 -29.44 27.85
C ALA A 49 -3.54 -28.75 27.99
N TYR A 50 -3.68 -27.93 29.01
CA TYR A 50 -4.95 -27.25 29.22
C TYR A 50 -5.26 -26.22 28.13
N VAL A 51 -4.29 -25.37 27.81
CA VAL A 51 -4.58 -24.31 26.84
C VAL A 51 -4.89 -24.96 25.49
N THR A 52 -4.05 -25.91 25.07
CA THR A 52 -4.24 -26.54 23.75
C THR A 52 -5.52 -27.36 23.69
N SER A 53 -5.96 -27.89 24.83
CA SER A 53 -7.20 -28.66 24.86
C SER A 53 -8.40 -27.77 24.55
N LEU A 54 -8.26 -26.49 24.87
CA LEU A 54 -9.34 -25.53 24.61
C LEU A 54 -9.27 -24.96 23.19
N THR A 55 -8.05 -24.67 22.71
CA THR A 55 -7.88 -24.04 21.40
C THR A 55 -8.04 -25.03 20.27
N GLY A 56 -7.95 -26.31 20.59
CA GLY A 56 -8.03 -27.34 19.58
C GLY A 56 -6.71 -27.59 18.89
N THR A 57 -5.62 -27.03 19.45
CA THR A 57 -4.30 -27.23 18.88
C THR A 57 -3.69 -28.53 19.39
N ARG A 58 -3.06 -29.28 18.50
CA ARG A 58 -2.41 -30.53 18.88
C ARG A 58 -1.08 -30.23 19.57
N ARG A 59 -1.04 -30.43 20.88
CA ARG A 59 0.15 -30.20 21.68
C ARG A 59 1.43 -30.83 21.10
N SER A 60 1.31 -32.08 20.65
CA SER A 60 2.45 -32.81 20.11
C SER A 60 3.03 -32.19 18.83
N SER A 61 2.28 -31.30 18.18
CA SER A 61 2.73 -30.62 16.96
C SER A 61 3.54 -29.36 17.25
N LEU A 62 3.46 -28.89 18.50
CA LEU A 62 4.16 -27.69 18.94
C LEU A 62 5.55 -28.01 19.43
N THR A 63 6.48 -27.07 19.21
CA THR A 63 7.77 -27.18 19.86
C THR A 63 8.06 -25.91 20.66
N VAL A 64 8.52 -26.09 21.89
CA VAL A 64 8.93 -24.97 22.73
C VAL A 64 10.43 -24.90 22.79
N VAL A 65 10.98 -23.75 22.43
CA VAL A 65 12.42 -23.54 22.42
C VAL A 65 12.80 -22.44 23.43
N VAL A 66 13.65 -22.81 24.38
CA VAL A 66 14.06 -21.91 25.45
C VAL A 66 15.56 -21.67 25.38
N PRO A 67 15.99 -20.41 25.18
CA PRO A 67 17.42 -20.13 25.19
C PRO A 67 18.04 -20.39 26.55
N PRO A 68 19.35 -20.69 26.61
CA PRO A 68 20.09 -20.64 27.87
C PRO A 68 19.91 -19.27 28.54
N PRO A 69 20.11 -19.19 29.87
CA PRO A 69 19.99 -17.90 30.55
C PRO A 69 21.01 -16.91 29.99
N GLY A 70 20.73 -15.61 30.13
CA GLY A 70 21.62 -14.58 29.64
C GLY A 70 22.12 -13.69 30.77
N ARG A 71 22.64 -12.51 30.40
CA ARG A 71 23.25 -11.57 31.34
C ARG A 71 22.31 -11.12 32.45
N LEU A 72 21.01 -11.25 32.23
CA LEU A 72 20.03 -10.84 33.22
C LEU A 72 19.29 -12.05 33.79
N GLY A 73 19.80 -13.23 33.49
CA GLY A 73 19.15 -14.44 33.95
C GLY A 73 18.26 -15.08 32.89
N ALA A 74 17.15 -15.67 33.30
CA ALA A 74 16.28 -16.40 32.39
C ALA A 74 14.88 -15.80 32.23
N GLY A 75 14.61 -14.71 32.94
CA GLY A 75 13.26 -14.16 33.01
C GLY A 75 12.72 -13.55 31.73
N ALA A 76 13.59 -13.08 30.86
CA ALA A 76 13.17 -12.39 29.65
C ALA A 76 14.10 -12.71 28.48
N LEU A 77 13.57 -12.62 27.27
CA LEU A 77 14.37 -12.84 26.06
C LEU A 77 15.23 -11.64 25.71
N THR A 78 16.36 -11.52 26.40
CA THR A 78 17.31 -10.45 26.10
C THR A 78 18.04 -10.73 24.79
N ALA A 79 18.65 -9.69 24.24
CA ALA A 79 19.27 -9.78 22.92
C ALA A 79 20.37 -10.85 22.91
N ASP A 80 21.15 -10.94 23.98
CA ASP A 80 22.23 -11.91 24.01
C ASP A 80 21.68 -13.34 24.01
N ARG A 81 20.51 -13.54 24.60
CA ARG A 81 19.92 -14.90 24.61
C ARG A 81 19.47 -15.32 23.22
N LEU A 82 18.89 -14.39 22.48
CA LEU A 82 18.35 -14.69 21.16
C LEU A 82 19.46 -14.83 20.10
N ALA A 83 20.65 -14.33 20.42
CA ALA A 83 21.81 -14.45 19.52
C ALA A 83 22.69 -15.68 19.84
N ASP A 84 22.40 -16.35 20.94
CA ASP A 84 23.19 -17.50 21.41
C ASP A 84 23.17 -18.64 20.38
N PRO A 85 24.35 -19.09 19.96
CA PRO A 85 24.38 -20.16 18.96
C PRO A 85 23.75 -21.47 19.47
N ARG A 86 23.82 -21.74 20.77
CA ARG A 86 23.14 -22.91 21.34
C ARG A 86 21.64 -22.82 21.11
N PHE A 87 21.08 -21.64 21.40
CA PHE A 87 19.68 -21.39 21.13
C PHE A 87 19.37 -21.47 19.65
N LEU A 88 20.19 -20.86 18.81
CA LEU A 88 19.93 -20.89 17.36
C LEU A 88 19.96 -22.32 16.81
N ALA A 89 20.86 -23.15 17.34
CA ALA A 89 20.93 -24.55 16.92
C ALA A 89 19.66 -25.28 17.31
N ALA A 90 19.14 -24.97 18.48
CA ALA A 90 17.92 -25.62 18.96
C ALA A 90 16.70 -25.17 18.15
N LEU A 91 16.73 -23.93 17.70
CA LEU A 91 15.59 -23.39 16.98
C LEU A 91 15.53 -24.02 15.58
N ARG A 92 16.69 -24.20 14.96
CA ARG A 92 16.73 -24.80 13.62
C ARG A 92 16.29 -26.28 13.64
N GLU A 93 16.64 -27.02 14.69
CA GLU A 93 16.16 -28.39 14.83
C GLU A 93 14.65 -28.40 15.04
N ALA A 94 14.14 -27.45 15.82
CA ALA A 94 12.69 -27.32 16.01
C ALA A 94 11.98 -27.14 14.67
N PHE A 95 12.57 -26.32 13.80
CA PHE A 95 12.01 -26.08 12.46
C PHE A 95 12.00 -27.36 11.66
N ALA A 96 13.08 -28.14 11.78
CA ALA A 96 13.22 -29.42 11.09
C ALA A 96 13.02 -29.30 9.57
N GLY A 97 13.69 -28.34 8.96
CA GLY A 97 13.57 -28.11 7.53
C GLY A 97 12.31 -27.39 7.05
N ARG A 98 11.37 -27.10 7.96
CA ARG A 98 10.15 -26.40 7.58
C ARG A 98 10.42 -24.91 7.37
N PRO A 99 9.75 -24.31 6.38
CA PRO A 99 9.91 -22.86 6.19
C PRO A 99 9.10 -22.12 7.24
N VAL A 100 9.58 -20.96 7.65
CA VAL A 100 8.83 -20.09 8.55
C VAL A 100 7.83 -19.29 7.71
N HIS A 101 6.55 -19.56 7.96
CA HIS A 101 5.48 -18.97 7.16
C HIS A 101 5.18 -17.56 7.68
N GLU A 102 5.29 -17.39 8.99
CA GLU A 102 4.96 -16.15 9.68
C GLU A 102 5.76 -16.00 10.96
N VAL A 103 6.17 -14.77 11.26
CA VAL A 103 6.78 -14.48 12.55
C VAL A 103 5.80 -13.61 13.34
N PHE A 104 5.44 -14.09 14.52
CA PHE A 104 4.57 -13.34 15.43
C PHE A 104 5.33 -13.10 16.72
N ALA A 105 5.37 -11.84 17.15
CA ALA A 105 6.07 -11.48 18.37
C ALA A 105 5.13 -10.70 19.29
N LEU A 106 5.27 -10.92 20.59
CA LEU A 106 4.46 -10.21 21.57
C LEU A 106 4.78 -8.71 21.59
N TRP A 107 6.04 -8.36 21.34
CA TRP A 107 6.44 -6.94 21.35
C TRP A 107 7.18 -6.59 20.04
N PRO A 108 6.83 -5.45 19.40
CA PRO A 108 7.47 -5.18 18.10
C PRO A 108 8.85 -4.56 18.23
N ASP A 109 9.87 -5.39 18.45
CA ASP A 109 11.22 -4.88 18.71
C ASP A 109 12.21 -5.28 17.64
N ALA A 110 13.29 -4.50 17.54
CA ALA A 110 14.39 -4.82 16.62
C ALA A 110 14.98 -6.21 16.88
N VAL A 111 14.94 -6.71 18.11
CA VAL A 111 15.52 -8.02 18.37
C VAL A 111 14.80 -9.10 17.55
N VAL A 112 13.52 -8.88 17.29
CA VAL A 112 12.75 -9.83 16.53
C VAL A 112 13.20 -9.83 15.07
N ALA A 113 13.52 -8.63 14.59
CA ALA A 113 14.08 -8.50 13.24
C ALA A 113 15.50 -9.09 13.17
N ASP A 114 16.28 -8.91 14.24
CA ASP A 114 17.59 -9.53 14.33
C ASP A 114 17.46 -11.04 14.20
N LEU A 115 16.47 -11.60 14.89
CA LEU A 115 16.25 -13.04 14.86
C LEU A 115 15.86 -13.51 13.48
N ALA A 116 14.92 -12.83 12.86
CA ALA A 116 14.46 -13.17 11.51
C ALA A 116 15.61 -13.10 10.50
N ASP A 117 16.49 -12.12 10.67
CA ASP A 117 17.60 -12.00 9.74
C ASP A 117 18.60 -13.14 9.97
N ALA A 118 18.84 -13.49 11.22
CA ALA A 118 19.75 -14.61 11.52
C ALA A 118 19.23 -15.94 10.96
N LEU A 119 17.91 -16.07 10.89
CA LEU A 119 17.29 -17.31 10.41
C LEU A 119 17.06 -17.29 8.91
N GLY A 120 17.41 -16.18 8.26
CA GLY A 120 17.16 -16.03 6.84
C GLY A 120 15.69 -16.07 6.46
N CYS A 121 14.84 -15.58 7.34
CA CYS A 121 13.42 -15.43 6.99
C CYS A 121 12.83 -14.03 7.29
N PRO A 122 13.52 -12.95 6.88
CA PRO A 122 12.98 -11.61 7.16
C PRO A 122 11.66 -11.35 6.46
N GLU A 123 11.37 -12.11 5.41
CA GLU A 123 10.14 -11.96 4.65
C GLU A 123 8.94 -12.48 5.41
N ALA A 124 9.18 -13.33 6.41
CA ALA A 124 8.08 -13.88 7.21
C ALA A 124 7.67 -12.92 8.32
N LEU A 125 8.46 -11.86 8.49
CA LEU A 125 8.21 -10.86 9.52
C LEU A 125 7.71 -9.59 8.85
N GLU A 126 6.39 -9.35 8.92
CA GLU A 126 5.81 -8.13 8.39
C GLU A 126 6.35 -6.95 9.16
N GLY A 127 6.76 -5.91 8.43
CA GLY A 127 7.33 -4.72 9.05
C GLY A 127 8.77 -4.92 9.43
N HIS A 128 9.41 -5.96 8.89
CA HIS A 128 10.82 -6.24 9.20
C HIS A 128 11.75 -5.01 9.08
N ASP A 129 11.70 -4.32 7.93
CA ASP A 129 12.64 -3.22 7.70
C ASP A 129 12.42 -2.10 8.72
N PHE A 130 11.17 -1.73 8.89
CA PHE A 130 10.75 -0.76 9.93
C PHE A 130 11.33 -1.12 11.30
N LEU A 131 11.25 -2.40 11.69
CA LEU A 131 11.73 -2.84 12.99
C LEU A 131 13.26 -2.78 13.10
N THR A 132 13.97 -3.01 12.00
CA THR A 132 15.43 -2.93 12.03
C THR A 132 15.87 -1.52 12.41
N GLN A 133 15.04 -0.54 12.08
CA GLN A 133 15.33 0.85 12.42
C GLN A 133 14.68 1.25 13.75
N SER A 134 14.24 0.26 14.52
CA SER A 134 13.65 0.49 15.85
C SER A 134 12.38 1.32 15.79
N GLY A 135 11.62 1.17 14.71
CA GLY A 135 10.40 1.94 14.53
C GLY A 135 9.28 1.49 15.44
N GLY A 136 9.34 0.24 15.92
CA GLY A 136 8.32 -0.30 16.81
C GLY A 136 8.17 0.44 18.13
N LEU A 137 9.20 1.18 18.52
CA LEU A 137 9.15 1.98 19.75
C LEU A 137 8.05 3.04 19.67
N ILE A 138 7.69 3.44 18.45
CA ILE A 138 6.59 4.40 18.29
C ILE A 138 5.29 3.89 18.91
N GLY A 139 5.16 2.57 19.02
CA GLY A 139 3.98 1.96 19.61
C GLY A 139 3.88 2.16 21.12
N SER A 140 4.96 2.59 21.74
CA SER A 140 4.99 2.75 23.18
C SER A 140 5.30 4.17 23.60
N SER A 141 5.21 5.10 22.65
CA SER A 141 5.50 6.49 22.91
C SER A 141 4.19 7.30 23.05
N LYS A 142 3.96 7.89 24.23
CA LYS A 142 2.78 8.75 24.40
C LYS A 142 2.94 10.09 23.66
N ALA A 143 4.18 10.56 23.55
CA ALA A 143 4.46 11.73 22.72
C ALA A 143 4.03 11.48 21.27
N ALA A 144 4.44 10.34 20.72
CA ALA A 144 4.04 9.98 19.36
C ALA A 144 2.53 9.87 19.26
N PHE A 145 1.90 9.28 20.28
CA PHE A 145 0.45 9.17 20.30
C PHE A 145 -0.21 10.55 20.22
N ARG A 146 0.26 11.50 21.01
CA ARG A 146 -0.40 12.81 21.06
C ARG A 146 -0.38 13.47 19.67
N ALA A 147 0.77 13.38 19.00
CA ALA A 147 0.91 14.00 17.67
C ALA A 147 0.06 13.28 16.63
N LEU A 148 0.05 11.95 16.67
CA LEU A 148 -0.70 11.16 15.68
C LEU A 148 -2.19 11.35 15.85
N ALA A 149 -2.67 11.25 17.09
CA ALA A 149 -4.09 11.46 17.37
C ALA A 149 -4.51 12.86 16.90
N ALA A 150 -3.77 13.88 17.32
CA ALA A 150 -4.08 15.25 16.93
C ALA A 150 -4.11 15.37 15.42
N GLY A 151 -3.06 14.86 14.77
CA GLY A 151 -2.98 14.88 13.33
C GLY A 151 -4.11 14.15 12.64
N ALA A 152 -4.64 13.11 13.27
CA ALA A 152 -5.68 12.29 12.68
C ALA A 152 -7.09 12.81 13.00
N GLY A 153 -7.18 13.87 13.81
CA GLY A 153 -8.46 14.39 14.25
C GLY A 153 -9.12 13.48 15.26
N VAL A 154 -8.33 12.70 15.98
CA VAL A 154 -8.88 11.84 17.03
C VAL A 154 -9.06 12.67 18.31
N ALA A 155 -10.22 12.58 18.95
CA ALA A 155 -10.50 13.38 20.14
C ALA A 155 -9.52 13.06 21.27
N LEU A 156 -9.03 14.11 21.89
CA LEU A 156 -7.91 14.05 22.81
C LEU A 156 -8.18 15.00 23.97
N PRO A 157 -7.81 14.62 25.21
CA PRO A 157 -7.88 15.64 26.26
C PRO A 157 -6.93 16.79 25.92
N ALA A 158 -7.32 18.00 26.30
CA ALA A 158 -6.48 19.17 26.15
C ALA A 158 -5.11 18.89 26.71
N GLY A 159 -4.06 19.37 26.05
CA GLY A 159 -2.72 19.16 26.55
C GLY A 159 -1.59 19.43 25.57
N ALA A 160 -0.38 19.01 25.94
CA ALA A 160 0.79 19.22 25.08
C ALA A 160 1.91 18.23 25.43
N VAL A 161 3.01 18.30 24.67
CA VAL A 161 4.16 17.44 24.88
C VAL A 161 5.37 18.31 25.20
N CYS A 162 5.92 18.17 26.41
CA CYS A 162 6.93 19.11 26.89
C CYS A 162 8.31 18.50 27.12
N ALA A 163 9.34 19.20 26.65
CA ALA A 163 10.73 18.73 26.76
C ALA A 163 11.47 19.45 27.86
N ASP A 164 10.84 20.45 28.45
CA ASP A 164 11.50 21.34 29.41
C ASP A 164 10.53 21.86 30.45
N ARG A 165 11.04 22.24 31.60
CA ARG A 165 10.18 22.67 32.71
C ARG A 165 9.43 23.95 32.40
N ARG A 166 10.03 24.85 31.62
CA ARG A 166 9.40 26.13 31.31
C ARG A 166 8.09 25.91 30.56
N ARG A 167 8.11 25.11 29.48
CA ARG A 167 6.85 24.81 28.79
C ARG A 167 5.90 23.96 29.63
N ALA A 168 6.44 23.04 30.42
CA ALA A 168 5.58 22.19 31.24
C ALA A 168 4.81 23.03 32.25
N HIS A 169 5.52 23.94 32.90
CA HIS A 169 4.90 24.84 33.86
C HIS A 169 3.76 25.62 33.22
N ARG A 170 4.01 26.15 32.02
CA ARG A 170 3.00 26.95 31.33
C ARG A 170 1.75 26.15 31.00
N HIS A 171 1.94 24.93 30.50
CA HIS A 171 0.80 24.11 30.14
C HIS A 171 0.04 23.55 31.35
N VAL A 172 0.75 23.22 32.42
CA VAL A 172 0.07 22.74 33.62
C VAL A 172 -0.76 23.89 34.22
N THR A 173 -0.18 25.06 34.26
CA THR A 173 -0.84 26.22 34.85
C THR A 173 -2.08 26.65 34.06
N ARG A 174 -2.01 26.62 32.74
CA ARG A 174 -3.17 26.92 31.90
C ARG A 174 -4.35 26.02 32.26
N LEU A 175 -4.09 24.72 32.40
CA LEU A 175 -5.14 23.75 32.70
C LEU A 175 -5.66 23.86 34.14
N LEU A 176 -4.76 23.98 35.12
CA LEU A 176 -5.18 24.15 36.51
C LEU A 176 -6.05 25.39 36.69
N ASP A 177 -5.72 26.48 36.00
CA ASP A 177 -6.50 27.73 36.13
C ASP A 177 -7.90 27.62 35.52
N GLU A 178 -8.09 26.64 34.65
CA GLU A 178 -9.42 26.35 34.09
C GLU A 178 -10.25 25.50 35.07
N GLY A 179 -9.68 25.19 36.22
CA GLY A 179 -10.37 24.38 37.23
C GLY A 179 -10.21 22.89 37.08
N SER A 180 -9.29 22.48 36.21
CA SER A 180 -9.08 21.06 35.94
C SER A 180 -7.85 20.53 36.62
N PRO A 181 -7.90 19.29 37.09
CA PRO A 181 -6.64 18.66 37.47
C PRO A 181 -5.90 18.25 36.20
N VAL A 182 -4.63 17.91 36.34
CA VAL A 182 -3.76 17.61 35.20
C VAL A 182 -3.07 16.29 35.48
N ILE A 183 -2.82 15.50 34.43
CA ILE A 183 -1.98 14.32 34.59
C ILE A 183 -0.71 14.45 33.76
N LEU A 184 0.44 14.17 34.39
CA LEU A 184 1.71 14.15 33.69
C LEU A 184 2.08 12.71 33.39
N LYS A 185 2.66 12.47 32.21
CA LYS A 185 2.90 11.09 31.78
C LYS A 185 4.28 10.95 31.14
N GLN A 186 5.07 10.01 31.64
CA GLN A 186 6.32 9.63 31.00
C GLN A 186 6.05 9.16 29.57
N ASP A 187 6.81 9.71 28.62
CA ASP A 187 6.65 9.39 27.21
C ASP A 187 6.58 7.87 27.01
N TYR A 188 7.55 7.16 27.58
CA TYR A 188 7.64 5.71 27.43
C TYR A 188 7.25 4.93 28.68
N GLY A 189 6.48 5.55 29.58
CA GLY A 189 6.05 4.84 30.77
C GLY A 189 5.15 3.66 30.42
N SER A 190 5.12 2.64 31.28
CA SER A 190 4.18 1.54 31.13
C SER A 190 3.17 1.57 32.27
N GLY A 191 1.90 1.77 31.94
CA GLY A 191 0.87 1.82 32.95
C GLY A 191 0.92 3.04 33.85
N SER A 192 0.11 3.02 34.90
CA SER A 192 -0.08 4.17 35.77
C SER A 192 1.20 4.51 36.54
N ASP A 193 2.12 3.56 36.61
CA ASP A 193 3.43 3.76 37.24
C ASP A 193 4.19 4.94 36.65
N GLY A 194 3.92 5.27 35.39
CA GLY A 194 4.63 6.35 34.74
C GLY A 194 3.94 7.71 34.80
N ASN A 195 2.86 7.82 35.58
CA ASN A 195 2.06 9.05 35.59
C ASN A 195 1.86 9.65 36.99
N GLU A 196 1.66 10.96 37.05
CA GLU A 196 1.27 11.62 38.29
C GLU A 196 0.17 12.64 38.05
N ILE A 197 -0.79 12.71 38.97
CA ILE A 197 -1.86 13.69 38.85
C ILE A 197 -1.54 14.93 39.68
N LEU A 198 -1.72 16.11 39.10
CA LEU A 198 -1.51 17.35 39.84
C LEU A 198 -2.86 18.02 39.98
N SER A 199 -3.15 18.55 41.17
CA SER A 199 -4.46 19.13 41.40
C SER A 199 -4.36 20.36 42.30
N ARG A 200 -5.25 21.32 42.08
CA ARG A 200 -5.41 22.41 43.04
C ARG A 200 -6.29 21.95 44.20
N THR A 201 -6.92 20.80 44.06
CA THR A 201 -7.88 20.34 45.08
C THR A 201 -7.51 18.96 45.62
N PRO A 202 -7.67 18.75 46.94
CA PRO A 202 -7.26 17.47 47.51
C PRO A 202 -8.32 16.37 47.41
N GLY A 203 -7.90 15.13 47.63
CA GLY A 203 -8.84 14.03 47.81
C GLY A 203 -9.37 13.34 46.57
N LEU A 204 -8.74 13.55 45.42
CA LEU A 204 -9.09 12.81 44.19
C LEU A 204 -8.62 11.37 44.25
N ALA A 205 -9.41 10.45 43.71
CA ALA A 205 -9.00 9.05 43.63
C ALA A 205 -7.83 8.87 42.66
N LEU A 206 -6.89 8.00 43.01
CA LEU A 206 -5.72 7.78 42.17
C LEU A 206 -6.02 6.77 41.10
N ARG A 207 -6.72 7.18 40.06
CA ARG A 207 -7.02 6.25 38.99
C ARG A 207 -6.18 6.62 37.76
N GLY A 208 -5.28 5.71 37.38
CA GLY A 208 -4.43 5.90 36.21
C GLY A 208 -3.08 6.56 36.50
N ALA A 209 -2.70 6.63 37.77
CA ALA A 209 -1.48 7.31 38.17
C ALA A 209 -0.98 6.82 39.52
N ARG A 210 0.31 6.98 39.78
CA ARG A 210 0.91 6.41 40.99
C ARG A 210 0.85 7.38 42.18
N ALA A 211 0.48 8.64 41.93
CA ALA A 211 0.44 9.62 43.01
C ALA A 211 -0.33 10.88 42.63
N LEU A 212 -0.88 11.53 43.64
CA LEU A 212 -1.55 12.82 43.50
C LEU A 212 -0.73 13.88 44.20
N ARG A 213 -0.46 14.99 43.49
CA ARG A 213 0.29 16.11 44.05
C ARG A 213 -0.64 17.30 44.11
N VAL A 214 -0.82 17.85 45.31
CA VAL A 214 -1.70 18.98 45.46
C VAL A 214 -0.84 20.24 45.49
N LEU A 215 -1.03 21.09 44.49
CA LEU A 215 -0.16 22.24 44.30
C LEU A 215 -0.99 23.51 44.34
N ALA A 216 -0.70 24.36 45.32
CA ALA A 216 -1.54 25.51 45.61
C ALA A 216 -1.42 26.61 44.56
N ASP A 217 -0.18 26.90 44.16
CA ASP A 217 0.06 28.05 43.29
C ASP A 217 1.28 27.83 42.39
N SER A 218 1.69 28.88 41.69
CA SER A 218 2.82 28.82 40.77
C SER A 218 4.11 28.39 41.45
N ALA A 219 4.33 28.91 42.65
CA ALA A 219 5.54 28.58 43.39
C ALA A 219 5.54 27.11 43.87
N ALA A 220 4.36 26.56 44.14
CA ALA A 220 4.27 25.14 44.50
C ALA A 220 4.62 24.28 43.29
N LEU A 221 4.20 24.73 42.12
CA LEU A 221 4.45 24.01 40.89
C LEU A 221 5.93 24.05 40.53
N ASP A 222 6.54 25.23 40.69
CA ASP A 222 7.98 25.41 40.54
C ASP A 222 8.73 24.37 41.36
N ALA A 223 8.33 24.25 42.62
CA ALA A 223 8.96 23.32 43.55
C ALA A 223 8.75 21.87 43.12
N TYR A 224 7.54 21.55 42.69
CA TYR A 224 7.24 20.20 42.23
C TYR A 224 8.11 19.84 41.01
N LEU A 225 8.12 20.70 40.00
CA LEU A 225 8.86 20.42 38.78
C LEU A 225 10.35 20.31 39.05
N ASP A 226 10.88 21.16 39.92
CA ASP A 226 12.30 21.10 40.24
C ASP A 226 12.63 19.79 40.94
N GLU A 227 11.71 19.31 41.77
CA GLU A 227 11.87 18.03 42.45
C GLU A 227 11.70 16.80 41.54
N ARG A 228 10.66 16.79 40.71
CA ARG A 228 10.26 15.56 40.01
C ARG A 228 10.67 15.47 38.54
N TRP A 229 11.32 16.50 38.00
CA TRP A 229 11.59 16.54 36.56
C TRP A 229 12.55 15.45 36.13
N ASP A 230 13.54 15.15 36.96
CA ASP A 230 14.48 14.09 36.63
C ASP A 230 13.74 12.75 36.47
N TRP A 231 12.81 12.47 37.39
CA TRP A 231 12.04 11.24 37.32
C TRP A 231 11.06 11.24 36.13
N LEU A 232 10.36 12.35 35.96
CA LEU A 232 9.40 12.50 34.87
C LEU A 232 10.03 12.29 33.48
N THR A 233 11.27 12.75 33.33
CA THR A 233 11.99 12.68 32.06
C THR A 233 12.92 11.46 31.97
N GLU A 234 12.85 10.57 32.96
CA GLU A 234 13.77 9.43 33.08
C GLU A 234 15.23 9.87 32.95
N GLY A 235 15.60 10.88 33.73
CA GLY A 235 16.97 11.35 33.74
C GLY A 235 17.32 12.26 32.58
N GLY A 236 16.33 12.98 32.07
CA GLY A 236 16.56 13.96 31.02
C GLY A 236 16.51 13.36 29.64
N ARG A 237 16.14 12.09 29.56
CA ARG A 237 16.17 11.34 28.31
C ARG A 237 14.96 11.58 27.42
N HIS A 238 13.79 11.73 28.04
CA HIS A 238 12.51 11.74 27.32
C HIS A 238 11.60 12.92 27.69
N ARG A 239 10.62 13.17 26.82
CA ARG A 239 9.67 14.23 27.05
C ARG A 239 8.55 13.79 28.00
N VAL A 240 7.74 14.78 28.39
CA VAL A 240 6.67 14.58 29.35
C VAL A 240 5.36 15.04 28.73
N VAL A 241 4.35 14.17 28.69
CA VAL A 241 3.03 14.57 28.23
C VAL A 241 2.26 15.28 29.36
N VAL A 242 1.66 16.42 29.02
CA VAL A 242 0.82 17.17 29.97
C VAL A 242 -0.58 17.16 29.42
N GLU A 243 -1.55 16.60 30.13
CA GLU A 243 -2.90 16.68 29.62
C GLU A 243 -3.94 16.82 30.74
N ARG A 244 -5.14 17.23 30.34
CA ARG A 244 -6.21 17.46 31.30
C ARG A 244 -6.66 16.12 31.85
N TYR A 245 -6.86 16.06 33.16
CA TYR A 245 -7.33 14.84 33.82
C TYR A 245 -8.82 14.93 34.10
N HIS A 246 -9.55 13.86 33.82
CA HIS A 246 -10.99 13.83 34.00
C HIS A 246 -11.41 12.82 35.10
N PRO A 247 -11.54 13.30 36.34
CA PRO A 247 -11.89 12.43 37.47
C PRO A 247 -13.19 11.67 37.23
N GLY A 248 -13.23 10.41 37.65
CA GLY A 248 -14.44 9.62 37.56
C GLY A 248 -14.76 9.03 36.19
N SER A 249 -13.83 9.15 35.25
CA SER A 249 -14.04 8.56 33.92
C SER A 249 -13.90 7.04 33.99
N ARG A 250 -14.58 6.35 33.09
CA ARG A 250 -14.31 4.94 32.87
C ARG A 250 -13.34 4.79 31.71
N ALA A 251 -12.60 3.69 31.67
CA ALA A 251 -11.55 3.50 30.69
C ALA A 251 -11.88 2.35 29.74
N TYR A 252 -11.65 2.58 28.46
CA TYR A 252 -12.02 1.63 27.43
C TYR A 252 -10.85 1.45 26.46
N PHE A 253 -10.93 0.41 25.65
CA PHE A 253 -9.93 0.20 24.62
C PHE A 253 -10.59 -0.39 23.40
N ALA A 254 -9.99 -0.14 22.25
CA ALA A 254 -10.31 -0.84 21.02
C ALA A 254 -8.96 -1.22 20.43
N GLU A 255 -8.79 -2.50 20.18
CA GLU A 255 -7.51 -3.04 19.76
C GLU A 255 -7.59 -3.52 18.33
N PHE A 256 -6.56 -3.23 17.55
CA PHE A 256 -6.57 -3.58 16.13
C PHE A 256 -5.37 -4.41 15.74
N TRP A 257 -5.48 -5.11 14.62
CA TRP A 257 -4.35 -5.83 14.06
C TRP A 257 -3.90 -5.12 12.78
N ILE A 258 -2.64 -4.69 12.77
CA ILE A 258 -2.13 -3.91 11.67
C ILE A 258 -1.16 -4.78 10.88
N SER A 259 -1.50 -5.03 9.63
CA SER A 259 -0.70 -5.90 8.77
C SER A 259 -0.41 -5.15 7.47
N ASP A 260 0.34 -5.78 6.56
CA ASP A 260 0.66 -5.11 5.30
C ASP A 260 -0.61 -4.72 4.58
N GLY A 261 -1.62 -5.59 4.67
CA GLY A 261 -2.89 -5.39 3.98
C GLY A 261 -3.74 -4.24 4.51
N GLY A 262 -3.59 -3.92 5.79
CA GLY A 262 -4.33 -2.81 6.37
C GLY A 262 -4.60 -3.00 7.85
N VAL A 263 -5.74 -2.44 8.29
CA VAL A 263 -6.13 -2.40 9.69
C VAL A 263 -7.38 -3.24 9.90
N ARG A 264 -7.34 -4.10 10.91
CA ARG A 264 -8.45 -4.99 11.24
C ARG A 264 -8.81 -4.85 12.72
N LEU A 265 -10.10 -4.62 13.02
CA LEU A 265 -10.55 -4.54 14.40
C LEU A 265 -10.43 -5.90 15.07
N GLY A 266 -9.73 -5.96 16.19
CA GLY A 266 -9.65 -7.18 16.97
C GLY A 266 -10.79 -7.27 17.98
N GLY A 267 -10.87 -6.31 18.89
CA GLY A 267 -11.94 -6.30 19.86
C GLY A 267 -11.95 -5.03 20.69
N HIS A 268 -12.93 -4.90 21.58
CA HIS A 268 -13.00 -3.75 22.47
C HIS A 268 -13.47 -4.18 23.84
N GLY A 269 -13.20 -3.35 24.84
CA GLY A 269 -13.58 -3.71 26.18
C GLY A 269 -13.40 -2.56 27.15
N GLU A 270 -13.63 -2.84 28.43
CA GLU A 270 -13.45 -1.83 29.49
C GLU A 270 -12.42 -2.30 30.50
N ARG A 272 -11.31 -1.86 34.18
CA ARG A 272 -11.94 -1.34 35.41
C ARG A 272 -10.94 -0.92 36.49
N TYR A 273 -10.80 0.40 36.67
CA TYR A 273 -9.94 0.97 37.70
C TYR A 273 -10.73 1.13 39.01
N ARG A 274 -10.59 0.17 39.92
CA ARG A 274 -11.43 0.17 41.13
C ARG A 274 -10.71 0.22 42.48
N PRO A 275 -9.74 1.12 42.69
CA PRO A 275 -9.14 2.15 41.82
C PRO A 275 -7.90 1.65 41.06
N LEU A 276 -7.55 0.39 41.25
CA LEU A 276 -6.50 -0.22 40.44
C LEU A 276 -7.15 -0.98 39.29
N PRO A 277 -6.51 -0.95 38.10
CA PRO A 277 -7.04 -1.70 36.96
C PRO A 277 -6.84 -3.20 37.11
N ASP A 278 -7.58 -3.85 38.00
CA ASP A 278 -7.34 -5.27 38.26
C ASP A 278 -8.35 -6.20 37.60
N SER A 279 -9.18 -5.67 36.69
CA SER A 279 -10.08 -6.53 35.93
C SER A 279 -10.52 -5.84 34.65
N GLN A 280 -10.99 -6.61 33.68
CA GLN A 280 -11.49 -6.07 32.44
C GLN A 280 -12.63 -6.88 31.90
N VAL A 281 -13.49 -6.28 31.12
CA VAL A 281 -14.65 -6.97 30.57
C VAL A 281 -14.73 -6.74 29.07
N PRO A 283 -17.06 -7.87 25.49
CA PRO A 283 -16.74 -6.57 24.89
C PRO A 283 -17.19 -5.39 25.76
N ALA A 284 -16.98 -4.18 25.25
CA ALA A 284 -17.24 -2.94 26.00
C ALA A 284 -18.71 -2.82 26.42
N PRO A 285 -18.95 -2.80 27.74
CA PRO A 285 -20.29 -2.61 28.29
C PRO A 285 -20.66 -1.14 28.54
N ASP A 286 -21.96 -0.86 28.54
CA ASP A 286 -22.51 0.41 28.99
C ASP A 286 -22.14 1.62 28.12
N LEU A 287 -21.70 1.36 26.89
CA LEU A 287 -21.55 2.42 25.90
C LEU A 287 -22.82 2.48 25.05
N ASP A 288 -23.28 3.69 24.72
CA ASP A 288 -24.36 3.77 23.72
C ASP A 288 -23.74 3.79 22.33
N GLN A 289 -24.59 3.85 21.32
CA GLN A 289 -24.15 3.56 19.96
C GLN A 289 -23.12 4.58 19.47
N ALA A 290 -23.37 5.85 19.73
CA ALA A 290 -22.46 6.90 19.30
C ALA A 290 -21.10 6.74 19.98
N GLN A 291 -21.11 6.36 21.26
CA GLN A 291 -19.86 6.24 21.98
C GLN A 291 -19.04 5.05 21.49
N LEU A 292 -19.70 3.92 21.19
CA LEU A 292 -18.98 2.76 20.69
C LEU A 292 -18.48 3.02 19.28
N ASP A 293 -19.26 3.75 18.50
CA ASP A 293 -18.82 4.11 17.16
C ASP A 293 -17.60 5.02 17.22
N ASP A 294 -17.57 5.91 18.20
CA ASP A 294 -16.45 6.85 18.32
C ASP A 294 -15.18 6.17 18.83
N LEU A 295 -15.34 5.20 19.73
CA LEU A 295 -14.20 4.46 20.27
C LEU A 295 -13.51 3.69 19.15
N VAL A 296 -14.31 2.96 18.39
CA VAL A 296 -13.79 2.16 17.29
C VAL A 296 -13.28 3.01 16.13
N GLU A 297 -14.05 4.02 15.73
CA GLU A 297 -13.61 4.87 14.63
C GLU A 297 -12.34 5.62 15.00
N GLY A 298 -12.29 6.12 16.23
CA GLY A 298 -11.12 6.84 16.70
C GLY A 298 -9.88 5.97 16.64
N GLY A 299 -9.97 4.80 17.27
CA GLY A 299 -8.90 3.83 17.24
C GLY A 299 -8.48 3.47 15.82
N ARG A 300 -9.45 3.29 14.93
CA ARG A 300 -9.16 2.93 13.54
C ARG A 300 -8.37 4.03 12.82
N ARG A 301 -8.76 5.27 13.05
CA ARG A 301 -8.07 6.41 12.41
C ARG A 301 -6.61 6.47 12.85
N LEU A 302 -6.39 6.20 14.12
CA LEU A 302 -5.06 6.16 14.70
C LEU A 302 -4.22 5.06 14.05
N CYS A 303 -4.80 3.86 13.96
CA CYS A 303 -4.13 2.74 13.32
C CYS A 303 -3.87 2.93 11.82
N VAL A 304 -4.76 3.64 11.13
CA VAL A 304 -4.54 3.89 9.71
C VAL A 304 -3.30 4.76 9.54
N ALA A 305 -3.12 5.72 10.44
CA ALA A 305 -1.91 6.54 10.46
C ALA A 305 -0.66 5.70 10.80
N LEU A 306 -0.76 4.86 11.82
CA LEU A 306 0.38 4.02 12.21
C LEU A 306 0.74 3.05 11.09
N HIS A 307 -0.28 2.50 10.44
CA HIS A 307 -0.06 1.63 9.30
C HIS A 307 0.72 2.33 8.18
N ALA A 308 0.30 3.56 7.87
CA ALA A 308 0.89 4.33 6.76
C ALA A 308 2.33 4.67 7.03
N LEU A 309 2.72 4.85 8.27
CA LEU A 309 4.12 5.14 8.54
C LEU A 309 4.95 3.87 8.69
N GLY A 310 4.30 2.70 8.70
CA GLY A 310 5.04 1.45 8.63
C GLY A 310 4.89 0.47 9.81
N TYR A 311 4.15 0.88 10.84
CA TYR A 311 3.99 0.01 12.00
C TYR A 311 3.27 -1.26 11.61
N ARG A 312 3.68 -2.40 12.17
CA ARG A 312 3.00 -3.67 11.92
C ARG A 312 2.87 -4.45 13.24
N GLY A 313 1.69 -4.99 13.51
CA GLY A 313 1.47 -5.77 14.71
C GLY A 313 0.16 -5.39 15.40
N VAL A 314 0.05 -5.72 16.68
CA VAL A 314 -1.15 -5.42 17.46
C VAL A 314 -1.10 -3.98 17.99
N LEU A 315 -2.25 -3.31 18.02
CA LEU A 315 -2.27 -1.95 18.52
C LEU A 315 -3.53 -1.71 19.34
N SER A 316 -3.33 -1.38 20.61
CA SER A 316 -4.44 -1.10 21.50
C SER A 316 -4.57 0.40 21.66
N ALA A 317 -5.74 0.92 21.31
CA ALA A 317 -6.03 2.33 21.48
C ALA A 317 -6.88 2.51 22.73
N ASP A 318 -6.34 3.26 23.70
CA ASP A 318 -6.96 3.42 25.01
C ASP A 318 -7.69 4.75 25.08
N ALA A 319 -8.87 4.73 25.70
CA ALA A 319 -9.69 5.94 25.80
C ALA A 319 -10.38 6.03 27.15
N VAL A 320 -10.89 7.22 27.46
CA VAL A 320 -11.81 7.37 28.57
C VAL A 320 -13.14 7.89 28.08
N VAL A 321 -14.19 7.49 28.77
CA VAL A 321 -15.49 8.11 28.64
C VAL A 321 -15.63 8.99 29.89
N THR A 322 -15.74 10.29 29.69
CA THR A 322 -15.82 11.22 30.82
C THR A 322 -17.20 11.12 31.45
N PRO A 323 -17.35 11.64 32.68
CA PRO A 323 -18.70 11.62 33.25
C PRO A 323 -19.76 12.27 32.35
N ALA A 324 -19.39 13.30 31.59
CA ALA A 324 -20.31 13.92 30.65
C ALA A 324 -20.59 13.04 29.43
N GLY A 325 -19.83 11.95 29.29
CA GLY A 325 -20.07 11.00 28.22
C GLY A 325 -19.21 11.18 26.97
N GLU A 326 -18.15 11.98 27.05
CA GLU A 326 -17.26 12.21 25.91
C GLU A 326 -16.18 11.11 25.81
N VAL A 327 -15.95 10.59 24.61
CA VAL A 327 -14.87 9.63 24.40
C VAL A 327 -13.57 10.36 24.04
N LEU A 328 -12.55 10.24 24.89
CA LEU A 328 -11.27 10.90 24.65
C LEU A 328 -10.15 9.85 24.69
N PHE A 329 -9.26 9.87 23.71
CA PHE A 329 -8.22 8.85 23.66
C PHE A 329 -7.01 9.31 24.46
N THR A 330 -6.39 8.38 25.19
CA THR A 330 -5.38 8.77 26.14
C THR A 330 -4.00 8.22 25.81
N GLU A 331 -3.96 7.11 25.06
CA GLU A 331 -2.69 6.57 24.61
C GLU A 331 -2.88 5.39 23.67
N HIS A 332 -1.79 4.97 23.02
CA HIS A 332 -1.85 3.69 22.32
C HIS A 332 -0.78 2.73 22.84
N ASN A 333 -0.99 1.44 22.58
CA ASN A 333 -0.11 0.41 23.07
C ASN A 333 0.21 -0.59 21.97
N GLY A 334 1.39 -0.43 21.37
CA GLY A 334 1.81 -1.27 20.25
C GLY A 334 2.48 -2.53 20.75
N ARG A 335 1.69 -3.57 21.00
CA ARG A 335 2.18 -4.85 21.53
C ARG A 335 0.97 -5.76 21.77
N ALA A 336 1.21 -7.06 21.87
CA ALA A 336 0.17 -7.97 22.34
C ALA A 336 -0.08 -7.64 23.81
N THR A 337 -1.28 -7.16 24.10
CA THR A 337 -1.59 -6.69 25.47
C THR A 337 -2.18 -7.77 26.39
N GLY A 338 -2.60 -7.35 27.58
CA GLY A 338 -3.24 -8.28 28.50
C GLY A 338 -4.60 -8.70 27.99
N SER A 339 -5.13 -7.92 27.03
CA SER A 339 -6.43 -8.20 26.43
C SER A 339 -6.39 -9.06 25.17
N THR A 340 -5.29 -9.03 24.44
CA THR A 340 -5.23 -9.55 23.08
C THR A 340 -5.67 -11.01 22.94
N HIS A 341 -5.07 -11.90 23.73
CA HIS A 341 -5.36 -13.31 23.61
C HIS A 341 -6.77 -13.61 24.14
N ILE A 342 -7.27 -12.76 25.03
CA ILE A 342 -8.58 -13.01 25.62
C ILE A 342 -9.72 -12.86 24.61
N TYR A 343 -9.81 -11.74 23.87
CA TYR A 343 -10.87 -11.63 22.85
C TYR A 343 -10.56 -12.44 21.61
N GLU A 344 -9.29 -12.50 21.21
CA GLU A 344 -8.96 -13.10 19.92
C GLU A 344 -9.03 -14.62 19.98
N ILE A 345 -8.62 -15.20 21.09
CA ILE A 345 -8.58 -16.65 21.19
C ILE A 345 -9.67 -17.19 22.10
N VAL A 346 -9.67 -16.77 23.37
CA VAL A 346 -10.66 -17.28 24.31
C VAL A 346 -12.04 -16.87 23.84
N GLY A 347 -12.19 -15.61 23.45
CA GLY A 347 -13.48 -15.14 22.97
C GLY A 347 -13.92 -15.73 21.64
N LYS A 348 -13.17 -15.45 20.58
CA LYS A 348 -13.61 -15.77 19.23
C LYS A 348 -13.46 -17.25 18.89
N ARG A 349 -12.42 -17.89 19.41
CA ARG A 349 -12.16 -19.29 19.03
C ARG A 349 -12.71 -20.30 20.06
N VAL A 350 -12.41 -20.11 21.34
CA VAL A 350 -12.92 -21.06 22.33
C VAL A 350 -14.44 -20.94 22.51
N VAL A 351 -14.91 -19.76 22.92
CA VAL A 351 -16.34 -19.57 23.17
C VAL A 351 -17.14 -19.60 21.88
N GLY A 352 -16.69 -18.85 20.88
CA GLY A 352 -17.30 -18.93 19.56
C GLY A 352 -18.14 -17.72 19.20
N PRO A 353 -18.96 -17.87 18.16
CA PRO A 353 -19.72 -16.77 17.55
C PRO A 353 -20.65 -16.08 18.56
N GLY A 354 -20.97 -16.75 19.65
CA GLY A 354 -21.81 -16.18 20.68
C GLY A 354 -21.08 -15.19 21.58
N PHE A 355 -19.75 -15.20 21.55
CA PHE A 355 -18.99 -14.17 22.25
C PHE A 355 -19.31 -12.85 21.56
N GLY A 356 -19.81 -11.89 22.32
CA GLY A 356 -20.26 -10.62 21.77
C GLY A 356 -21.76 -10.59 21.58
N THR A 357 -22.41 -11.75 21.70
CA THR A 357 -23.87 -11.84 21.53
C THR A 357 -24.53 -12.50 22.73
N ASP A 358 -23.96 -13.63 23.12
CA ASP A 358 -24.56 -14.50 24.11
C ASP A 358 -23.74 -14.46 25.40
N ARG A 359 -22.44 -14.21 25.22
CA ARG A 359 -21.51 -14.32 26.33
C ARG A 359 -20.62 -13.10 26.43
N ILE A 360 -20.17 -12.81 27.64
CA ILE A 360 -19.13 -11.81 27.82
C ILE A 360 -17.95 -12.46 28.52
N LEU A 361 -16.83 -11.73 28.56
CA LEU A 361 -15.63 -12.20 29.23
C LEU A 361 -15.24 -11.23 30.34
N LEU A 362 -14.92 -11.78 31.52
CA LEU A 362 -14.42 -10.98 32.63
C LEU A 362 -13.08 -11.51 33.17
N GLU A 363 -12.01 -10.80 32.93
CA GLU A 363 -10.73 -11.17 33.44
C GLU A 363 -10.51 -10.50 34.77
N ARG A 364 -9.87 -11.21 35.69
CA ARG A 364 -9.48 -10.63 36.95
C ARG A 364 -8.05 -11.05 37.26
N VAL A 365 -7.21 -10.09 37.61
CA VAL A 365 -5.90 -10.45 38.12
C VAL A 365 -6.14 -11.19 39.42
N TRP A 366 -5.44 -12.31 39.60
CA TRP A 366 -5.56 -13.16 40.78
C TRP A 366 -5.61 -12.35 42.07
N PRO A 367 -6.76 -12.37 42.76
CA PRO A 367 -7.01 -11.50 43.92
C PRO A 367 -6.05 -11.71 45.09
N GLU A 368 -5.83 -10.63 45.84
CA GLU A 368 -5.14 -10.70 47.12
C GLU A 368 -5.80 -11.75 48.01
N GLY A 369 -4.99 -12.63 48.58
CA GLY A 369 -5.52 -13.64 49.49
C GLY A 369 -5.88 -14.96 48.84
N TRP A 370 -6.09 -14.96 47.52
CA TRP A 370 -6.37 -16.21 46.84
C TRP A 370 -5.11 -17.06 46.77
N GLU A 371 -5.28 -18.37 46.90
CA GLU A 371 -4.15 -19.27 46.99
C GLU A 371 -4.48 -20.65 46.42
N ALA A 372 -3.56 -21.12 45.57
CA ALA A 372 -3.62 -22.46 44.99
C ALA A 372 -2.20 -23.00 44.99
N PRO A 373 -2.05 -24.32 45.21
CA PRO A 373 -0.70 -24.86 45.43
C PRO A 373 0.07 -25.02 44.12
N SER A 374 -0.68 -25.10 43.02
CA SER A 374 -0.10 -25.41 41.74
C SER A 374 -1.14 -25.19 40.65
N PHE A 375 -0.71 -25.30 39.40
CA PHE A 375 -1.64 -25.22 38.29
C PHE A 375 -2.65 -26.37 38.38
N ALA A 376 -2.15 -27.60 38.38
CA ALA A 376 -3.00 -28.78 38.47
C ALA A 376 -3.97 -28.71 39.66
N GLY A 377 -3.51 -28.12 40.76
CA GLY A 377 -4.34 -27.93 41.94
C GLY A 377 -5.48 -26.95 41.72
N ALA A 378 -5.23 -25.92 40.91
CA ALA A 378 -6.27 -24.95 40.59
C ALA A 378 -7.30 -25.57 39.64
N LEU A 379 -6.80 -26.35 38.69
CA LEU A 379 -7.63 -26.98 37.68
C LEU A 379 -8.55 -28.04 38.30
N THR A 380 -7.99 -28.82 39.21
CA THR A 380 -8.74 -29.87 39.91
C THR A 380 -9.95 -29.31 40.67
N ARG A 381 -9.71 -28.29 41.48
CA ARG A 381 -10.78 -27.69 42.29
C ARG A 381 -11.89 -27.10 41.44
N LEU A 382 -11.52 -26.46 40.33
CA LEU A 382 -12.49 -25.88 39.40
C LEU A 382 -13.27 -27.00 38.72
N ARG A 383 -12.53 -28.02 38.29
CA ARG A 383 -13.10 -29.23 37.72
C ARG A 383 -14.15 -29.82 38.68
N ASP A 384 -13.73 -30.06 39.91
CA ASP A 384 -14.57 -30.78 40.89
C ASP A 384 -15.75 -29.96 41.38
N SER A 385 -15.61 -28.64 41.41
CA SER A 385 -16.68 -27.79 41.91
C SER A 385 -17.69 -27.48 40.81
N GLY A 386 -17.35 -27.84 39.57
CA GLY A 386 -18.22 -27.59 38.43
C GLY A 386 -18.17 -26.16 37.89
N HIS A 387 -17.23 -25.36 38.39
CA HIS A 387 -17.10 -23.95 38.01
C HIS A 387 -16.12 -23.72 36.86
N LEU A 388 -15.40 -24.78 36.50
CA LEU A 388 -14.46 -24.75 35.39
C LEU A 388 -15.23 -24.50 34.10
N TYR A 389 -14.66 -23.68 33.22
CA TYR A 389 -15.32 -23.38 31.96
C TYR A 389 -15.62 -24.66 31.20
N ASP A 390 -16.83 -24.71 30.63
CA ASP A 390 -17.34 -25.92 30.03
C ASP A 390 -17.78 -25.67 28.59
N PRO A 391 -17.06 -26.27 27.64
CA PRO A 391 -17.31 -26.07 26.20
C PRO A 391 -18.75 -26.41 25.77
N GLU A 392 -19.48 -27.21 26.56
CA GLU A 392 -20.84 -27.56 26.18
C GLU A 392 -21.88 -26.53 26.64
N THR A 393 -21.68 -25.94 27.81
CA THR A 393 -22.57 -24.89 28.28
C THR A 393 -22.04 -23.48 27.92
N ARG A 394 -20.78 -23.41 27.53
CA ARG A 394 -20.08 -22.14 27.29
C ARG A 394 -20.15 -21.23 28.52
N ARG A 395 -19.94 -21.84 29.69
CA ARG A 395 -19.99 -21.11 30.96
C ARG A 395 -18.84 -21.52 31.86
N GLY A 396 -18.41 -20.61 32.72
CA GLY A 396 -17.42 -20.97 33.72
C GLY A 396 -16.09 -20.25 33.60
N ALA A 397 -15.13 -20.66 34.43
CA ALA A 397 -13.84 -19.99 34.52
C ALA A 397 -12.80 -20.64 33.62
N VAL A 398 -12.19 -19.84 32.74
CA VAL A 398 -11.06 -20.31 31.94
C VAL A 398 -9.75 -19.93 32.63
N ILE A 399 -8.83 -20.89 32.73
CA ILE A 399 -7.54 -20.58 33.30
C ILE A 399 -6.64 -19.92 32.23
N LEU A 400 -6.39 -18.62 32.38
CA LEU A 400 -5.62 -17.87 31.39
C LEU A 400 -4.12 -18.03 31.46
N ALA A 401 -3.59 -18.18 32.67
CA ALA A 401 -2.15 -18.08 32.84
C ALA A 401 -1.57 -19.33 33.49
N ALA A 402 -0.25 -19.42 33.39
CA ALA A 402 0.50 -20.47 34.06
C ALA A 402 0.52 -20.22 35.57
N TYR A 403 1.00 -21.20 36.33
CA TYR A 403 1.10 -21.04 37.76
C TYR A 403 2.14 -19.99 38.09
N ASN A 404 1.71 -19.01 38.87
CA ASN A 404 2.56 -17.93 39.33
C ASN A 404 3.03 -18.24 40.75
N THR A 405 4.30 -18.63 40.89
CA THR A 405 4.82 -19.03 42.20
C THR A 405 4.80 -17.86 43.18
N HIS A 406 5.29 -16.70 42.76
CA HIS A 406 5.35 -15.52 43.62
C HIS A 406 3.97 -15.06 44.09
N ARG A 407 2.93 -15.42 43.35
CA ARG A 407 1.58 -15.05 43.76
C ARG A 407 0.80 -16.25 44.27
N LYS A 408 1.36 -17.44 44.04
CA LYS A 408 0.68 -18.69 44.35
C LYS A 408 -0.71 -18.65 43.75
N GLY A 409 -0.77 -18.33 42.46
CA GLY A 409 -2.02 -18.30 41.73
C GLY A 409 -1.91 -18.53 40.23
N VAL A 410 -3.06 -18.49 39.57
CA VAL A 410 -3.10 -18.44 38.12
C VAL A 410 -3.77 -17.12 37.73
N LEU A 412 -7.80 -16.01 36.01
CA LEU A 412 -9.04 -16.57 35.49
C LEU A 412 -9.84 -15.61 34.64
N CYS A 413 -10.52 -16.18 33.66
CA CYS A 413 -11.45 -15.44 32.81
C CYS A 413 -12.82 -16.07 32.92
N TYR A 414 -13.79 -15.30 33.40
CA TYR A 414 -15.12 -15.85 33.59
C TYR A 414 -15.97 -15.61 32.36
N VAL A 415 -16.49 -16.69 31.79
CA VAL A 415 -17.38 -16.62 30.65
C VAL A 415 -18.83 -16.71 31.13
N ALA A 416 -19.68 -15.78 30.73
CA ALA A 416 -21.06 -15.73 31.20
C ALA A 416 -21.93 -14.88 30.30
N GLU A 417 -23.24 -14.90 30.56
CA GLU A 417 -24.20 -14.17 29.75
C GLU A 417 -24.08 -12.66 29.96
N ASP A 418 -23.76 -12.26 31.19
CA ASP A 418 -23.56 -10.84 31.47
C ASP A 418 -22.62 -10.67 32.65
N LEU A 419 -22.29 -9.42 32.96
CA LEU A 419 -21.35 -9.11 34.02
C LEU A 419 -21.81 -9.68 35.37
N GLU A 420 -23.08 -9.44 35.69
CA GLU A 420 -23.66 -9.92 36.94
C GLU A 420 -23.39 -11.42 37.11
N ALA A 421 -23.68 -12.19 36.06
CA ALA A 421 -23.51 -13.64 36.13
C ALA A 421 -22.04 -14.06 36.28
N ALA A 422 -21.13 -13.25 35.74
CA ALA A 422 -19.71 -13.57 35.84
C ALA A 422 -19.18 -13.23 37.22
N LEU A 423 -19.64 -12.12 37.78
CA LEU A 423 -19.23 -11.73 39.12
C LEU A 423 -19.74 -12.76 40.14
N HIS A 424 -20.90 -13.34 39.84
CA HIS A 424 -21.51 -14.32 40.74
C HIS A 424 -20.65 -15.57 40.73
N ARG A 425 -20.36 -16.04 39.52
CA ARG A 425 -19.46 -17.17 39.31
C ARG A 425 -18.15 -16.96 40.05
N GLU A 426 -17.59 -15.75 39.94
CA GLU A 426 -16.29 -15.49 40.56
C GLU A 426 -16.34 -15.67 42.07
N GLU A 427 -17.43 -15.20 42.68
CA GLU A 427 -17.55 -15.25 44.14
C GLU A 427 -17.77 -16.70 44.61
N SER A 428 -18.42 -17.52 43.81
CA SER A 428 -18.50 -18.94 44.10
C SER A 428 -17.08 -19.53 44.10
N VAL A 429 -16.30 -19.12 43.11
CA VAL A 429 -14.94 -19.59 42.93
C VAL A 429 -14.04 -19.13 44.08
N SER A 430 -14.39 -18.00 44.69
CA SER A 430 -13.58 -17.47 45.79
C SER A 430 -13.50 -18.45 46.98
N ARG A 431 -14.49 -19.32 47.09
CA ARG A 431 -14.55 -20.30 48.18
C ARG A 431 -13.55 -21.45 47.96
N LEU A 432 -12.89 -21.45 46.82
CA LEU A 432 -11.90 -22.48 46.50
C LEU A 432 -10.48 -22.01 46.80
N PHE A 433 -10.24 -20.71 46.68
CA PHE A 433 -8.90 -20.15 46.83
C PHE A 433 -8.85 -19.08 47.93
N ARG B 2 -2.25 36.89 4.20
CA ARG B 2 -1.61 35.73 4.81
C ARG B 2 -0.70 36.23 5.89
N LEU B 3 -0.57 35.44 6.96
CA LEU B 3 0.39 35.73 8.02
C LEU B 3 1.65 34.90 7.78
N LEU B 4 2.75 35.57 7.51
CA LEU B 4 4.02 34.91 7.23
C LEU B 4 4.91 35.04 8.45
N VAL B 5 5.39 33.92 8.97
CA VAL B 5 6.15 33.93 10.20
C VAL B 5 7.61 33.53 9.95
N GLY B 6 8.52 34.46 10.22
CA GLY B 6 9.94 34.23 9.95
C GLY B 6 10.67 33.59 11.10
N ASN B 7 10.22 32.40 11.51
CA ASN B 7 10.79 31.78 12.69
C ASN B 7 11.99 30.89 12.38
N ASP B 8 12.76 30.60 13.43
CA ASP B 8 14.03 29.90 13.34
C ASP B 8 13.87 28.44 13.79
N TRP B 9 15.00 27.74 13.87
CA TRP B 9 15.05 26.36 14.33
C TRP B 9 14.32 26.25 15.67
N SER B 10 13.54 25.19 15.84
CA SER B 10 12.72 25.01 17.03
C SER B 10 13.44 25.32 18.33
N GLU B 11 12.84 26.20 19.12
CA GLU B 11 13.34 26.52 20.45
C GLU B 11 13.28 25.30 21.39
N GLU B 12 12.40 24.36 21.06
CA GLU B 12 12.31 23.09 21.79
C GLU B 12 13.59 22.27 21.63
N LEU B 13 14.25 22.40 20.49
CA LEU B 13 15.45 21.60 20.19
C LEU B 13 16.76 22.27 20.60
N ALA B 14 16.86 23.57 20.43
CA ALA B 14 18.08 24.28 20.78
C ALA B 14 17.80 25.76 21.08
N GLU B 15 18.69 26.39 21.84
CA GLU B 15 18.62 27.83 22.04
C GLU B 15 19.24 28.57 20.85
N PRO B 16 18.47 29.45 20.17
CA PRO B 16 19.02 30.14 19.00
C PRO B 16 19.78 31.41 19.39
N THR B 17 20.76 31.28 20.26
CA THR B 17 21.47 32.44 20.77
C THR B 17 22.34 33.08 19.69
N GLY B 18 22.72 32.28 18.69
CA GLY B 18 23.64 32.75 17.67
C GLY B 18 22.97 33.53 16.55
N SER B 19 21.66 33.31 16.37
CA SER B 19 20.92 33.93 15.27
C SER B 19 21.01 35.46 15.30
N THR B 20 21.18 36.05 14.12
CA THR B 20 21.33 37.50 13.98
C THR B 20 20.15 38.14 13.24
N GLY B 21 19.21 37.30 12.78
CA GLY B 21 18.04 37.77 12.08
C GLY B 21 18.17 37.93 10.57
N TRP B 22 19.32 37.55 10.01
CA TRP B 22 19.55 37.67 8.56
C TRP B 22 18.87 36.58 7.74
N ALA B 23 19.05 35.33 8.14
CA ALA B 23 18.63 34.21 7.30
C ALA B 23 17.11 34.18 7.06
N VAL B 24 16.32 34.54 8.06
CA VAL B 24 14.87 34.45 7.92
C VAL B 24 14.28 35.60 7.10
N GLN B 25 15.10 36.58 6.73
CA GLN B 25 14.64 37.64 5.85
C GLN B 25 14.25 37.12 4.46
N ARG B 26 14.63 35.88 4.16
CA ARG B 26 14.20 35.20 2.93
C ARG B 26 12.67 35.06 2.87
N LEU B 27 12.00 35.20 4.01
CA LEU B 27 10.54 35.23 4.09
C LEU B 27 9.93 36.21 3.08
N VAL B 28 10.63 37.32 2.84
CA VAL B 28 10.15 38.37 1.94
C VAL B 28 9.89 37.82 0.54
N TRP B 29 10.69 36.84 0.11
CA TRP B 29 10.46 36.23 -1.21
C TRP B 29 9.07 35.62 -1.33
N PHE B 30 8.55 35.08 -0.23
CA PHE B 30 7.24 34.46 -0.24
C PHE B 30 6.06 35.44 -0.17
N ALA B 31 6.35 36.72 0.09
CA ALA B 31 5.28 37.71 0.32
C ALA B 31 4.43 37.93 -0.93
N ARG B 32 3.12 38.00 -0.73
CA ARG B 32 2.18 38.33 -1.79
C ARG B 32 1.36 39.53 -1.33
N ASP B 33 0.60 40.13 -2.23
CA ASP B 33 -0.10 41.38 -1.94
C ASP B 33 -0.91 41.34 -0.66
N GLY B 34 -0.69 42.31 0.22
CA GLY B 34 -1.47 42.45 1.43
C GLY B 34 -1.00 41.60 2.61
N ASP B 35 0.06 40.83 2.43
CA ASP B 35 0.54 39.94 3.50
C ASP B 35 1.11 40.69 4.69
N VAL B 36 1.13 40.03 5.84
CA VAL B 36 1.75 40.56 7.03
C VAL B 36 2.88 39.63 7.46
N LEU B 37 4.08 40.21 7.62
CA LEU B 37 5.27 39.44 7.89
C LEU B 37 5.76 39.66 9.32
N VAL B 38 5.97 38.58 10.06
CA VAL B 38 6.57 38.67 11.38
C VAL B 38 8.05 38.31 11.25
N LEU B 39 8.93 39.27 11.54
CA LEU B 39 10.36 39.04 11.46
C LEU B 39 11.02 39.51 12.74
N PRO B 40 12.17 38.91 13.10
CA PRO B 40 12.88 39.28 14.33
C PRO B 40 13.63 40.60 14.17
N VAL B 41 14.04 40.90 12.95
CA VAL B 41 14.72 42.15 12.62
C VAL B 41 14.16 42.73 11.33
N ALA B 42 13.72 43.98 11.38
CA ALA B 42 13.21 44.67 10.20
C ALA B 42 14.21 44.61 9.04
N PRO B 43 13.74 44.21 7.86
CA PRO B 43 14.56 44.27 6.65
C PRO B 43 14.85 45.69 6.24
N GLN B 44 16.01 45.93 5.66
CA GLN B 44 16.30 47.22 5.07
C GLN B 44 15.34 47.48 3.92
N GLU B 45 14.91 48.72 3.80
CA GLU B 45 13.91 49.09 2.82
C GLU B 45 14.34 48.75 1.39
N GLU B 46 15.60 48.97 1.06
CA GLU B 46 16.08 48.78 -0.30
C GLU B 46 15.97 47.31 -0.68
N PHE B 47 16.23 46.43 0.30
CA PHE B 47 16.06 45.00 0.11
C PHE B 47 14.61 44.65 -0.17
N LEU B 48 13.73 45.13 0.70
CA LEU B 48 12.31 44.93 0.56
C LEU B 48 11.82 45.43 -0.81
N ALA B 49 12.26 46.63 -1.18
CA ALA B 49 11.92 47.19 -2.48
C ALA B 49 12.39 46.31 -3.63
N TYR B 50 13.66 45.88 -3.57
CA TYR B 50 14.25 45.07 -4.63
C TYR B 50 13.51 43.74 -4.81
N VAL B 51 13.35 42.98 -3.73
CA VAL B 51 12.68 41.70 -3.83
C VAL B 51 11.28 41.84 -4.43
N THR B 52 10.48 42.74 -3.86
CA THR B 52 9.10 42.89 -4.31
C THR B 52 9.00 43.40 -5.76
N SER B 53 9.97 44.19 -6.20
CA SER B 53 9.98 44.61 -7.59
C SER B 53 10.16 43.39 -8.51
N LEU B 54 10.87 42.38 -8.04
CA LEU B 54 11.05 41.17 -8.83
C LEU B 54 9.85 40.23 -8.76
N THR B 55 9.23 40.10 -7.59
CA THR B 55 8.11 39.17 -7.44
C THR B 55 6.80 39.76 -7.94
N GLY B 56 6.75 41.07 -8.10
CA GLY B 56 5.54 41.70 -8.59
C GLY B 56 4.60 42.01 -7.45
N THR B 57 5.07 41.82 -6.22
CA THR B 57 4.26 42.12 -5.05
C THR B 57 4.31 43.62 -4.74
N ARG B 58 3.15 44.21 -4.49
CA ARG B 58 3.10 45.63 -4.17
C ARG B 58 3.60 45.90 -2.75
N ARG B 59 4.75 46.57 -2.65
CA ARG B 59 5.43 46.77 -1.36
C ARG B 59 4.58 47.47 -0.30
N SER B 60 3.86 48.51 -0.70
CA SER B 60 3.09 49.29 0.24
C SER B 60 1.84 48.55 0.71
N SER B 61 1.53 47.42 0.10
CA SER B 61 0.45 46.54 0.59
C SER B 61 0.91 45.68 1.75
N LEU B 62 2.22 45.61 1.95
CA LEU B 62 2.78 44.73 2.99
C LEU B 62 2.93 45.45 4.33
N THR B 63 2.82 44.68 5.41
CA THR B 63 3.18 45.19 6.73
C THR B 63 4.19 44.25 7.37
N VAL B 64 5.26 44.82 7.92
CA VAL B 64 6.25 44.05 8.66
C VAL B 64 6.08 44.33 10.15
N VAL B 65 5.88 43.29 10.94
CA VAL B 65 5.76 43.46 12.38
C VAL B 65 6.94 42.81 13.11
N VAL B 66 7.66 43.62 13.89
CA VAL B 66 8.82 43.15 14.61
C VAL B 66 8.52 43.19 16.10
N PRO B 67 8.56 42.03 16.77
CA PRO B 67 8.33 42.03 18.22
C PRO B 67 9.44 42.76 18.95
N PRO B 68 9.14 43.30 20.14
CA PRO B 68 10.19 43.81 21.02
C PRO B 68 11.26 42.75 21.24
N PRO B 69 12.48 43.13 21.62
CA PRO B 69 13.53 42.13 21.88
C PRO B 69 13.11 41.20 23.00
N GLY B 70 13.65 39.98 23.02
CA GLY B 70 13.30 39.02 24.06
C GLY B 70 14.50 38.57 24.87
N ARG B 71 14.35 37.45 25.58
CA ARG B 71 15.36 36.98 26.53
C ARG B 71 16.70 36.67 25.86
N LEU B 72 16.65 36.32 24.57
CA LEU B 72 17.85 36.04 23.82
C LEU B 72 18.17 37.16 22.83
N GLY B 73 17.50 38.30 23.00
CA GLY B 73 17.79 39.45 22.16
C GLY B 73 16.80 39.62 21.03
N ALA B 74 17.27 40.13 19.89
CA ALA B 74 16.40 40.41 18.76
C ALA B 74 16.67 39.51 17.55
N GLY B 75 17.66 38.63 17.66
CA GLY B 75 18.05 37.77 16.56
C GLY B 75 17.07 36.72 16.07
N ALA B 76 16.22 36.21 16.95
CA ALA B 76 15.29 35.13 16.60
C ALA B 76 13.92 35.30 17.25
N LEU B 77 12.90 34.73 16.63
CA LEU B 77 11.56 34.79 17.20
C LEU B 77 11.38 33.78 18.33
N THR B 78 11.94 34.08 19.49
CA THR B 78 11.75 33.22 20.66
C THR B 78 10.30 33.27 21.13
N ALA B 79 9.89 32.24 21.87
CA ALA B 79 8.50 32.12 22.32
C ALA B 79 8.03 33.35 23.12
N ASP B 80 8.92 33.90 23.94
CA ASP B 80 8.54 35.08 24.73
C ASP B 80 8.25 36.32 23.86
N ARG B 81 8.95 36.45 22.75
CA ARG B 81 8.69 37.57 21.84
C ARG B 81 7.33 37.42 21.18
N LEU B 82 7.03 36.21 20.72
CA LEU B 82 5.79 35.94 19.99
C LEU B 82 4.57 35.99 20.90
N ALA B 83 4.78 35.89 22.20
CA ALA B 83 3.65 35.93 23.13
C ALA B 83 3.50 37.31 23.78
N ASP B 84 4.39 38.22 23.42
CA ASP B 84 4.39 39.55 23.99
C ASP B 84 3.12 40.30 23.60
N PRO B 85 2.34 40.75 24.62
CA PRO B 85 1.10 41.48 24.33
C PRO B 85 1.32 42.73 23.47
N ARG B 86 2.48 43.38 23.62
CA ARG B 86 2.82 44.51 22.76
C ARG B 86 2.91 44.06 21.30
N PHE B 87 3.55 42.92 21.07
CA PHE B 87 3.68 42.40 19.73
C PHE B 87 2.32 41.98 19.20
N LEU B 88 1.54 41.33 20.04
CA LEU B 88 0.24 40.83 19.59
C LEU B 88 -0.72 41.98 19.31
N ALA B 89 -0.61 43.07 20.06
CA ALA B 89 -1.46 44.24 19.80
C ALA B 89 -1.09 44.85 18.45
N ALA B 90 0.21 44.99 18.18
CA ALA B 90 0.67 45.57 16.93
C ALA B 90 0.31 44.65 15.77
N LEU B 91 0.31 43.35 16.04
CA LEU B 91 -0.04 42.38 15.01
C LEU B 91 -1.51 42.54 14.61
N ARG B 92 -2.39 42.71 15.59
CA ARG B 92 -3.80 42.92 15.29
C ARG B 92 -4.02 44.24 14.54
N GLU B 93 -3.27 45.28 14.90
CA GLU B 93 -3.29 46.54 14.15
C GLU B 93 -2.86 46.35 12.68
N ALA B 94 -1.81 45.58 12.46
CA ALA B 94 -1.39 45.25 11.10
C ALA B 94 -2.52 44.62 10.30
N PHE B 95 -3.28 43.73 10.93
CA PHE B 95 -4.42 43.09 10.26
C PHE B 95 -5.53 44.09 9.95
N ALA B 96 -5.74 45.01 10.87
CA ALA B 96 -6.82 46.02 10.78
C ALA B 96 -8.17 45.40 10.43
N GLY B 97 -8.50 44.28 11.06
CA GLY B 97 -9.78 43.63 10.89
C GLY B 97 -9.82 42.52 9.85
N ARG B 98 -8.78 42.44 9.03
CA ARG B 98 -8.70 41.41 8.00
C ARG B 98 -8.58 40.04 8.67
N PRO B 99 -9.33 39.06 8.17
CA PRO B 99 -9.10 37.71 8.71
C PRO B 99 -7.82 37.12 8.12
N VAL B 100 -7.13 36.29 8.88
CA VAL B 100 -5.97 35.55 8.38
C VAL B 100 -6.42 34.42 7.46
N HIS B 101 -6.04 34.51 6.20
CA HIS B 101 -6.47 33.52 5.22
C HIS B 101 -5.66 32.22 5.37
N GLU B 102 -4.34 32.38 5.45
CA GLU B 102 -3.41 31.27 5.57
C GLU B 102 -2.26 31.70 6.48
N VAL B 103 -1.76 30.77 7.30
CA VAL B 103 -0.51 31.01 8.03
C VAL B 103 0.61 30.21 7.36
N PHE B 104 1.72 30.89 7.05
CA PHE B 104 2.91 30.25 6.49
C PHE B 104 4.09 30.52 7.41
N ALA B 105 4.77 29.47 7.84
CA ALA B 105 5.89 29.65 8.74
C ALA B 105 7.12 28.98 8.14
N LEU B 106 8.30 29.52 8.46
CA LEU B 106 9.53 28.93 7.95
C LEU B 106 9.85 27.60 8.64
N TRP B 107 9.38 27.44 9.86
CA TRP B 107 9.69 26.23 10.63
C TRP B 107 8.41 25.72 11.32
N PRO B 108 8.10 24.43 11.14
CA PRO B 108 6.82 23.93 11.66
C PRO B 108 6.85 23.70 13.17
N ASP B 109 6.80 24.78 13.94
CA ASP B 109 6.93 24.68 15.39
C ASP B 109 5.62 24.93 16.13
N ALA B 110 5.54 24.42 17.36
CA ALA B 110 4.36 24.67 18.19
C ALA B 110 4.18 26.15 18.49
N VAL B 111 5.25 26.96 18.47
CA VAL B 111 5.06 28.38 18.71
C VAL B 111 4.20 29.02 17.62
N VAL B 112 4.18 28.40 16.45
CA VAL B 112 3.33 28.91 15.38
C VAL B 112 1.85 28.62 15.69
N ALA B 113 1.60 27.46 16.28
CA ALA B 113 0.24 27.14 16.68
C ALA B 113 -0.17 27.98 17.87
N ASP B 114 0.78 28.28 18.76
CA ASP B 114 0.52 29.20 19.86
C ASP B 114 0.05 30.56 19.34
N LEU B 115 0.73 31.04 18.29
CA LEU B 115 0.41 32.33 17.70
C LEU B 115 -0.97 32.31 17.07
N ALA B 116 -1.21 31.28 16.26
CA ALA B 116 -2.51 31.11 15.62
C ALA B 116 -3.66 31.07 16.65
N ASP B 117 -3.46 30.32 17.74
CA ASP B 117 -4.48 30.20 18.79
C ASP B 117 -4.72 31.54 19.45
N ALA B 118 -3.64 32.28 19.71
CA ALA B 118 -3.73 33.56 20.37
C ALA B 118 -4.40 34.61 19.49
N LEU B 119 -4.30 34.44 18.18
CA LEU B 119 -4.93 35.36 17.24
C LEU B 119 -6.31 34.90 16.84
N GLY B 120 -6.72 33.75 17.37
CA GLY B 120 -8.02 33.22 17.06
C GLY B 120 -8.18 32.69 15.64
N CYS B 121 -7.08 32.36 14.97
CA CYS B 121 -7.18 31.81 13.62
C CYS B 121 -6.56 30.42 13.42
N PRO B 122 -6.86 29.46 14.33
CA PRO B 122 -6.23 28.15 14.16
C PRO B 122 -6.58 27.50 12.83
N GLU B 123 -7.71 27.85 12.25
CA GLU B 123 -8.13 27.22 11.02
C GLU B 123 -7.33 27.73 9.81
N ALA B 124 -6.59 28.82 9.98
CA ALA B 124 -5.74 29.33 8.89
C ALA B 124 -4.40 28.60 8.85
N LEU B 125 -4.13 27.79 9.87
CA LEU B 125 -2.88 27.05 9.95
C LEU B 125 -3.12 25.56 9.70
N GLU B 126 -2.76 25.09 8.50
CA GLU B 126 -2.85 23.66 8.20
C GLU B 126 -1.94 22.86 9.11
N GLY B 127 -2.49 21.81 9.71
CA GLY B 127 -1.72 20.97 10.61
C GLY B 127 -1.61 21.56 12.00
N HIS B 128 -2.53 22.48 12.31
CA HIS B 128 -2.51 23.21 13.57
C HIS B 128 -2.48 22.26 14.77
N ASP B 129 -3.40 21.30 14.76
CA ASP B 129 -3.55 20.39 15.91
C ASP B 129 -2.26 19.58 16.10
N PHE B 130 -1.79 18.99 15.01
CA PHE B 130 -0.51 18.29 14.98
C PHE B 130 0.59 19.14 15.60
N LEU B 131 0.66 20.40 15.20
CA LEU B 131 1.71 21.30 15.67
C LEU B 131 1.58 21.63 17.16
N THR B 132 0.35 21.72 17.68
CA THR B 132 0.18 21.98 19.12
C THR B 132 0.83 20.85 19.95
N GLN B 133 0.91 19.66 19.37
CA GLN B 133 1.48 18.53 20.05
C GLN B 133 2.95 18.33 19.62
N SER B 134 3.53 19.40 19.07
CA SER B 134 4.94 19.42 18.67
C SER B 134 5.28 18.35 17.63
N GLY B 135 4.33 18.01 16.78
CA GLY B 135 4.52 16.98 15.79
C GLY B 135 5.52 17.40 14.74
N GLY B 136 5.71 18.71 14.58
CA GLY B 136 6.60 19.23 13.56
C GLY B 136 8.04 18.80 13.79
N LEU B 137 8.40 18.51 15.04
CA LEU B 137 9.74 18.06 15.36
C LEU B 137 10.11 16.80 14.59
N ILE B 138 9.12 16.04 14.15
CA ILE B 138 9.41 14.82 13.39
C ILE B 138 10.12 15.15 12.08
N GLY B 139 9.90 16.36 11.56
CA GLY B 139 10.50 16.75 10.30
C GLY B 139 11.99 17.01 10.40
N SER B 140 12.49 17.05 11.62
CA SER B 140 13.89 17.29 11.84
C SER B 140 14.55 16.12 12.59
N SER B 141 13.89 14.98 12.64
CA SER B 141 14.42 13.80 13.32
C SER B 141 14.99 12.79 12.31
N LYS B 142 16.28 12.50 12.41
CA LYS B 142 16.88 11.50 11.53
C LYS B 142 16.47 10.09 11.93
N ALA B 143 16.22 9.88 13.23
CA ALA B 143 15.65 8.62 13.71
C ALA B 143 14.30 8.33 13.07
N ALA B 144 13.46 9.36 12.99
CA ALA B 144 12.17 9.19 12.33
C ALA B 144 12.35 8.95 10.85
N PHE B 145 13.25 9.69 10.22
CA PHE B 145 13.55 9.45 8.81
C PHE B 145 13.90 7.97 8.57
N ARG B 146 14.81 7.43 9.38
CA ARG B 146 15.24 6.05 9.18
C ARG B 146 14.06 5.09 9.21
N ALA B 147 13.19 5.24 10.20
CA ALA B 147 12.05 4.33 10.34
C ALA B 147 11.06 4.52 9.18
N LEU B 148 10.80 5.77 8.82
CA LEU B 148 9.84 6.08 7.78
C LEU B 148 10.29 5.57 6.43
N ALA B 149 11.56 5.85 6.12
CA ALA B 149 12.17 5.42 4.88
C ALA B 149 12.12 3.91 4.78
N ALA B 150 12.63 3.23 5.81
CA ALA B 150 12.61 1.77 5.88
C ALA B 150 11.20 1.23 5.63
N GLY B 151 10.24 1.76 6.37
CA GLY B 151 8.88 1.27 6.29
C GLY B 151 8.24 1.57 4.95
N ALA B 152 8.71 2.62 4.28
CA ALA B 152 8.13 3.04 3.00
C ALA B 152 8.80 2.38 1.79
N GLY B 153 9.83 1.58 2.04
CA GLY B 153 10.57 0.96 0.94
C GLY B 153 11.38 1.98 0.15
N VAL B 154 11.70 3.11 0.79
CA VAL B 154 12.56 4.14 0.20
C VAL B 154 14.02 3.77 0.40
N ALA B 155 14.83 3.79 -0.66
CA ALA B 155 16.21 3.31 -0.56
C ALA B 155 17.05 4.10 0.45
N LEU B 156 17.83 3.34 1.22
CA LEU B 156 18.47 3.78 2.45
C LEU B 156 19.87 3.18 2.57
N PRO B 157 20.88 3.93 3.05
CA PRO B 157 22.11 3.18 3.33
C PRO B 157 21.92 2.22 4.50
N ALA B 158 22.72 1.16 4.53
CA ALA B 158 22.65 0.18 5.62
C ALA B 158 22.90 0.88 6.94
N GLY B 159 22.22 0.46 8.00
CA GLY B 159 22.45 1.06 9.30
C GLY B 159 21.34 0.83 10.32
N ALA B 160 21.33 1.65 11.36
CA ALA B 160 20.39 1.46 12.46
C ALA B 160 20.23 2.73 13.28
N VAL B 161 19.35 2.67 14.28
CA VAL B 161 19.15 3.78 15.19
C VAL B 161 19.46 3.30 16.60
N CYS B 162 20.42 3.91 17.28
CA CYS B 162 20.92 3.33 18.52
C CYS B 162 20.72 4.25 19.73
N ALA B 163 20.20 3.68 20.82
CA ALA B 163 19.94 4.44 22.02
C ALA B 163 21.06 4.25 23.04
N ASP B 164 21.95 3.31 22.76
CA ASP B 164 23.00 2.98 23.71
C ASP B 164 24.27 2.53 22.99
N ARG B 165 25.39 2.60 23.70
CA ARG B 165 26.68 2.32 23.12
C ARG B 165 26.82 0.87 22.67
N ARG B 166 26.18 -0.04 23.41
CA ARG B 166 26.29 -1.45 23.09
C ARG B 166 25.77 -1.73 21.69
N ARG B 167 24.58 -1.27 21.37
CA ARG B 167 24.07 -1.45 20.02
C ARG B 167 24.82 -0.64 18.98
N ALA B 168 25.25 0.57 19.33
CA ALA B 168 26.04 1.38 18.40
C ALA B 168 27.34 0.66 18.08
N HIS B 169 27.97 0.09 19.10
CA HIS B 169 29.22 -0.61 18.88
C HIS B 169 29.01 -1.74 17.88
N ARG B 170 27.94 -2.53 18.09
CA ARG B 170 27.66 -3.65 17.22
C ARG B 170 27.47 -3.20 15.79
N HIS B 171 26.63 -2.20 15.59
CA HIS B 171 26.31 -1.75 14.24
C HIS B 171 27.47 -1.06 13.57
N VAL B 172 28.31 -0.38 14.32
CA VAL B 172 29.45 0.28 13.69
C VAL B 172 30.45 -0.78 13.20
N THR B 173 30.68 -1.77 14.06
CA THR B 173 31.58 -2.88 13.79
C THR B 173 31.17 -3.65 12.55
N ARG B 174 29.89 -4.02 12.49
CA ARG B 174 29.34 -4.72 11.34
C ARG B 174 29.75 -4.04 10.04
N LEU B 175 29.53 -2.73 9.97
CA LEU B 175 29.81 -1.97 8.75
C LEU B 175 31.30 -1.81 8.48
N LEU B 176 32.08 -1.51 9.52
CA LEU B 176 33.51 -1.36 9.37
C LEU B 176 34.17 -2.69 8.92
N ASP B 177 33.71 -3.81 9.47
CA ASP B 177 34.25 -5.12 9.10
C ASP B 177 33.89 -5.46 7.66
N GLU B 178 32.91 -4.77 7.09
CA GLU B 178 32.59 -4.94 5.69
C GLU B 178 33.52 -4.11 4.83
N GLY B 179 34.35 -3.30 5.48
CA GLY B 179 35.28 -2.45 4.76
C GLY B 179 34.74 -1.08 4.36
N SER B 180 33.61 -0.70 4.94
CA SER B 180 32.97 0.60 4.66
C SER B 180 33.23 1.58 5.79
N PRO B 181 33.33 2.86 5.47
CA PRO B 181 33.35 3.84 6.56
C PRO B 181 31.91 4.05 7.06
N VAL B 182 31.79 4.64 8.24
CA VAL B 182 30.49 4.80 8.90
C VAL B 182 30.26 6.28 9.20
N ILE B 183 29.02 6.73 9.11
CA ILE B 183 28.69 8.05 9.63
C ILE B 183 27.71 7.95 10.82
N LEU B 184 28.03 8.66 11.89
CA LEU B 184 27.14 8.79 13.05
C LEU B 184 26.45 10.14 12.99
N LYS B 185 25.14 10.15 13.22
CA LYS B 185 24.37 11.39 13.13
C LYS B 185 23.53 11.64 14.39
N GLN B 186 23.68 12.82 14.97
CA GLN B 186 22.76 13.27 16.02
C GLN B 186 21.34 13.25 15.49
N ASP B 187 20.41 12.68 16.26
CA ASP B 187 19.02 12.57 15.82
C ASP B 187 18.50 13.91 15.29
N TYR B 188 18.70 14.96 16.08
CA TYR B 188 18.12 16.26 15.77
C TYR B 188 19.18 17.24 15.29
N GLY B 189 20.30 16.73 14.78
CA GLY B 189 21.36 17.60 14.32
C GLY B 189 20.89 18.52 13.21
N SER B 190 21.39 19.75 13.21
CA SER B 190 21.13 20.66 12.10
C SER B 190 22.39 20.73 11.24
N GLY B 191 22.32 20.12 10.06
CA GLY B 191 23.45 20.12 9.16
C GLY B 191 24.59 19.20 9.57
N SER B 192 25.71 19.34 8.87
CA SER B 192 26.84 18.43 8.96
C SER B 192 27.53 18.49 10.31
N ASP B 193 27.29 19.58 11.03
CA ASP B 193 27.93 19.78 12.33
C ASP B 193 27.48 18.75 13.38
N GLY B 194 26.40 18.05 13.09
CA GLY B 194 25.88 17.04 14.00
C GLY B 194 26.32 15.63 13.65
N ASN B 195 27.23 15.50 12.69
CA ASN B 195 27.69 14.19 12.25
C ASN B 195 29.21 14.04 12.34
N GLU B 196 29.66 12.82 12.56
CA GLU B 196 31.04 12.46 12.46
C GLU B 196 31.22 11.15 11.69
N ILE B 197 32.30 11.07 10.92
CA ILE B 197 32.64 9.88 10.15
C ILE B 197 33.68 9.01 10.85
N LEU B 198 33.45 7.70 10.86
CA LEU B 198 34.38 6.74 11.45
C LEU B 198 34.93 5.88 10.32
N SER B 199 36.22 5.56 10.37
CA SER B 199 36.87 4.89 9.24
C SER B 199 38.12 4.14 9.69
N ARG B 200 38.44 3.05 8.99
CA ARG B 200 39.73 2.37 9.16
C ARG B 200 40.85 3.21 8.58
N THR B 201 40.53 3.98 7.56
CA THR B 201 41.54 4.74 6.84
C THR B 201 41.35 6.23 6.97
N PRO B 202 42.46 6.98 7.11
CA PRO B 202 42.43 8.44 7.22
C PRO B 202 42.34 9.11 5.84
N GLY B 203 41.96 10.38 5.82
CA GLY B 203 42.02 11.15 4.57
C GLY B 203 40.73 11.25 3.78
N LEU B 204 39.69 10.56 4.24
CA LEU B 204 38.37 10.63 3.60
C LEU B 204 37.90 12.06 3.42
N ALA B 205 37.15 12.30 2.34
CA ALA B 205 36.53 13.61 2.13
C ALA B 205 35.43 13.84 3.16
N LEU B 206 35.50 14.95 3.91
CA LEU B 206 34.50 15.26 4.95
C LEU B 206 33.24 15.87 4.38
N ARG B 207 32.58 15.13 3.50
CA ARG B 207 31.33 15.63 2.94
C ARG B 207 30.22 15.30 3.93
N GLY B 208 29.51 16.33 4.38
CA GLY B 208 28.38 16.14 5.27
C GLY B 208 28.70 15.81 6.71
N ALA B 209 29.92 16.14 7.18
CA ALA B 209 30.27 15.88 8.58
C ALA B 209 31.35 16.82 9.12
N ARG B 210 31.44 16.88 10.45
CA ARG B 210 32.32 17.78 11.20
C ARG B 210 33.77 17.30 11.27
N ALA B 211 33.95 15.98 11.27
CA ALA B 211 35.25 15.39 11.53
C ALA B 211 35.28 13.93 11.15
N LEU B 212 36.49 13.41 11.02
CA LEU B 212 36.72 12.02 10.69
C LEU B 212 37.47 11.39 11.84
N ARG B 213 37.03 10.22 12.30
CA ARG B 213 37.76 9.52 13.35
C ARG B 213 38.26 8.18 12.82
N VAL B 214 39.58 8.01 12.82
CA VAL B 214 40.20 6.76 12.41
C VAL B 214 40.24 5.75 13.57
N LEU B 215 39.59 4.61 13.40
CA LEU B 215 39.53 3.59 14.45
C LEU B 215 40.08 2.26 13.95
N ALA B 216 41.09 1.74 14.64
CA ALA B 216 41.79 0.53 14.20
C ALA B 216 41.02 -0.76 14.48
N ASP B 217 40.39 -0.84 15.65
CA ASP B 217 39.73 -2.07 16.09
C ASP B 217 38.65 -1.81 17.14
N SER B 218 38.15 -2.91 17.72
CA SER B 218 37.04 -2.84 18.66
C SER B 218 37.39 -2.04 19.92
N ALA B 219 38.64 -2.13 20.37
CA ALA B 219 39.08 -1.39 21.55
C ALA B 219 39.09 0.11 21.28
N ALA B 220 39.51 0.51 20.09
CA ALA B 220 39.55 1.93 19.73
C ALA B 220 38.12 2.50 19.67
N LEU B 221 37.19 1.68 19.18
CA LEU B 221 35.79 2.06 19.11
C LEU B 221 35.16 2.23 20.50
N ASP B 222 35.51 1.33 21.42
CA ASP B 222 35.10 1.45 22.82
C ASP B 222 35.51 2.80 23.39
N ALA B 223 36.77 3.15 23.16
CA ALA B 223 37.32 4.40 23.66
C ALA B 223 36.67 5.62 22.99
N TYR B 224 36.41 5.53 21.69
CA TYR B 224 35.75 6.63 20.99
C TYR B 224 34.32 6.82 21.51
N LEU B 225 33.60 5.72 21.65
CA LEU B 225 32.20 5.78 22.07
C LEU B 225 32.10 6.25 23.50
N ASP B 226 33.02 5.78 24.34
CA ASP B 226 33.02 6.22 25.73
C ASP B 226 33.32 7.70 25.88
N GLU B 227 33.96 8.30 24.88
CA GLU B 227 34.35 9.69 24.96
C GLU B 227 33.40 10.65 24.21
N ARG B 228 32.74 10.19 23.17
CA ARG B 228 31.90 11.04 22.35
C ARG B 228 30.41 10.84 22.51
N TRP B 229 30.04 9.83 23.24
CA TRP B 229 28.64 9.45 23.36
C TRP B 229 27.80 10.59 23.91
N ASP B 230 28.33 11.27 24.92
CA ASP B 230 27.64 12.41 25.51
C ASP B 230 27.37 13.48 24.46
N TRP B 231 28.37 13.79 23.66
CA TRP B 231 28.17 14.72 22.57
C TRP B 231 27.16 14.17 21.56
N LEU B 232 27.32 12.91 21.16
CA LEU B 232 26.46 12.29 20.15
C LEU B 232 24.99 12.26 20.53
N THR B 233 24.71 12.04 21.82
CA THR B 233 23.34 11.94 22.32
C THR B 233 22.81 13.26 22.89
N GLU B 234 23.57 14.33 22.77
CA GLU B 234 23.22 15.62 23.37
C GLU B 234 22.98 15.49 24.88
N GLY B 235 23.98 14.95 25.57
CA GLY B 235 23.88 14.73 27.00
C GLY B 235 22.89 13.66 27.41
N GLY B 236 22.73 12.62 26.60
CA GLY B 236 21.87 11.50 26.95
C GLY B 236 20.41 11.70 26.59
N ARG B 237 20.14 12.75 25.83
CA ARG B 237 18.77 13.13 25.46
C ARG B 237 18.18 12.39 24.27
N HIS B 238 19.02 12.10 23.28
CA HIS B 238 18.52 11.61 22.01
C HIS B 238 19.34 10.43 21.48
N ARG B 239 18.76 9.70 20.53
CA ARG B 239 19.40 8.55 19.94
C ARG B 239 20.37 8.97 18.84
N VAL B 240 21.14 8.01 18.36
CA VAL B 240 22.19 8.26 17.37
C VAL B 240 22.00 7.38 16.14
N VAL B 241 22.01 7.98 14.95
CA VAL B 241 21.85 7.18 13.77
C VAL B 241 23.23 6.65 13.33
N VAL B 242 23.29 5.38 13.01
CA VAL B 242 24.50 4.75 12.49
C VAL B 242 24.25 4.30 11.07
N GLU B 243 24.99 4.80 10.10
CA GLU B 243 24.81 4.24 8.76
C GLU B 243 26.10 4.18 7.93
N ARG B 244 26.03 3.39 6.86
CA ARG B 244 27.16 3.28 5.95
C ARG B 244 27.40 4.63 5.27
N TYR B 245 28.65 5.05 5.24
CA TYR B 245 29.04 6.28 4.56
C TYR B 245 29.62 6.01 3.17
N HIS B 246 29.29 6.86 2.20
CA HIS B 246 29.78 6.73 0.83
C HIS B 246 30.61 7.94 0.39
N PRO B 247 31.95 7.82 0.49
CA PRO B 247 32.88 8.89 0.09
C PRO B 247 32.75 9.21 -1.40
N GLY B 248 32.97 10.46 -1.79
CA GLY B 248 32.96 10.84 -3.20
C GLY B 248 31.60 10.83 -3.86
N SER B 249 30.54 10.78 -3.04
CA SER B 249 29.17 10.80 -3.56
C SER B 249 28.74 12.25 -3.77
N ARG B 250 27.87 12.47 -4.75
CA ARG B 250 27.27 13.79 -4.94
C ARG B 250 25.96 13.83 -4.18
N ALA B 251 25.58 15.00 -3.67
CA ALA B 251 24.39 15.14 -2.81
C ALA B 251 23.28 15.91 -3.51
N TYR B 252 22.08 15.36 -3.44
CA TYR B 252 20.92 15.94 -4.12
C TYR B 252 19.75 16.10 -3.16
N PHE B 253 18.74 16.86 -3.56
CA PHE B 253 17.53 16.98 -2.77
C PHE B 253 16.33 17.04 -3.69
N ALA B 254 15.21 16.56 -3.18
CA ALA B 254 13.92 16.81 -3.81
C ALA B 254 13.01 17.32 -2.70
N GLU B 255 12.39 18.46 -2.95
CA GLU B 255 11.60 19.14 -1.94
C GLU B 255 10.14 19.17 -2.36
N PHE B 256 9.24 18.93 -1.42
CA PHE B 256 7.82 18.80 -1.68
C PHE B 256 7.02 19.75 -0.78
N TRP B 257 5.84 20.15 -1.24
CA TRP B 257 4.93 20.91 -0.38
C TRP B 257 3.84 19.98 0.07
N ILE B 258 3.71 19.80 1.37
CA ILE B 258 2.74 18.84 1.91
C ILE B 258 1.57 19.62 2.49
N SER B 259 0.39 19.44 1.92
CA SER B 259 -0.80 20.16 2.39
C SER B 259 -1.90 19.17 2.71
N ASP B 260 -3.04 19.66 3.20
CA ASP B 260 -4.18 18.78 3.49
C ASP B 260 -4.52 17.99 2.24
N GLY B 261 -4.46 18.65 1.08
CA GLY B 261 -4.80 18.01 -0.17
C GLY B 261 -3.78 17.00 -0.66
N GLY B 262 -2.56 17.04 -0.11
CA GLY B 262 -1.59 16.04 -0.49
C GLY B 262 -0.18 16.56 -0.74
N VAL B 263 0.56 15.84 -1.57
CA VAL B 263 1.98 16.09 -1.74
C VAL B 263 2.26 16.67 -3.13
N ARG B 264 2.90 17.83 -3.17
CA ARG B 264 3.24 18.52 -4.42
C ARG B 264 4.76 18.70 -4.54
N LEU B 265 5.34 18.28 -5.67
CA LEU B 265 6.75 18.51 -5.93
C LEU B 265 7.06 19.99 -6.04
N GLY B 266 7.99 20.45 -5.22
CA GLY B 266 8.48 21.80 -5.28
C GLY B 266 9.58 21.90 -6.32
N GLY B 267 10.71 21.25 -6.06
CA GLY B 267 11.79 21.20 -7.03
C GLY B 267 12.92 20.31 -6.54
N HIS B 268 13.92 20.15 -7.37
CA HIS B 268 15.06 19.31 -7.00
C HIS B 268 16.34 20.01 -7.42
N GLY B 269 17.47 19.57 -6.87
CA GLY B 269 18.72 20.23 -7.16
C GLY B 269 19.88 19.46 -6.59
N GLU B 270 21.08 19.97 -6.82
CA GLU B 270 22.31 19.38 -6.29
C GLU B 270 23.00 20.34 -5.36
N ARG B 272 26.63 21.23 -4.20
CA ARG B 272 27.93 20.97 -4.82
C ARG B 272 29.07 21.15 -3.83
N ASP B 278 28.69 24.79 -0.55
CA ASP B 278 29.32 25.94 -1.21
C ASP B 278 28.43 26.57 -2.30
N SER B 279 27.78 25.73 -3.08
CA SER B 279 26.83 26.20 -4.07
C SER B 279 25.75 25.17 -4.29
N GLN B 280 24.65 25.59 -4.88
CA GLN B 280 23.62 24.63 -5.25
C GLN B 280 23.08 25.01 -6.61
N VAL B 281 22.58 24.02 -7.32
CA VAL B 281 22.05 24.26 -8.64
C VAL B 281 20.73 23.53 -8.79
N PRO B 283 17.49 23.06 -11.81
CA PRO B 283 17.21 21.70 -11.36
C PRO B 283 18.49 20.86 -11.24
N ALA B 284 18.31 19.65 -10.72
CA ALA B 284 19.40 18.71 -10.52
C ALA B 284 20.01 18.28 -11.84
N PRO B 285 21.31 18.52 -12.00
CA PRO B 285 22.03 18.22 -13.24
C PRO B 285 22.77 16.89 -13.18
N ASP B 286 23.21 16.43 -14.34
CA ASP B 286 24.02 15.21 -14.49
C ASP B 286 23.37 13.95 -13.95
N LEU B 287 22.07 14.00 -13.69
CA LEU B 287 21.35 12.78 -13.33
C LEU B 287 20.75 12.22 -14.61
N ASP B 288 20.80 10.91 -14.81
CA ASP B 288 20.05 10.41 -15.95
C ASP B 288 18.61 10.28 -15.50
N GLN B 289 17.69 10.13 -16.46
CA GLN B 289 16.28 10.24 -16.15
C GLN B 289 15.82 9.25 -15.08
N ALA B 290 16.38 8.05 -15.07
CA ALA B 290 15.99 7.05 -14.07
C ALA B 290 16.47 7.39 -12.65
N GLN B 291 17.62 8.04 -12.54
CA GLN B 291 18.08 8.50 -11.24
C GLN B 291 17.20 9.65 -10.72
N LEU B 292 16.88 10.61 -11.60
CA LEU B 292 15.96 11.68 -11.22
C LEU B 292 14.59 11.11 -10.81
N ASP B 293 14.09 10.11 -11.52
CA ASP B 293 12.80 9.50 -11.16
C ASP B 293 12.87 8.83 -9.80
N ASP B 294 13.99 8.19 -9.51
CA ASP B 294 14.18 7.56 -8.21
C ASP B 294 14.24 8.60 -7.10
N LEU B 295 14.88 9.72 -7.41
CA LEU B 295 15.01 10.80 -6.43
C LEU B 295 13.64 11.37 -6.12
N VAL B 296 12.87 11.67 -7.15
CA VAL B 296 11.58 12.30 -6.93
C VAL B 296 10.55 11.31 -6.38
N GLU B 297 10.51 10.09 -6.90
CA GLU B 297 9.43 9.19 -6.47
C GLU B 297 9.74 8.62 -5.09
N GLY B 298 11.02 8.49 -4.76
CA GLY B 298 11.43 8.15 -3.41
C GLY B 298 11.06 9.24 -2.40
N GLY B 299 11.42 10.48 -2.70
CA GLY B 299 11.03 11.60 -1.86
C GLY B 299 9.53 11.71 -1.73
N ARG B 300 8.82 11.45 -2.82
CA ARG B 300 7.36 11.51 -2.80
C ARG B 300 6.74 10.42 -1.89
N ARG B 301 7.27 9.21 -1.95
CA ARG B 301 6.78 8.12 -1.10
C ARG B 301 6.94 8.47 0.37
N LEU B 302 8.09 9.06 0.70
CA LEU B 302 8.38 9.49 2.05
C LEU B 302 7.38 10.56 2.51
N CYS B 303 7.13 11.54 1.65
CA CYS B 303 6.20 12.62 2.00
C CYS B 303 4.76 12.14 2.12
N VAL B 304 4.39 11.12 1.37
CA VAL B 304 3.08 10.50 1.52
C VAL B 304 2.90 9.95 2.94
N ALA B 305 3.95 9.33 3.47
CA ALA B 305 3.89 8.81 4.84
C ALA B 305 3.82 9.96 5.84
N LEU B 306 4.66 10.97 5.64
CA LEU B 306 4.65 12.11 6.54
C LEU B 306 3.30 12.79 6.52
N HIS B 307 2.70 12.86 5.34
CA HIS B 307 1.37 13.44 5.17
C HIS B 307 0.33 12.68 5.96
N ALA B 308 0.40 11.37 5.86
CA ALA B 308 -0.59 10.50 6.48
C ALA B 308 -0.54 10.61 8.00
N LEU B 309 0.63 10.91 8.55
CA LEU B 309 0.77 10.99 9.99
C LEU B 309 0.47 12.39 10.52
N GLY B 310 0.27 13.35 9.60
CA GLY B 310 -0.17 14.68 9.97
C GLY B 310 0.77 15.86 9.68
N TYR B 311 1.95 15.60 9.14
CA TYR B 311 2.90 16.67 8.88
C TYR B 311 2.33 17.59 7.81
N ARG B 312 2.46 18.89 8.01
CA ARG B 312 2.08 19.86 6.98
C ARG B 312 3.17 20.93 6.87
N GLY B 313 3.59 21.23 5.63
CA GLY B 313 4.58 22.27 5.38
C GLY B 313 5.53 21.84 4.27
N VAL B 314 6.72 22.43 4.24
CA VAL B 314 7.73 22.05 3.26
C VAL B 314 8.56 20.87 3.78
N LEU B 315 8.91 19.94 2.88
CA LEU B 315 9.73 18.80 3.25
C LEU B 315 10.76 18.55 2.16
N SER B 316 12.03 18.63 2.54
CA SER B 316 13.13 18.36 1.64
C SER B 316 13.78 17.03 1.96
N ALA B 317 13.79 16.12 0.99
CA ALA B 317 14.43 14.82 1.14
C ALA B 317 15.83 14.86 0.53
N ASP B 318 16.84 14.59 1.34
CA ASP B 318 18.22 14.60 0.87
C ASP B 318 18.67 13.21 0.49
N ALA B 319 19.46 13.14 -0.56
CA ALA B 319 19.98 11.85 -1.00
C ALA B 319 21.39 12.01 -1.53
N VAL B 320 22.10 10.88 -1.63
CA VAL B 320 23.37 10.83 -2.33
C VAL B 320 23.22 9.88 -3.52
N VAL B 321 24.07 10.10 -4.52
CA VAL B 321 24.23 9.17 -5.62
C VAL B 321 25.62 8.55 -5.47
N THR B 322 25.65 7.24 -5.24
CA THR B 322 26.84 6.45 -4.96
C THR B 322 27.82 6.38 -6.17
N PRO B 323 28.96 5.67 -6.00
CA PRO B 323 29.78 5.33 -7.16
C PRO B 323 28.97 4.58 -8.24
N ALA B 324 28.21 3.57 -7.84
CA ALA B 324 27.48 2.68 -8.77
C ALA B 324 26.24 3.32 -9.41
N GLY B 325 25.95 4.58 -9.13
CA GLY B 325 24.79 5.27 -9.69
C GLY B 325 23.51 5.08 -8.87
N GLU B 326 23.67 4.70 -7.62
CA GLU B 326 22.51 4.35 -6.79
C GLU B 326 22.03 5.54 -5.95
N VAL B 327 20.73 5.81 -6.00
CA VAL B 327 20.17 6.90 -5.22
C VAL B 327 19.82 6.42 -3.81
N LEU B 328 20.51 6.96 -2.80
CA LEU B 328 20.20 6.63 -1.41
C LEU B 328 19.83 7.87 -0.62
N PHE B 329 18.66 7.85 0.00
CA PHE B 329 18.23 8.93 0.87
C PHE B 329 18.90 8.85 2.24
N THR B 330 19.29 10.02 2.75
CA THR B 330 20.11 10.12 3.95
C THR B 330 19.39 10.86 5.10
N GLU B 331 18.44 11.73 4.75
CA GLU B 331 17.63 12.41 5.76
C GLU B 331 16.50 13.20 5.15
N HIS B 332 15.58 13.66 6.00
CA HIS B 332 14.59 14.64 5.58
C HIS B 332 14.66 15.89 6.45
N ASN B 333 14.10 16.97 5.92
CA ASN B 333 14.19 18.28 6.54
C ASN B 333 12.84 18.96 6.41
N GLY B 334 12.11 19.02 7.52
CA GLY B 334 10.78 19.60 7.50
C GLY B 334 10.87 21.07 7.88
N ARG B 335 11.07 21.91 6.87
CA ARG B 335 11.15 23.36 7.06
C ARG B 335 11.36 24.00 5.69
N ALA B 336 11.12 25.30 5.61
CA ALA B 336 11.56 26.05 4.44
C ALA B 336 13.09 26.09 4.48
N THR B 337 13.73 25.43 3.52
CA THR B 337 15.19 25.35 3.54
C THR B 337 15.87 26.51 2.81
N GLY B 338 17.19 26.44 2.70
CA GLY B 338 17.95 27.40 1.91
C GLY B 338 17.58 27.35 0.43
N SER B 339 16.93 26.27 0.03
CA SER B 339 16.54 26.06 -1.35
C SER B 339 15.12 26.52 -1.71
N THR B 340 14.24 26.61 -0.73
CA THR B 340 12.82 26.68 -1.01
C THR B 340 12.41 27.93 -1.81
N HIS B 341 12.83 29.10 -1.36
CA HIS B 341 12.42 30.33 -2.03
C HIS B 341 13.10 30.43 -3.38
N ILE B 342 14.21 29.72 -3.56
CA ILE B 342 14.97 29.83 -4.78
C ILE B 342 14.21 29.20 -5.93
N TYR B 343 13.81 27.94 -5.80
CA TYR B 343 13.11 27.31 -6.92
C TYR B 343 11.65 27.77 -6.96
N GLU B 344 11.05 28.00 -5.80
CA GLU B 344 9.61 28.23 -5.76
C GLU B 344 9.28 29.66 -6.14
N ILE B 345 10.14 30.61 -5.78
CA ILE B 345 9.84 32.01 -6.07
C ILE B 345 10.74 32.53 -7.21
N VAL B 346 12.04 32.54 -6.99
CA VAL B 346 12.95 33.03 -8.04
C VAL B 346 12.76 32.22 -9.33
N GLY B 347 12.70 30.91 -9.21
CA GLY B 347 12.49 30.06 -10.38
C GLY B 347 11.10 30.15 -11.00
N LYS B 348 10.09 29.71 -10.26
CA LYS B 348 8.76 29.61 -10.85
C LYS B 348 8.03 30.94 -11.03
N ARG B 349 8.21 31.87 -10.08
CA ARG B 349 7.49 33.15 -10.14
C ARG B 349 8.28 34.23 -10.92
N VAL B 350 9.54 34.44 -10.58
CA VAL B 350 10.32 35.49 -11.24
C VAL B 350 10.73 35.08 -12.65
N VAL B 351 11.51 34.01 -12.76
CA VAL B 351 12.01 33.58 -14.08
C VAL B 351 10.85 33.09 -14.94
N GLY B 352 9.98 32.28 -14.33
CA GLY B 352 8.75 31.84 -14.99
C GLY B 352 8.81 30.41 -15.51
N PRO B 353 7.92 30.09 -16.46
CA PRO B 353 7.79 28.77 -17.06
C PRO B 353 9.06 28.21 -17.66
N GLY B 354 9.98 29.08 -18.10
CA GLY B 354 11.24 28.62 -18.66
C GLY B 354 12.13 27.92 -17.65
N PHE B 355 11.99 28.25 -16.37
CA PHE B 355 12.80 27.60 -15.34
C PHE B 355 12.57 26.11 -15.35
N GLY B 356 13.64 25.36 -15.56
CA GLY B 356 13.60 23.91 -15.54
C GLY B 356 13.68 23.34 -16.94
N THR B 357 13.45 24.21 -17.93
CA THR B 357 13.42 23.80 -19.34
C THR B 357 14.43 24.64 -20.12
N ASP B 358 14.36 25.93 -19.83
CA ASP B 358 15.00 27.01 -20.56
C ASP B 358 16.17 27.57 -19.75
N ARG B 359 16.05 27.48 -18.44
CA ARG B 359 16.91 28.21 -17.50
C ARG B 359 17.28 27.36 -16.31
N ILE B 360 18.44 27.63 -15.71
CA ILE B 360 18.83 26.99 -14.47
C ILE B 360 19.19 28.06 -13.45
N LEU B 361 19.27 27.64 -12.18
CA LEU B 361 19.59 28.56 -11.10
C LEU B 361 20.81 28.07 -10.34
N LEU B 362 21.78 28.96 -10.13
CA LEU B 362 22.98 28.62 -9.40
C LEU B 362 23.15 29.58 -8.23
N GLU B 363 23.21 29.06 -7.02
CA GLU B 363 23.33 29.92 -5.84
C GLU B 363 24.73 29.84 -5.29
N ARG B 364 25.33 30.99 -4.97
CA ARG B 364 26.63 31.08 -4.33
C ARG B 364 26.77 32.49 -3.76
N VAL B 365 27.64 32.68 -2.80
CA VAL B 365 27.94 34.00 -2.28
C VAL B 365 28.71 34.85 -3.31
N TRP B 366 28.65 36.19 -3.17
CA TRP B 366 29.43 37.10 -4.03
C TRP B 366 30.89 36.61 -4.08
N PRO B 367 31.45 36.59 -5.30
CA PRO B 367 32.75 35.95 -5.59
C PRO B 367 33.91 36.48 -4.73
N SER B 374 28.18 45.50 0.47
CA SER B 374 26.84 45.79 0.98
C SER B 374 25.79 45.53 -0.09
N PHE B 375 24.55 45.35 0.35
CA PHE B 375 23.43 45.17 -0.58
C PHE B 375 23.39 46.27 -1.65
N ALA B 376 23.29 47.52 -1.21
CA ALA B 376 23.17 48.67 -2.12
C ALA B 376 24.34 48.76 -3.10
N GLY B 377 25.53 48.43 -2.63
CA GLY B 377 26.71 48.46 -3.47
C GLY B 377 26.65 47.37 -4.52
N ALA B 378 26.18 46.20 -4.10
CA ALA B 378 26.07 45.07 -5.02
C ALA B 378 25.06 45.40 -6.10
N LEU B 379 23.93 45.99 -5.71
CA LEU B 379 22.89 46.34 -6.66
C LEU B 379 23.44 47.30 -7.71
N THR B 380 24.14 48.32 -7.25
CA THR B 380 24.72 49.34 -8.13
C THR B 380 25.68 48.78 -9.19
N ARG B 381 26.62 47.96 -8.74
CA ARG B 381 27.63 47.42 -9.66
C ARG B 381 27.03 46.44 -10.64
N LEU B 382 26.14 45.59 -10.14
CA LEU B 382 25.46 44.64 -11.00
C LEU B 382 24.62 45.37 -12.05
N ARG B 383 23.88 46.38 -11.61
CA ARG B 383 23.06 47.17 -12.52
C ARG B 383 23.95 47.90 -13.54
N ASP B 384 24.99 48.57 -13.04
CA ASP B 384 25.85 49.41 -13.90
C ASP B 384 26.58 48.55 -14.94
N SER B 385 27.01 47.36 -14.54
CA SER B 385 27.72 46.46 -15.45
C SER B 385 26.78 45.70 -16.39
N GLY B 386 25.50 45.62 -16.04
CA GLY B 386 24.54 44.87 -16.82
C GLY B 386 24.44 43.38 -16.47
N HIS B 387 25.15 42.98 -15.41
CA HIS B 387 25.11 41.61 -14.92
C HIS B 387 23.90 41.31 -14.02
N LEU B 388 23.29 42.36 -13.49
CA LEU B 388 22.06 42.24 -12.70
C LEU B 388 21.01 41.49 -13.48
N TYR B 389 20.23 40.64 -12.81
CA TYR B 389 19.18 39.88 -13.47
C TYR B 389 18.21 40.82 -14.19
N ASP B 390 17.89 40.48 -15.42
CA ASP B 390 17.05 41.32 -16.28
C ASP B 390 15.83 40.53 -16.69
N PRO B 391 14.63 40.95 -16.26
CA PRO B 391 13.41 40.21 -16.56
C PRO B 391 13.21 40.03 -18.04
N GLU B 392 13.74 40.97 -18.82
CA GLU B 392 13.62 40.94 -20.26
C GLU B 392 14.36 39.78 -20.88
N THR B 393 15.55 39.52 -20.37
CA THR B 393 16.39 38.49 -20.96
C THR B 393 16.27 37.20 -20.17
N ARG B 394 15.69 37.30 -18.97
CA ARG B 394 15.68 36.18 -18.02
C ARG B 394 17.11 35.67 -17.79
N ARG B 395 18.07 36.60 -17.75
CA ARG B 395 19.46 36.26 -17.48
C ARG B 395 20.10 37.20 -16.46
N GLY B 396 21.07 36.67 -15.70
CA GLY B 396 21.87 37.48 -14.79
C GLY B 396 21.72 37.11 -13.32
N ALA B 397 22.27 37.96 -12.46
CA ALA B 397 22.33 37.67 -11.04
C ALA B 397 21.18 38.29 -10.29
N VAL B 398 20.51 37.46 -9.51
CA VAL B 398 19.50 37.91 -8.55
C VAL B 398 20.14 38.05 -7.18
N ILE B 399 19.84 39.15 -6.49
CA ILE B 399 20.33 39.28 -5.13
C ILE B 399 19.31 38.61 -4.20
N LEU B 400 19.68 37.44 -3.70
CA LEU B 400 18.81 36.63 -2.84
C LEU B 400 18.67 37.16 -1.43
N ALA B 401 19.79 37.63 -0.88
CA ALA B 401 19.83 38.06 0.51
C ALA B 401 20.79 39.23 0.66
N ALA B 402 20.39 40.19 1.49
CA ALA B 402 21.25 41.33 1.83
C ALA B 402 22.53 40.88 2.47
N TYR B 403 22.47 39.75 3.18
CA TYR B 403 23.63 39.29 3.92
C TYR B 403 23.44 37.85 4.42
N ASN B 404 24.53 37.09 4.39
CA ASN B 404 24.62 35.74 4.97
C ASN B 404 25.77 35.76 5.99
N THR B 405 25.54 35.19 7.17
CA THR B 405 26.55 35.28 8.23
C THR B 405 27.60 34.15 8.18
N HIS B 406 27.24 32.99 7.64
CA HIS B 406 28.24 31.92 7.57
C HIS B 406 28.99 31.95 6.23
N ARG B 407 28.58 32.84 5.31
CA ARG B 407 29.37 33.07 4.10
C ARG B 407 29.90 34.49 4.07
N LYS B 408 29.40 35.31 4.99
CA LYS B 408 29.93 36.66 5.21
C LYS B 408 29.90 37.53 3.94
N GLY B 409 28.72 37.64 3.33
CA GLY B 409 28.52 38.48 2.16
C GLY B 409 27.13 38.43 1.55
N VAL B 410 26.89 39.24 0.53
CA VAL B 410 25.62 39.24 -0.20
C VAL B 410 25.47 37.88 -0.90
N LEU B 412 23.94 35.59 -3.97
CA LEU B 412 23.50 35.75 -5.36
C LEU B 412 22.93 34.47 -5.96
N CYS B 413 21.98 34.63 -6.88
CA CYS B 413 21.48 33.51 -7.65
C CYS B 413 21.61 33.84 -9.14
N TYR B 414 22.50 33.14 -9.82
CA TYR B 414 22.70 33.31 -11.24
C TYR B 414 21.67 32.54 -12.06
N VAL B 415 20.93 33.25 -12.89
CA VAL B 415 19.99 32.65 -13.82
C VAL B 415 20.61 32.58 -15.20
N ALA B 416 20.76 31.36 -15.74
CA ALA B 416 21.39 31.22 -17.05
C ALA B 416 20.78 30.04 -17.82
N GLU B 417 21.15 29.91 -19.09
CA GLU B 417 20.70 28.78 -19.90
C GLU B 417 21.16 27.44 -19.37
N ASP B 418 22.37 27.39 -18.85
CA ASP B 418 22.91 26.15 -18.31
C ASP B 418 23.98 26.51 -17.31
N LEU B 419 24.55 25.49 -16.68
CA LEU B 419 25.57 25.70 -15.67
C LEU B 419 26.80 26.39 -16.23
N GLU B 420 27.22 26.01 -17.42
CA GLU B 420 28.43 26.60 -18.01
C GLU B 420 28.28 28.12 -18.13
N ALA B 421 27.10 28.56 -18.56
CA ALA B 421 26.80 29.98 -18.72
C ALA B 421 26.67 30.70 -17.39
N ALA B 422 26.08 30.02 -16.40
CA ALA B 422 26.02 30.57 -15.06
C ALA B 422 27.42 30.78 -14.50
N LEU B 423 28.31 29.83 -14.75
CA LEU B 423 29.68 29.92 -14.26
C LEU B 423 30.47 31.06 -14.96
N HIS B 424 30.21 31.28 -16.24
CA HIS B 424 30.82 32.44 -16.92
C HIS B 424 30.34 33.76 -16.31
N ARG B 425 29.03 33.84 -16.03
CA ARG B 425 28.46 35.05 -15.42
C ARG B 425 29.11 35.31 -14.07
N GLU B 426 29.31 34.25 -13.29
CA GLU B 426 29.90 34.42 -11.98
C GLU B 426 31.35 34.85 -12.07
N GLU B 427 32.09 34.25 -12.99
CA GLU B 427 33.47 34.67 -13.19
C GLU B 427 33.53 36.15 -13.58
N SER B 428 32.59 36.59 -14.40
CA SER B 428 32.56 38.00 -14.82
C SER B 428 32.26 38.92 -13.65
N VAL B 429 31.35 38.52 -12.78
CA VAL B 429 31.04 39.25 -11.59
C VAL B 429 32.24 39.31 -10.68
N SER B 430 33.02 38.26 -10.67
CA SER B 430 34.24 38.22 -9.89
C SER B 430 35.35 39.20 -10.30
N ARG B 431 35.41 39.53 -11.57
CA ARG B 431 36.48 40.41 -12.02
C ARG B 431 36.02 41.87 -12.08
N LEU B 432 34.83 42.14 -11.56
CA LEU B 432 34.27 43.50 -11.55
C LEU B 432 35.12 44.46 -10.71
N PHE B 433 35.57 43.97 -9.56
CA PHE B 433 36.36 44.76 -8.61
C PHE B 433 37.87 44.45 -8.71
N ARG C 2 -17.88 20.26 -15.38
CA ARG C 2 -17.61 18.83 -15.50
C ARG C 2 -18.49 18.29 -16.59
N LEU C 3 -18.01 17.23 -17.25
CA LEU C 3 -18.77 16.51 -18.25
C LEU C 3 -19.31 15.22 -17.60
N LEU C 4 -20.63 15.10 -17.54
CA LEU C 4 -21.29 13.97 -16.89
C LEU C 4 -21.90 13.12 -17.97
N VAL C 5 -21.51 11.86 -18.04
CA VAL C 5 -21.95 10.99 -19.11
C VAL C 5 -22.88 9.92 -18.57
N GLY C 6 -24.12 9.91 -19.04
CA GLY C 6 -25.11 8.96 -18.56
C GLY C 6 -25.16 7.66 -19.35
N ASN C 7 -24.06 6.93 -19.37
CA ASN C 7 -23.97 5.75 -20.24
C ASN C 7 -24.44 4.48 -19.53
N ASP C 8 -24.66 3.44 -20.35
CA ASP C 8 -25.26 2.20 -19.89
C ASP C 8 -24.22 1.09 -19.87
N TRP C 9 -24.64 -0.11 -19.48
CA TRP C 9 -23.81 -1.29 -19.46
C TRP C 9 -23.02 -1.36 -20.78
N SER C 10 -21.73 -1.67 -20.68
CA SER C 10 -20.85 -1.70 -21.83
C SER C 10 -21.39 -2.38 -23.07
N GLU C 11 -21.31 -1.67 -24.18
CA GLU C 11 -21.74 -2.17 -25.46
C GLU C 11 -20.82 -3.31 -25.90
N GLU C 12 -19.63 -3.37 -25.29
CA GLU C 12 -18.74 -4.48 -25.57
C GLU C 12 -19.28 -5.80 -25.02
N LEU C 13 -20.02 -5.73 -23.92
CA LEU C 13 -20.52 -6.95 -23.27
C LEU C 13 -21.89 -7.38 -23.75
N ALA C 14 -22.76 -6.41 -23.98
CA ALA C 14 -24.12 -6.71 -24.36
C ALA C 14 -24.73 -5.56 -25.15
N GLU C 15 -25.62 -5.90 -26.07
CA GLU C 15 -26.44 -4.93 -26.77
C GLU C 15 -27.52 -4.40 -25.82
N PRO C 16 -27.55 -3.07 -25.59
CA PRO C 16 -28.55 -2.53 -24.67
C PRO C 16 -29.88 -2.19 -25.36
N THR C 17 -30.53 -3.23 -25.88
CA THR C 17 -31.74 -3.05 -26.68
C THR C 17 -32.97 -2.73 -25.84
N GLY C 18 -32.98 -3.16 -24.58
CA GLY C 18 -34.14 -2.97 -23.73
C GLY C 18 -34.20 -1.59 -23.08
N SER C 19 -33.05 -0.92 -23.04
CA SER C 19 -32.90 0.38 -22.36
C SER C 19 -33.89 1.43 -22.85
N THR C 20 -34.51 2.15 -21.92
CA THR C 20 -35.48 3.18 -22.28
C THR C 20 -34.98 4.59 -21.91
N GLY C 21 -33.81 4.68 -21.29
CA GLY C 21 -33.26 5.98 -20.91
C GLY C 21 -33.78 6.57 -19.61
N TRP C 22 -34.49 5.74 -18.84
CA TRP C 22 -35.04 6.20 -17.56
C TRP C 22 -33.99 6.08 -16.45
N ALA C 23 -33.36 4.90 -16.34
CA ALA C 23 -32.44 4.60 -15.25
C ALA C 23 -31.25 5.55 -15.17
N VAL C 24 -30.67 5.93 -16.31
CA VAL C 24 -29.48 6.79 -16.27
C VAL C 24 -29.81 8.24 -15.94
N GLN C 25 -31.09 8.59 -15.88
CA GLN C 25 -31.42 9.95 -15.47
C GLN C 25 -31.00 10.25 -14.02
N ARG C 26 -30.55 9.22 -13.30
CA ARG C 26 -29.99 9.42 -11.97
C ARG C 26 -28.72 10.29 -12.02
N LEU C 27 -28.12 10.39 -13.20
CA LEU C 27 -26.99 11.30 -13.44
C LEU C 27 -27.26 12.71 -12.88
N VAL C 28 -28.51 13.14 -12.96
CA VAL C 28 -28.87 14.49 -12.52
C VAL C 28 -28.49 14.75 -11.06
N TRP C 29 -28.56 13.73 -10.21
CA TRP C 29 -28.19 13.88 -8.81
C TRP C 29 -26.73 14.31 -8.62
N PHE C 30 -25.86 13.86 -9.53
CA PHE C 30 -24.45 14.17 -9.40
C PHE C 30 -24.11 15.57 -9.92
N ALA C 31 -25.03 16.17 -10.66
CA ALA C 31 -24.77 17.47 -11.29
C ALA C 31 -24.46 18.58 -10.29
N ARG C 32 -23.42 19.36 -10.60
CA ARG C 32 -23.05 20.55 -9.82
C ARG C 32 -23.08 21.78 -10.73
N ASP C 33 -22.94 22.99 -10.17
CA ASP C 33 -23.13 24.22 -10.95
C ASP C 33 -22.29 24.23 -12.22
N GLY C 34 -22.95 24.46 -13.36
CA GLY C 34 -22.28 24.67 -14.63
C GLY C 34 -21.96 23.40 -15.41
N ASP C 35 -22.33 22.25 -14.85
CA ASP C 35 -22.00 20.98 -15.48
C ASP C 35 -22.76 20.75 -16.77
N VAL C 36 -22.22 19.88 -17.60
CA VAL C 36 -22.85 19.54 -18.86
C VAL C 36 -23.16 18.05 -18.83
N LEU C 37 -24.39 17.71 -19.18
CA LEU C 37 -24.90 16.34 -19.01
C LEU C 37 -25.23 15.70 -20.35
N VAL C 38 -24.65 14.54 -20.60
CA VAL C 38 -24.99 13.77 -21.79
C VAL C 38 -25.94 12.65 -21.40
N LEU C 39 -27.15 12.67 -21.97
CA LEU C 39 -28.17 11.68 -21.65
C LEU C 39 -28.81 11.15 -22.93
N PRO C 40 -29.24 9.87 -22.92
CA PRO C 40 -29.89 9.31 -24.11
C PRO C 40 -31.27 9.90 -24.35
N VAL C 41 -31.94 10.31 -23.28
CA VAL C 41 -33.27 10.88 -23.37
C VAL C 41 -33.34 12.09 -22.45
N ALA C 42 -33.84 13.21 -22.98
CA ALA C 42 -34.00 14.42 -22.16
C ALA C 42 -34.92 14.15 -20.98
N PRO C 43 -34.47 14.48 -19.76
CA PRO C 43 -35.31 14.46 -18.57
C PRO C 43 -36.43 15.48 -18.64
N GLN C 44 -37.56 15.15 -18.05
CA GLN C 44 -38.64 16.11 -17.91
C GLN C 44 -38.16 17.27 -17.05
N GLU C 45 -38.50 18.50 -17.46
CA GLU C 45 -38.06 19.69 -16.75
C GLU C 45 -38.45 19.65 -15.26
N GLU C 46 -39.58 19.03 -14.95
CA GLU C 46 -40.06 18.99 -13.57
C GLU C 46 -39.17 18.10 -12.69
N PHE C 47 -38.64 17.03 -13.27
CA PHE C 47 -37.69 16.19 -12.57
C PHE C 47 -36.39 16.97 -12.33
N LEU C 48 -35.87 17.60 -13.38
CA LEU C 48 -34.67 18.40 -13.24
C LEU C 48 -34.82 19.45 -12.16
N ALA C 49 -35.94 20.17 -12.20
CA ALA C 49 -36.20 21.22 -11.23
C ALA C 49 -36.22 20.67 -9.81
N TYR C 50 -36.87 19.52 -9.62
CA TYR C 50 -36.99 18.95 -8.27
C TYR C 50 -35.64 18.53 -7.72
N VAL C 51 -34.90 17.75 -8.48
CA VAL C 51 -33.61 17.27 -8.00
C VAL C 51 -32.69 18.45 -7.66
N THR C 52 -32.54 19.40 -8.58
CA THR C 52 -31.61 20.50 -8.35
C THR C 52 -32.06 21.38 -7.17
N SER C 53 -33.37 21.48 -6.95
CA SER C 53 -33.88 22.16 -5.75
C SER C 53 -33.29 21.55 -4.49
N LEU C 54 -33.17 20.23 -4.47
CA LEU C 54 -32.68 19.55 -3.30
C LEU C 54 -31.16 19.64 -3.17
N THR C 55 -30.45 19.52 -4.30
CA THR C 55 -28.99 19.47 -4.25
C THR C 55 -28.39 20.86 -4.11
N GLY C 56 -29.16 21.89 -4.45
CA GLY C 56 -28.63 23.24 -4.36
C GLY C 56 -27.98 23.72 -5.64
N THR C 57 -27.96 22.86 -6.66
CA THR C 57 -27.40 23.21 -7.96
C THR C 57 -28.34 24.10 -8.76
N ARG C 58 -27.81 25.18 -9.33
CA ARG C 58 -28.65 26.10 -10.10
C ARG C 58 -29.01 25.49 -11.45
N ARG C 59 -30.30 25.21 -11.65
CA ARG C 59 -30.77 24.50 -12.83
C ARG C 59 -30.32 25.19 -14.13
N SER C 60 -30.43 26.51 -14.15
CA SER C 60 -30.08 27.28 -15.34
C SER C 60 -28.59 27.27 -15.69
N SER C 61 -27.74 26.85 -14.77
CA SER C 61 -26.31 26.74 -15.04
C SER C 61 -25.98 25.45 -15.78
N LEU C 62 -26.92 24.52 -15.79
CA LEU C 62 -26.72 23.22 -16.40
C LEU C 62 -27.08 23.22 -17.87
N THR C 63 -26.40 22.37 -18.63
CA THR C 63 -26.79 22.08 -19.98
C THR C 63 -26.97 20.58 -20.15
N VAL C 64 -28.06 20.19 -20.80
CA VAL C 64 -28.29 18.78 -21.14
C VAL C 64 -28.08 18.60 -22.64
N VAL C 65 -27.33 17.58 -23.04
CA VAL C 65 -27.06 17.35 -24.45
C VAL C 65 -27.48 15.93 -24.82
N VAL C 66 -28.46 15.82 -25.70
CA VAL C 66 -29.00 14.53 -26.11
C VAL C 66 -28.58 14.22 -27.55
N PRO C 67 -27.77 13.17 -27.77
CA PRO C 67 -27.40 12.80 -29.14
C PRO C 67 -28.62 12.48 -29.99
N PRO C 68 -28.50 12.63 -31.31
CA PRO C 68 -29.52 12.07 -32.21
C PRO C 68 -29.70 10.57 -31.92
N PRO C 69 -30.84 9.98 -32.32
CA PRO C 69 -31.01 8.53 -32.12
C PRO C 69 -29.95 7.75 -32.88
N GLY C 70 -29.66 6.53 -32.44
CA GLY C 70 -28.66 5.69 -33.09
C GLY C 70 -29.26 4.39 -33.60
N ARG C 71 -28.42 3.40 -33.88
CA ARG C 71 -28.85 2.15 -34.50
C ARG C 71 -29.79 1.33 -33.61
N LEU C 72 -29.74 1.57 -32.30
CA LEU C 72 -30.64 0.87 -31.40
C LEU C 72 -31.75 1.76 -30.88
N GLY C 73 -31.92 2.93 -31.49
CA GLY C 73 -32.95 3.84 -31.04
C GLY C 73 -32.38 4.92 -30.14
N ALA C 74 -33.17 5.36 -29.17
CA ALA C 74 -32.79 6.49 -28.31
C ALA C 74 -32.54 6.10 -26.85
N GLY C 75 -32.81 4.85 -26.51
CA GLY C 75 -32.79 4.44 -25.11
C GLY C 75 -31.43 4.39 -24.42
N ALA C 76 -30.35 4.30 -25.18
CA ALA C 76 -29.02 4.20 -24.59
C ALA C 76 -28.00 4.98 -25.39
N LEU C 77 -26.91 5.37 -24.73
CA LEU C 77 -25.81 6.01 -25.43
C LEU C 77 -24.90 4.96 -26.09
N THR C 78 -25.34 4.48 -27.25
CA THR C 78 -24.51 3.58 -28.05
C THR C 78 -23.34 4.36 -28.67
N ALA C 79 -22.30 3.65 -29.09
CA ALA C 79 -21.07 4.30 -29.53
C ALA C 79 -21.31 5.21 -30.74
N ASP C 80 -22.22 4.81 -31.61
CA ASP C 80 -22.48 5.59 -32.81
C ASP C 80 -23.14 6.93 -32.47
N ARG C 81 -23.90 6.97 -31.38
CA ARG C 81 -24.51 8.22 -30.93
C ARG C 81 -23.44 9.16 -30.37
N LEU C 82 -22.53 8.62 -29.58
CA LEU C 82 -21.50 9.43 -28.97
C LEU C 82 -20.46 9.89 -29.97
N ALA C 83 -20.39 9.24 -31.13
CA ALA C 83 -19.41 9.64 -32.15
C ALA C 83 -20.05 10.48 -33.24
N ASP C 84 -21.36 10.67 -33.16
CA ASP C 84 -22.09 11.44 -34.16
C ASP C 84 -21.57 12.88 -34.20
N PRO C 85 -21.14 13.34 -35.39
CA PRO C 85 -20.61 14.71 -35.48
C PRO C 85 -21.63 15.76 -35.07
N ARG C 86 -22.93 15.51 -35.27
CA ARG C 86 -23.94 16.46 -34.83
C ARG C 86 -24.01 16.55 -33.32
N PHE C 87 -23.82 15.42 -32.66
CA PHE C 87 -23.76 15.42 -31.21
C PHE C 87 -22.51 16.13 -30.71
N LEU C 88 -21.36 15.86 -31.33
CA LEU C 88 -20.10 16.42 -30.87
C LEU C 88 -20.07 17.93 -31.08
N ALA C 89 -20.72 18.37 -32.15
CA ALA C 89 -20.85 19.80 -32.40
C ALA C 89 -21.72 20.46 -31.32
N ALA C 90 -22.86 19.84 -31.00
CA ALA C 90 -23.75 20.38 -29.96
C ALA C 90 -23.04 20.39 -28.62
N LEU C 91 -22.23 19.35 -28.38
CA LEU C 91 -21.53 19.25 -27.10
C LEU C 91 -20.49 20.36 -26.96
N ARG C 92 -19.78 20.66 -28.03
CA ARG C 92 -18.82 21.77 -27.99
C ARG C 92 -19.53 23.09 -27.77
N GLU C 93 -20.73 23.23 -28.30
CA GLU C 93 -21.51 24.44 -28.05
C GLU C 93 -21.96 24.55 -26.60
N ALA C 94 -22.29 23.41 -25.98
CA ALA C 94 -22.66 23.40 -24.58
C ALA C 94 -21.51 23.89 -23.71
N PHE C 95 -20.29 23.46 -24.03
CA PHE C 95 -19.11 23.93 -23.29
C PHE C 95 -18.90 25.43 -23.50
N ALA C 96 -19.26 25.90 -24.70
CA ALA C 96 -19.05 27.32 -25.06
C ALA C 96 -17.65 27.81 -24.70
N GLY C 97 -16.65 26.98 -24.94
CA GLY C 97 -15.27 27.39 -24.74
C GLY C 97 -14.69 27.06 -23.39
N ARG C 98 -15.53 26.64 -22.44
CA ARG C 98 -15.04 26.22 -21.14
C ARG C 98 -14.24 24.95 -21.29
N PRO C 99 -13.11 24.84 -20.57
CA PRO C 99 -12.37 23.57 -20.55
C PRO C 99 -13.08 22.54 -19.68
N VAL C 100 -12.97 21.27 -20.03
CA VAL C 100 -13.51 20.19 -19.19
C VAL C 100 -12.61 19.98 -17.97
N HIS C 101 -13.16 20.16 -16.79
CA HIS C 101 -12.38 19.99 -15.58
C HIS C 101 -12.29 18.51 -15.19
N GLU C 102 -13.43 17.83 -15.16
CA GLU C 102 -13.45 16.39 -14.92
C GLU C 102 -14.50 15.72 -15.78
N VAL C 103 -14.25 14.47 -16.18
CA VAL C 103 -15.27 13.66 -16.80
C VAL C 103 -15.78 12.65 -15.77
N PHE C 104 -17.10 12.57 -15.62
CA PHE C 104 -17.72 11.54 -14.77
C PHE C 104 -18.69 10.71 -15.60
N ALA C 105 -18.51 9.40 -15.60
CA ALA C 105 -19.41 8.52 -16.35
C ALA C 105 -20.03 7.47 -15.43
N LEU C 106 -21.25 7.05 -15.75
CA LEU C 106 -21.92 6.06 -14.92
C LEU C 106 -21.26 4.69 -15.08
N TRP C 107 -20.64 4.46 -16.24
CA TRP C 107 -20.05 3.15 -16.51
C TRP C 107 -18.65 3.34 -17.13
N PRO C 108 -17.65 2.68 -16.55
CA PRO C 108 -16.25 2.92 -16.95
C PRO C 108 -15.91 2.19 -18.26
N ASP C 109 -16.37 2.75 -19.38
CA ASP C 109 -16.23 2.12 -20.69
C ASP C 109 -15.27 2.86 -21.62
N ALA C 110 -14.76 2.14 -22.62
CA ALA C 110 -13.89 2.74 -23.62
C ALA C 110 -14.60 3.86 -24.40
N VAL C 111 -15.92 3.79 -24.55
CA VAL C 111 -16.60 4.86 -25.30
C VAL C 111 -16.49 6.19 -24.55
N VAL C 112 -16.27 6.14 -23.24
CA VAL C 112 -16.06 7.37 -22.50
C VAL C 112 -14.66 7.96 -22.81
N ALA C 113 -13.63 7.10 -22.90
CA ALA C 113 -12.32 7.57 -23.33
C ALA C 113 -12.37 8.05 -24.79
N ASP C 114 -13.18 7.37 -25.61
CA ASP C 114 -13.34 7.78 -27.00
C ASP C 114 -13.85 9.23 -27.08
N LEU C 115 -14.79 9.54 -26.20
CA LEU C 115 -15.41 10.85 -26.17
C LEU C 115 -14.41 11.88 -25.70
N ALA C 116 -13.72 11.58 -24.61
CA ALA C 116 -12.69 12.49 -24.10
C ALA C 116 -11.65 12.81 -25.17
N ASP C 117 -11.19 11.80 -25.90
CA ASP C 117 -10.19 12.00 -26.95
C ASP C 117 -10.74 12.86 -28.06
N ALA C 118 -11.97 12.57 -28.46
CA ALA C 118 -12.67 13.32 -29.49
C ALA C 118 -12.75 14.79 -29.10
N LEU C 119 -12.98 15.06 -27.81
CA LEU C 119 -13.14 16.42 -27.31
C LEU C 119 -11.80 17.06 -27.03
N GLY C 120 -10.75 16.25 -27.05
CA GLY C 120 -9.43 16.78 -26.75
C GLY C 120 -9.23 17.04 -25.28
N CYS C 121 -9.95 16.32 -24.41
CA CYS C 121 -9.74 16.44 -22.97
C CYS C 121 -9.43 15.11 -22.25
N PRO C 122 -8.47 14.32 -22.76
CA PRO C 122 -8.22 13.03 -22.10
C PRO C 122 -7.69 13.19 -20.68
N GLU C 123 -7.04 14.32 -20.41
CA GLU C 123 -6.50 14.58 -19.09
C GLU C 123 -7.62 14.82 -18.06
N ALA C 124 -8.82 15.15 -18.53
CA ALA C 124 -9.97 15.36 -17.64
C ALA C 124 -10.56 14.04 -17.14
N LEU C 125 -10.17 12.94 -17.78
CA LEU C 125 -10.70 11.63 -17.44
C LEU C 125 -9.66 10.80 -16.71
N GLU C 126 -9.80 10.67 -15.40
CA GLU C 126 -8.90 9.81 -14.63
C GLU C 126 -9.02 8.38 -15.11
N GLY C 127 -7.88 7.75 -15.34
CA GLY C 127 -7.84 6.39 -15.84
C GLY C 127 -8.07 6.32 -17.33
N HIS C 128 -7.90 7.44 -18.01
CA HIS C 128 -8.14 7.51 -19.45
C HIS C 128 -7.43 6.40 -20.23
N ASP C 129 -6.14 6.24 -20.02
CA ASP C 129 -5.37 5.29 -20.83
C ASP C 129 -5.85 3.84 -20.60
N PHE C 130 -6.05 3.51 -19.33
CA PHE C 130 -6.60 2.22 -18.91
C PHE C 130 -7.92 1.93 -19.63
N LEU C 131 -8.82 2.90 -19.64
CA LEU C 131 -10.10 2.78 -20.34
C LEU C 131 -9.99 2.61 -21.86
N THR C 132 -9.03 3.28 -22.50
CA THR C 132 -8.88 3.10 -23.94
C THR C 132 -8.62 1.63 -24.28
N GLN C 133 -7.98 0.92 -23.36
CA GLN C 133 -7.70 -0.51 -23.55
C GLN C 133 -8.77 -1.38 -22.88
N SER C 134 -9.94 -0.79 -22.67
CA SER C 134 -11.10 -1.54 -22.18
C SER C 134 -10.86 -2.17 -20.80
N GLY C 135 -9.96 -1.56 -20.04
CA GLY C 135 -9.63 -2.04 -18.72
C GLY C 135 -10.83 -1.99 -17.77
N GLY C 136 -11.77 -1.09 -18.05
CA GLY C 136 -12.95 -0.91 -17.21
C GLY C 136 -13.77 -2.19 -17.07
N LEU C 137 -13.67 -3.06 -18.07
CA LEU C 137 -14.40 -4.32 -18.10
C LEU C 137 -14.06 -5.21 -16.91
N ILE C 138 -12.88 -5.02 -16.32
CA ILE C 138 -12.46 -5.87 -15.22
C ILE C 138 -13.41 -5.64 -14.03
N GLY C 139 -14.01 -4.45 -13.97
CA GLY C 139 -14.84 -4.09 -12.83
C GLY C 139 -16.18 -4.81 -12.84
N SER C 140 -16.44 -5.52 -13.94
CA SER C 140 -17.67 -6.25 -14.10
C SER C 140 -17.38 -7.75 -14.30
N SER C 141 -16.16 -8.17 -14.01
CA SER C 141 -15.77 -9.57 -14.19
C SER C 141 -15.73 -10.33 -12.86
N LYS C 142 -16.55 -11.36 -12.73
CA LYS C 142 -16.53 -12.19 -11.51
C LYS C 142 -15.28 -13.05 -11.46
N ALA C 143 -14.81 -13.51 -12.62
CA ALA C 143 -13.51 -14.18 -12.70
C ALA C 143 -12.41 -13.34 -12.10
N ALA C 144 -12.33 -12.07 -12.49
CA ALA C 144 -11.30 -11.19 -11.96
C ALA C 144 -11.51 -10.94 -10.47
N PHE C 145 -12.76 -10.75 -10.07
CA PHE C 145 -13.07 -10.66 -8.64
C PHE C 145 -12.45 -11.84 -7.86
N ARG C 146 -12.68 -13.06 -8.34
CA ARG C 146 -12.20 -14.23 -7.60
C ARG C 146 -10.68 -14.17 -7.41
N ALA C 147 -9.95 -13.87 -8.49
CA ALA C 147 -8.50 -13.80 -8.40
C ALA C 147 -8.02 -12.62 -7.54
N LEU C 148 -8.64 -11.46 -7.73
CA LEU C 148 -8.25 -10.28 -6.97
C LEU C 148 -8.48 -10.46 -5.46
N ALA C 149 -9.65 -10.98 -5.11
CA ALA C 149 -9.99 -11.18 -3.71
C ALA C 149 -9.04 -12.19 -3.07
N ALA C 150 -8.79 -13.29 -3.78
CA ALA C 150 -7.82 -14.29 -3.31
C ALA C 150 -6.45 -13.67 -3.11
N GLY C 151 -6.00 -12.89 -4.09
CA GLY C 151 -4.69 -12.28 -4.01
C GLY C 151 -4.64 -11.27 -2.88
N ALA C 152 -5.75 -10.59 -2.64
CA ALA C 152 -5.79 -9.54 -1.61
C ALA C 152 -6.06 -10.10 -0.19
N GLY C 153 -6.32 -11.40 -0.09
CA GLY C 153 -6.59 -12.02 1.20
C GLY C 153 -7.98 -11.70 1.72
N VAL C 154 -8.88 -11.36 0.80
CA VAL C 154 -10.25 -10.99 1.13
C VAL C 154 -11.16 -12.21 1.20
N ALA C 155 -11.91 -12.35 2.30
CA ALA C 155 -12.74 -13.53 2.55
C ALA C 155 -13.70 -13.84 1.39
N LEU C 156 -13.66 -15.10 0.98
CA LEU C 156 -14.28 -15.60 -0.24
C LEU C 156 -14.97 -16.94 0.01
N PRO C 157 -16.17 -17.17 -0.55
CA PRO C 157 -16.62 -18.55 -0.42
C PRO C 157 -15.70 -19.49 -1.19
N ALA C 158 -15.65 -20.75 -0.76
CA ALA C 158 -14.89 -21.78 -1.46
C ALA C 158 -15.34 -21.87 -2.92
N GLY C 159 -14.40 -22.09 -3.83
CA GLY C 159 -14.76 -22.24 -5.22
C GLY C 159 -13.62 -22.04 -6.21
N ALA C 160 -13.96 -21.81 -7.47
CA ALA C 160 -12.99 -21.76 -8.56
C ALA C 160 -13.55 -21.05 -9.80
N VAL C 161 -12.68 -20.79 -10.76
CA VAL C 161 -13.07 -20.21 -12.02
C VAL C 161 -12.79 -21.23 -13.12
N CYS C 162 -13.84 -21.65 -13.81
CA CYS C 162 -13.71 -22.79 -14.71
C CYS C 162 -13.92 -22.41 -16.16
N ALA C 163 -12.98 -22.83 -16.99
CA ALA C 163 -13.06 -22.57 -18.42
C ALA C 163 -13.75 -23.71 -19.17
N ASP C 164 -13.87 -24.86 -18.53
CA ASP C 164 -14.42 -26.02 -19.21
C ASP C 164 -15.26 -26.91 -18.29
N ARG C 165 -16.02 -27.82 -18.90
CA ARG C 165 -16.93 -28.68 -18.17
C ARG C 165 -16.19 -29.64 -17.24
N ARG C 166 -15.03 -30.10 -17.67
CA ARG C 166 -14.23 -31.04 -16.89
C ARG C 166 -13.92 -30.45 -15.51
N ARG C 167 -13.25 -29.30 -15.47
CA ARG C 167 -12.96 -28.66 -14.18
C ARG C 167 -14.22 -28.21 -13.44
N ALA C 168 -15.25 -27.79 -14.17
CA ALA C 168 -16.50 -27.39 -13.53
C ALA C 168 -17.09 -28.55 -12.75
N HIS C 169 -17.12 -29.72 -13.38
CA HIS C 169 -17.73 -30.90 -12.80
C HIS C 169 -17.03 -31.27 -11.50
N ARG C 170 -15.70 -31.28 -11.52
CA ARG C 170 -14.93 -31.59 -10.33
C ARG C 170 -15.29 -30.64 -9.18
N HIS C 171 -15.21 -29.34 -9.44
CA HIS C 171 -15.43 -28.35 -8.37
C HIS C 171 -16.87 -28.31 -7.88
N VAL C 172 -17.83 -28.51 -8.76
CA VAL C 172 -19.21 -28.60 -8.30
C VAL C 172 -19.37 -29.86 -7.41
N THR C 173 -18.88 -30.99 -7.88
CA THR C 173 -18.95 -32.24 -7.13
C THR C 173 -18.30 -32.14 -5.76
N ARG C 174 -17.09 -31.57 -5.71
CA ARG C 174 -16.39 -31.35 -4.45
C ARG C 174 -17.32 -30.64 -3.46
N LEU C 175 -17.93 -29.53 -3.90
CA LEU C 175 -18.75 -28.72 -3.00
C LEU C 175 -20.08 -29.39 -2.64
N LEU C 176 -20.72 -30.07 -3.59
CA LEU C 176 -21.97 -30.77 -3.29
C LEU C 176 -21.74 -31.92 -2.29
N ASP C 177 -20.63 -32.62 -2.44
CA ASP C 177 -20.33 -33.78 -1.58
C ASP C 177 -19.89 -33.36 -0.18
N GLU C 178 -19.90 -32.07 0.09
CA GLU C 178 -19.66 -31.57 1.44
C GLU C 178 -20.98 -31.22 2.12
N GLY C 179 -22.07 -31.28 1.37
CA GLY C 179 -23.38 -30.93 1.92
C GLY C 179 -23.90 -29.56 1.52
N SER C 180 -23.07 -28.79 0.81
CA SER C 180 -23.45 -27.43 0.40
C SER C 180 -24.07 -27.39 -0.97
N PRO C 181 -25.02 -26.47 -1.16
CA PRO C 181 -25.50 -26.13 -2.50
C PRO C 181 -24.44 -25.27 -3.21
N VAL C 182 -24.55 -25.16 -4.53
CA VAL C 182 -23.53 -24.49 -5.32
C VAL C 182 -24.18 -23.39 -6.15
N ILE C 183 -23.48 -22.27 -6.34
CA ILE C 183 -23.96 -21.28 -7.28
C ILE C 183 -22.95 -21.10 -8.44
N LEU C 184 -23.47 -21.15 -9.66
CA LEU C 184 -22.69 -20.92 -10.87
C LEU C 184 -22.99 -19.52 -11.38
N LYS C 185 -21.95 -18.80 -11.80
CA LYS C 185 -22.07 -17.39 -12.16
C LYS C 185 -21.40 -17.10 -13.50
N GLN C 186 -22.16 -16.52 -14.44
CA GLN C 186 -21.60 -16.02 -15.70
C GLN C 186 -20.57 -14.96 -15.35
N ASP C 187 -19.40 -15.05 -15.96
CA ASP C 187 -18.31 -14.10 -15.69
C ASP C 187 -18.80 -12.64 -15.71
N TYR C 188 -19.49 -12.26 -16.78
CA TYR C 188 -19.90 -10.88 -16.95
C TYR C 188 -21.40 -10.66 -16.74
N GLY C 189 -22.04 -11.58 -16.05
CA GLY C 189 -23.47 -11.48 -15.84
C GLY C 189 -23.84 -10.19 -15.11
N SER C 190 -24.95 -9.59 -15.51
CA SER C 190 -25.44 -8.44 -14.77
C SER C 190 -26.59 -8.89 -13.88
N GLY C 191 -26.35 -8.88 -12.58
CA GLY C 191 -27.38 -9.27 -11.64
C GLY C 191 -27.64 -10.77 -11.54
N SER C 192 -28.66 -11.11 -10.77
CA SER C 192 -28.92 -12.51 -10.43
C SER C 192 -29.36 -13.33 -11.65
N ASP C 193 -29.64 -12.66 -12.76
CA ASP C 193 -30.04 -13.34 -13.99
C ASP C 193 -28.90 -14.15 -14.63
N GLY C 194 -27.67 -13.87 -14.23
CA GLY C 194 -26.53 -14.58 -14.81
C GLY C 194 -26.12 -15.76 -13.96
N ASN C 195 -26.87 -16.05 -12.89
CA ASN C 195 -26.47 -17.10 -11.93
C ASN C 195 -27.52 -18.20 -11.74
N GLU C 196 -27.05 -19.42 -11.48
CA GLU C 196 -27.92 -20.53 -11.12
C GLU C 196 -27.38 -21.30 -9.94
N ILE C 197 -28.31 -21.77 -9.11
CA ILE C 197 -28.01 -22.57 -7.94
C ILE C 197 -28.24 -24.05 -8.21
N LEU C 198 -27.29 -24.86 -7.79
CA LEU C 198 -27.38 -26.31 -7.90
C LEU C 198 -27.44 -26.86 -6.48
N SER C 199 -28.27 -27.88 -6.26
CA SER C 199 -28.41 -28.44 -4.92
C SER C 199 -28.88 -29.91 -4.96
N ARG C 200 -28.56 -30.66 -3.90
CA ARG C 200 -29.13 -32.00 -3.74
C ARG C 200 -30.60 -31.93 -3.35
N THR C 201 -30.99 -30.83 -2.72
CA THR C 201 -32.33 -30.70 -2.17
C THR C 201 -33.10 -29.56 -2.81
N PRO C 202 -34.41 -29.74 -3.02
CA PRO C 202 -35.22 -28.66 -3.58
C PRO C 202 -35.67 -27.65 -2.53
N GLY C 203 -36.25 -26.55 -2.98
CA GLY C 203 -36.94 -25.63 -2.08
C GLY C 203 -36.12 -24.47 -1.55
N LEU C 204 -34.82 -24.43 -1.91
CA LEU C 204 -33.95 -23.34 -1.49
C LEU C 204 -34.48 -21.99 -1.94
N ALA C 205 -34.38 -21.00 -1.07
CA ALA C 205 -34.70 -19.62 -1.42
C ALA C 205 -33.76 -19.18 -2.54
N LEU C 206 -34.32 -18.62 -3.61
CA LEU C 206 -33.53 -18.20 -4.75
C LEU C 206 -33.00 -16.79 -4.57
N ARG C 207 -32.05 -16.65 -3.66
CA ARG C 207 -31.47 -15.34 -3.38
C ARG C 207 -30.23 -15.14 -4.23
N GLY C 208 -30.27 -14.18 -5.14
CA GLY C 208 -29.14 -13.93 -6.02
C GLY C 208 -28.95 -14.89 -7.19
N ALA C 209 -30.03 -15.55 -7.62
CA ALA C 209 -29.99 -16.39 -8.82
C ALA C 209 -31.35 -16.51 -9.49
N ARG C 210 -31.33 -16.97 -10.75
CA ARG C 210 -32.51 -17.04 -11.60
C ARG C 210 -33.26 -18.35 -11.44
N ALA C 211 -32.55 -19.39 -11.04
CA ALA C 211 -33.17 -20.72 -10.97
C ALA C 211 -32.38 -21.67 -10.07
N LEU C 212 -33.06 -22.74 -9.66
CA LEU C 212 -32.48 -23.81 -8.86
C LEU C 212 -32.54 -25.14 -9.64
N ARG C 213 -31.44 -25.89 -9.63
CA ARG C 213 -31.44 -27.19 -10.28
C ARG C 213 -31.08 -28.27 -9.26
N VAL C 214 -31.97 -29.23 -9.09
CA VAL C 214 -31.72 -30.33 -8.17
C VAL C 214 -31.01 -31.49 -8.87
N LEU C 215 -29.80 -31.80 -8.42
CA LEU C 215 -29.00 -32.84 -9.05
C LEU C 215 -28.64 -33.93 -8.04
N ALA C 216 -28.98 -35.17 -8.39
CA ALA C 216 -28.83 -36.28 -7.44
C ALA C 216 -27.44 -36.89 -7.42
N ASP C 217 -26.78 -36.96 -8.59
CA ASP C 217 -25.50 -37.66 -8.71
C ASP C 217 -24.64 -37.15 -9.87
N SER C 218 -23.45 -37.73 -10.01
CA SER C 218 -22.49 -37.33 -11.03
C SER C 218 -23.07 -37.30 -12.44
N ALA C 219 -23.97 -38.24 -12.74
CA ALA C 219 -24.60 -38.30 -14.05
C ALA C 219 -25.61 -37.17 -14.25
N ALA C 220 -26.33 -36.81 -13.19
CA ALA C 220 -27.26 -35.70 -13.25
C ALA C 220 -26.50 -34.40 -13.59
N LEU C 221 -25.35 -34.25 -12.97
CA LEU C 221 -24.45 -33.13 -13.22
C LEU C 221 -23.89 -33.14 -14.66
N ASP C 222 -23.55 -34.33 -15.17
CA ASP C 222 -23.08 -34.49 -16.54
C ASP C 222 -24.10 -33.91 -17.51
N ALA C 223 -25.33 -34.37 -17.34
CA ALA C 223 -26.46 -33.93 -18.15
C ALA C 223 -26.68 -32.43 -18.01
N TYR C 224 -26.67 -31.94 -16.76
CA TYR C 224 -26.90 -30.52 -16.54
C TYR C 224 -25.87 -29.67 -17.30
N LEU C 225 -24.60 -30.00 -17.14
CA LEU C 225 -23.53 -29.22 -17.78
C LEU C 225 -23.59 -29.31 -19.29
N ASP C 226 -23.89 -30.50 -19.81
CA ASP C 226 -23.99 -30.65 -21.25
C ASP C 226 -25.10 -29.75 -21.79
N GLU C 227 -26.20 -29.70 -21.07
CA GLU C 227 -27.35 -28.93 -21.51
C GLU C 227 -27.21 -27.42 -21.28
N ARG C 228 -26.46 -27.00 -20.29
CA ARG C 228 -26.45 -25.62 -19.89
C ARG C 228 -25.16 -24.84 -20.10
N TRP C 229 -24.10 -25.51 -20.49
CA TRP C 229 -22.79 -24.89 -20.56
C TRP C 229 -22.81 -23.71 -21.53
N ASP C 230 -23.54 -23.87 -22.63
CA ASP C 230 -23.58 -22.85 -23.67
C ASP C 230 -24.16 -21.54 -23.13
N TRP C 231 -25.25 -21.64 -22.38
CA TRP C 231 -25.80 -20.44 -21.74
C TRP C 231 -24.83 -19.89 -20.70
N LEU C 232 -24.26 -20.77 -19.88
CA LEU C 232 -23.36 -20.39 -18.80
C LEU C 232 -22.09 -19.66 -19.25
N THR C 233 -21.61 -20.02 -20.44
CA THR C 233 -20.40 -19.42 -21.00
C THR C 233 -20.70 -18.34 -22.02
N GLU C 234 -21.97 -18.02 -22.21
CA GLU C 234 -22.43 -17.14 -23.30
C GLU C 234 -21.89 -17.59 -24.65
N GLY C 235 -22.17 -18.84 -25.01
CA GLY C 235 -21.72 -19.38 -26.28
C GLY C 235 -20.22 -19.63 -26.34
N GLY C 236 -19.64 -20.08 -25.24
CA GLY C 236 -18.22 -20.38 -25.19
C GLY C 236 -17.32 -19.16 -25.07
N ARG C 237 -17.91 -17.98 -24.84
CA ARG C 237 -17.12 -16.75 -24.84
C ARG C 237 -16.39 -16.51 -23.52
N HIS C 238 -16.98 -16.95 -22.41
CA HIS C 238 -16.51 -16.56 -21.09
C HIS C 238 -16.49 -17.74 -20.12
N ARG C 239 -15.72 -17.58 -19.05
CA ARG C 239 -15.57 -18.61 -18.06
C ARG C 239 -16.74 -18.56 -17.05
N VAL C 240 -16.84 -19.60 -16.23
CA VAL C 240 -17.94 -19.73 -15.29
C VAL C 240 -17.38 -19.79 -13.87
N VAL C 241 -17.93 -18.99 -12.96
CA VAL C 241 -17.48 -19.04 -11.59
C VAL C 241 -18.28 -20.11 -10.87
N VAL C 242 -17.59 -20.93 -10.11
CA VAL C 242 -18.22 -22.01 -9.34
C VAL C 242 -17.93 -21.73 -7.90
N GLU C 243 -18.97 -21.52 -7.08
CA GLU C 243 -18.67 -21.36 -5.67
C GLU C 243 -19.78 -21.86 -4.73
N ARG C 244 -19.43 -21.97 -3.45
CA ARG C 244 -20.34 -22.47 -2.42
C ARG C 244 -21.45 -21.44 -2.21
N TYR C 245 -22.68 -21.93 -2.18
CA TYR C 245 -23.83 -21.07 -1.94
C TYR C 245 -24.25 -21.15 -0.48
N HIS C 246 -24.62 -20.01 0.11
CA HIS C 246 -24.98 -19.93 1.52
C HIS C 246 -26.42 -19.47 1.70
N PRO C 247 -27.36 -20.42 1.80
CA PRO C 247 -28.76 -19.97 1.91
C PRO C 247 -29.00 -19.27 3.25
N GLY C 248 -30.00 -18.41 3.30
CA GLY C 248 -30.34 -17.74 4.54
C GLY C 248 -29.45 -16.57 4.87
N SER C 249 -28.54 -16.23 3.94
CA SER C 249 -27.64 -15.09 4.13
C SER C 249 -28.30 -13.76 3.78
N ARG C 250 -27.89 -12.70 4.47
CA ARG C 250 -28.30 -11.34 4.10
C ARG C 250 -27.22 -10.73 3.23
N ALA C 251 -27.61 -9.82 2.34
CA ALA C 251 -26.69 -9.27 1.34
C ALA C 251 -26.35 -7.82 1.64
N TYR C 252 -25.06 -7.50 1.59
CA TYR C 252 -24.58 -6.18 1.93
C TYR C 252 -23.62 -5.67 0.85
N PHE C 253 -23.32 -4.39 0.91
CA PHE C 253 -22.35 -3.81 0.00
C PHE C 253 -21.56 -2.74 0.72
N ALA C 254 -20.31 -2.57 0.29
CA ALA C 254 -19.52 -1.42 0.64
C ALA C 254 -18.97 -0.85 -0.66
N GLU C 255 -19.23 0.43 -0.89
CA GLU C 255 -18.92 1.03 -2.17
C GLU C 255 -17.86 2.10 -2.00
N PHE C 256 -16.91 2.13 -2.93
CA PHE C 256 -15.76 3.01 -2.83
C PHE C 256 -15.57 3.87 -4.07
N TRP C 257 -14.92 5.00 -3.89
CA TRP C 257 -14.51 5.86 -4.98
C TRP C 257 -13.01 5.73 -5.13
N ILE C 258 -12.60 5.18 -6.26
CA ILE C 258 -11.19 4.96 -6.56
C ILE C 258 -10.70 6.06 -7.51
N SER C 259 -9.77 6.88 -7.04
CA SER C 259 -9.21 7.97 -7.84
C SER C 259 -7.70 7.81 -7.94
N ASP C 260 -7.01 8.72 -8.62
CA ASP C 260 -5.56 8.65 -8.69
C ASP C 260 -4.97 8.71 -7.29
N GLY C 261 -5.56 9.55 -6.46
CA GLY C 261 -5.12 9.72 -5.08
C GLY C 261 -5.37 8.55 -4.13
N GLY C 262 -6.27 7.64 -4.49
CA GLY C 262 -6.46 6.43 -3.69
C GLY C 262 -7.90 5.91 -3.59
N VAL C 263 -8.19 5.24 -2.48
CA VAL C 263 -9.47 4.60 -2.27
C VAL C 263 -10.22 5.34 -1.14
N ARG C 264 -11.39 5.87 -1.45
CA ARG C 264 -12.23 6.57 -0.47
C ARG C 264 -13.53 5.80 -0.23
N LEU C 265 -13.92 5.60 1.02
CA LEU C 265 -15.19 4.93 1.30
C LEU C 265 -16.35 5.83 0.91
N GLY C 266 -17.25 5.31 0.09
CA GLY C 266 -18.42 6.02 -0.29
C GLY C 266 -19.51 5.74 0.72
N GLY C 267 -19.91 4.48 0.81
CA GLY C 267 -20.90 4.10 1.83
C GLY C 267 -21.18 2.62 1.81
N HIS C 268 -21.99 2.17 2.77
CA HIS C 268 -22.34 0.77 2.80
C HIS C 268 -23.82 0.61 3.07
N GLY C 269 -24.35 -0.57 2.82
CA GLY C 269 -25.78 -0.79 2.98
C GLY C 269 -26.18 -2.25 2.92
N GLU C 270 -27.48 -2.51 3.04
CA GLU C 270 -28.02 -3.86 2.86
C GLU C 270 -29.03 -3.86 1.72
N ARG C 272 -32.16 -5.72 0.90
CA ARG C 272 -33.02 -6.53 1.79
C ARG C 272 -33.82 -7.58 1.03
N PRO C 277 -35.82 -8.66 -2.97
CA PRO C 277 -34.76 -7.70 -3.32
C PRO C 277 -35.32 -6.34 -3.72
N ASP C 278 -36.45 -5.98 -3.13
CA ASP C 278 -37.18 -4.80 -3.55
C ASP C 278 -36.78 -3.56 -2.74
N SER C 279 -35.88 -3.70 -1.76
CA SER C 279 -35.45 -2.53 -1.01
C SER C 279 -33.99 -2.58 -0.59
N GLN C 280 -33.43 -1.42 -0.26
CA GLN C 280 -32.11 -1.36 0.36
C GLN C 280 -32.09 -0.30 1.46
N VAL C 281 -31.17 -0.44 2.39
CA VAL C 281 -31.08 0.53 3.46
C VAL C 281 -29.63 0.92 3.70
N PRO C 283 -27.16 3.54 6.27
CA PRO C 283 -26.03 2.60 6.22
C PRO C 283 -26.41 1.17 6.59
N ALA C 284 -25.45 0.26 6.52
CA ALA C 284 -25.67 -1.16 6.81
C ALA C 284 -26.19 -1.40 8.23
N PRO C 285 -27.38 -1.98 8.34
CA PRO C 285 -27.98 -2.22 9.66
C PRO C 285 -27.72 -3.64 10.15
N ASP C 286 -27.80 -3.81 11.47
CA ASP C 286 -27.76 -5.11 12.13
C ASP C 286 -26.42 -5.80 12.04
N LEU C 287 -25.38 -5.07 11.66
CA LEU C 287 -24.03 -5.59 11.70
C LEU C 287 -23.39 -5.12 13.00
N ASP C 288 -22.70 -6.00 13.71
CA ASP C 288 -21.97 -5.52 14.88
C ASP C 288 -20.66 -4.88 14.41
N GLN C 289 -19.85 -4.42 15.36
CA GLN C 289 -18.65 -3.67 15.06
C GLN C 289 -17.66 -4.46 14.20
N ALA C 290 -17.51 -5.74 14.53
CA ALA C 290 -16.56 -6.62 13.87
C ALA C 290 -16.98 -6.92 12.43
N GLN C 291 -18.29 -7.06 12.23
CA GLN C 291 -18.83 -7.35 10.90
C GLN C 291 -18.73 -6.15 9.99
N LEU C 292 -19.05 -4.96 10.51
CA LEU C 292 -18.95 -3.74 9.73
C LEU C 292 -17.51 -3.48 9.33
N ASP C 293 -16.60 -3.73 10.26
CA ASP C 293 -15.19 -3.57 10.00
C ASP C 293 -14.75 -4.53 8.91
N ASP C 294 -15.24 -5.76 8.96
CA ASP C 294 -14.90 -6.77 7.96
C ASP C 294 -15.46 -6.40 6.58
N LEU C 295 -16.67 -5.87 6.57
CA LEU C 295 -17.31 -5.47 5.33
C LEU C 295 -16.50 -4.37 4.63
N VAL C 296 -16.12 -3.34 5.38
CA VAL C 296 -15.47 -2.16 4.80
C VAL C 296 -14.01 -2.41 4.50
N GLU C 297 -13.30 -3.08 5.41
CA GLU C 297 -11.89 -3.33 5.22
C GLU C 297 -11.66 -4.33 4.09
N GLY C 298 -12.52 -5.35 4.00
CA GLY C 298 -12.43 -6.30 2.90
C GLY C 298 -12.62 -5.60 1.56
N GLY C 299 -13.66 -4.77 1.46
CA GLY C 299 -13.91 -4.00 0.25
C GLY C 299 -12.76 -3.07 -0.10
N ARG C 300 -12.25 -2.40 0.92
CA ARG C 300 -11.11 -1.50 0.74
C ARG C 300 -9.87 -2.24 0.21
N ARG C 301 -9.58 -3.43 0.73
CA ARG C 301 -8.39 -4.17 0.26
C ARG C 301 -8.53 -4.61 -1.18
N LEU C 302 -9.75 -5.00 -1.56
CA LEU C 302 -10.04 -5.31 -2.94
C LEU C 302 -9.83 -4.06 -3.81
N CYS C 303 -10.31 -2.92 -3.33
CA CYS C 303 -10.21 -1.68 -4.08
C CYS C 303 -8.77 -1.19 -4.21
N VAL C 304 -7.94 -1.50 -3.21
CA VAL C 304 -6.53 -1.14 -3.29
C VAL C 304 -5.87 -1.88 -4.47
N ALA C 305 -6.24 -3.15 -4.67
CA ALA C 305 -5.66 -3.92 -5.77
C ALA C 305 -6.17 -3.40 -7.13
N LEU C 306 -7.45 -3.07 -7.19
CA LEU C 306 -8.01 -2.56 -8.43
C LEU C 306 -7.39 -1.22 -8.77
N HIS C 307 -7.13 -0.42 -7.74
CA HIS C 307 -6.48 0.86 -7.89
C HIS C 307 -5.09 0.68 -8.49
N ALA C 308 -4.32 -0.24 -7.91
CA ALA C 308 -2.96 -0.48 -8.36
C ALA C 308 -2.90 -0.94 -9.82
N LEU C 309 -3.91 -1.68 -10.27
CA LEU C 309 -3.89 -2.17 -11.65
C LEU C 309 -4.40 -1.12 -12.63
N GLY C 310 -4.98 -0.01 -12.13
CA GLY C 310 -5.36 1.10 -12.98
C GLY C 310 -6.84 1.49 -13.02
N TYR C 311 -7.69 0.71 -12.36
CA TYR C 311 -9.11 1.02 -12.35
C TYR C 311 -9.33 2.38 -11.68
N ARG C 312 -10.20 3.18 -12.27
CA ARG C 312 -10.61 4.46 -11.67
C ARG C 312 -12.12 4.60 -11.82
N GLY C 313 -12.79 5.02 -10.75
CA GLY C 313 -14.25 5.16 -10.80
C GLY C 313 -14.91 4.62 -9.52
N VAL C 314 -16.18 4.26 -9.61
CA VAL C 314 -16.91 3.74 -8.45
C VAL C 314 -16.76 2.22 -8.41
N LEU C 315 -16.64 1.67 -7.21
CA LEU C 315 -16.52 0.22 -7.08
C LEU C 315 -17.33 -0.23 -5.90
N SER C 316 -18.34 -1.05 -6.17
CA SER C 316 -19.17 -1.61 -5.12
C SER C 316 -18.78 -3.06 -4.87
N ALA C 317 -18.36 -3.34 -3.65
CA ALA C 317 -18.00 -4.70 -3.23
C ALA C 317 -19.22 -5.33 -2.54
N ASP C 318 -19.70 -6.44 -3.09
CA ASP C 318 -20.87 -7.12 -2.55
C ASP C 318 -20.47 -8.29 -1.68
N ALA C 319 -21.22 -8.49 -0.59
CA ALA C 319 -20.90 -9.55 0.32
C ALA C 319 -22.17 -10.16 0.88
N VAL C 320 -22.03 -11.34 1.49
CA VAL C 320 -23.10 -11.89 2.30
C VAL C 320 -22.59 -12.07 3.71
N VAL C 321 -23.52 -12.03 4.65
CA VAL C 321 -23.25 -12.39 6.03
C VAL C 321 -24.00 -13.69 6.26
N THR C 322 -23.26 -14.76 6.46
CA THR C 322 -23.83 -16.08 6.67
C THR C 322 -24.60 -16.14 8.00
N PRO C 323 -25.48 -17.13 8.16
CA PRO C 323 -26.16 -17.28 9.45
C PRO C 323 -25.17 -17.36 10.62
N ALA C 324 -23.98 -17.89 10.38
CA ALA C 324 -22.93 -17.90 11.40
C ALA C 324 -22.28 -16.52 11.63
N GLY C 325 -22.66 -15.52 10.83
CA GLY C 325 -22.17 -14.16 11.03
C GLY C 325 -20.89 -13.82 10.30
N GLU C 326 -20.46 -14.69 9.41
CA GLU C 326 -19.22 -14.48 8.67
C GLU C 326 -19.46 -13.64 7.40
N VAL C 327 -18.59 -12.64 7.19
CA VAL C 327 -18.71 -11.77 6.02
C VAL C 327 -17.90 -12.36 4.88
N LEU C 328 -18.57 -12.72 3.80
CA LEU C 328 -17.91 -13.28 2.62
C LEU C 328 -18.26 -12.43 1.40
N PHE C 329 -17.24 -12.01 0.66
CA PHE C 329 -17.46 -11.23 -0.55
C PHE C 329 -17.76 -12.13 -1.75
N THR C 330 -18.71 -11.70 -2.58
CA THR C 330 -19.23 -12.53 -3.66
C THR C 330 -19.00 -11.95 -5.07
N GLU C 331 -18.85 -10.62 -5.16
CA GLU C 331 -18.50 -9.98 -6.43
C GLU C 331 -18.16 -8.52 -6.24
N HIS C 332 -17.64 -7.91 -7.31
CA HIS C 332 -17.53 -6.47 -7.32
C HIS C 332 -18.26 -5.91 -8.53
N ASN C 333 -18.55 -4.62 -8.46
CA ASN C 333 -19.31 -3.93 -9.50
C ASN C 333 -18.69 -2.58 -9.74
N GLY C 334 -18.00 -2.46 -10.87
CA GLY C 334 -17.33 -1.21 -11.23
C GLY C 334 -18.24 -0.36 -12.10
N ARG C 335 -19.05 0.47 -11.43
CA ARG C 335 -19.99 1.36 -12.10
C ARG C 335 -20.70 2.17 -11.02
N ALA C 336 -21.35 3.26 -11.43
CA ALA C 336 -22.30 3.94 -10.54
C ALA C 336 -23.52 3.03 -10.45
N THR C 337 -23.72 2.44 -9.28
CA THR C 337 -24.79 1.49 -9.10
C THR C 337 -26.11 2.17 -8.70
N GLY C 338 -27.11 1.34 -8.43
CA GLY C 338 -28.37 1.83 -7.88
C GLY C 338 -28.26 2.49 -6.52
N SER C 339 -27.13 2.30 -5.84
CA SER C 339 -26.90 2.90 -4.52
C SER C 339 -26.14 4.24 -4.53
N THR C 340 -25.32 4.43 -5.54
CA THR C 340 -24.27 5.44 -5.48
C THR C 340 -24.80 6.84 -5.20
N HIS C 341 -25.78 7.28 -5.95
CA HIS C 341 -26.30 8.64 -5.79
C HIS C 341 -27.10 8.77 -4.50
N ILE C 342 -27.54 7.65 -3.94
CA ILE C 342 -28.36 7.70 -2.74
C ILE C 342 -27.52 8.08 -1.53
N TYR C 343 -26.48 7.32 -1.21
CA TYR C 343 -25.66 7.69 -0.07
C TYR C 343 -24.80 8.93 -0.38
N GLU C 344 -24.32 9.05 -1.62
CA GLU C 344 -23.34 10.10 -1.92
C GLU C 344 -23.97 11.46 -2.05
N ILE C 345 -25.17 11.52 -2.61
CA ILE C 345 -25.83 12.81 -2.86
C ILE C 345 -27.00 13.01 -1.88
N VAL C 346 -28.01 12.16 -1.98
CA VAL C 346 -29.16 12.29 -1.06
C VAL C 346 -28.70 12.27 0.40
N GLY C 347 -27.82 11.33 0.72
CA GLY C 347 -27.32 11.19 2.07
C GLY C 347 -26.36 12.30 2.48
N LYS C 348 -25.20 12.34 1.83
CA LYS C 348 -24.11 13.24 2.23
C LYS C 348 -24.38 14.70 1.89
N ARG C 349 -24.97 14.97 0.72
CA ARG C 349 -25.17 16.35 0.28
C ARG C 349 -26.51 16.92 0.73
N VAL C 350 -27.61 16.19 0.49
CA VAL C 350 -28.94 16.73 0.79
C VAL C 350 -29.26 16.64 2.29
N VAL C 351 -29.22 15.44 2.85
CA VAL C 351 -29.51 15.25 4.25
C VAL C 351 -28.39 15.86 5.11
N GLY C 352 -27.14 15.60 4.73
CA GLY C 352 -26.02 16.24 5.39
C GLY C 352 -25.29 15.37 6.39
N PRO C 353 -24.50 15.99 7.27
CA PRO C 353 -23.64 15.31 8.24
C PRO C 353 -24.38 14.34 9.14
N GLY C 354 -25.67 14.56 9.34
CA GLY C 354 -26.45 13.64 10.16
C GLY C 354 -26.64 12.25 9.56
N PHE C 355 -26.64 12.17 8.23
CA PHE C 355 -26.77 10.87 7.56
C PHE C 355 -25.69 9.91 8.03
N GLY C 356 -26.11 8.77 8.56
CA GLY C 356 -25.18 7.77 9.09
C GLY C 356 -24.98 7.91 10.57
N THR C 357 -25.62 8.92 11.17
CA THR C 357 -25.52 9.16 12.60
C THR C 357 -26.90 9.45 13.18
N ASP C 358 -27.61 10.32 12.49
CA ASP C 358 -28.88 10.93 12.84
C ASP C 358 -30.03 10.31 12.05
N ARG C 359 -29.68 9.83 10.86
CA ARG C 359 -30.65 9.53 9.82
C ARG C 359 -30.20 8.34 9.01
N ILE C 360 -31.18 7.59 8.50
CA ILE C 360 -30.91 6.49 7.59
C ILE C 360 -31.70 6.71 6.30
N LEU C 361 -31.39 5.92 5.29
CA LEU C 361 -32.05 5.99 3.99
C LEU C 361 -32.64 4.65 3.62
N LEU C 362 -33.91 4.64 3.20
CA LEU C 362 -34.55 3.43 2.76
C LEU C 362 -35.11 3.62 1.37
N GLU C 363 -34.62 2.86 0.41
CA GLU C 363 -35.14 2.94 -0.95
C GLU C 363 -35.97 1.71 -1.25
N ARG C 364 -37.11 1.89 -1.91
CA ARG C 364 -37.90 0.73 -2.29
C ARG C 364 -38.44 0.90 -3.70
N VAL C 365 -38.24 -0.13 -4.52
CA VAL C 365 -38.76 -0.13 -5.88
C VAL C 365 -40.26 0.17 -5.83
N TRP C 366 -40.71 1.08 -6.69
CA TRP C 366 -42.13 1.41 -6.77
C TRP C 366 -42.93 0.11 -6.81
N PRO C 367 -43.73 -0.15 -5.76
CA PRO C 367 -44.43 -1.43 -5.65
C PRO C 367 -45.58 -1.48 -6.65
N GLU C 368 -45.91 -2.66 -7.18
CA GLU C 368 -47.06 -2.72 -8.06
C GLU C 368 -48.29 -2.57 -7.16
N GLY C 369 -49.38 -2.08 -7.73
CA GLY C 369 -50.52 -1.67 -6.92
C GLY C 369 -50.48 -0.18 -6.62
N TRP C 370 -49.27 0.39 -6.62
CA TRP C 370 -49.12 1.85 -6.47
C TRP C 370 -49.22 2.52 -7.84
N GLU C 371 -49.97 3.62 -7.93
CA GLU C 371 -49.94 4.40 -9.16
C GLU C 371 -49.99 5.90 -8.90
N ALA C 372 -49.29 6.64 -9.76
CA ALA C 372 -49.32 8.09 -9.74
C ALA C 372 -49.48 8.61 -11.17
N PRO C 373 -50.34 9.63 -11.39
CA PRO C 373 -50.70 10.12 -12.72
C PRO C 373 -49.49 10.59 -13.52
N SER C 374 -48.56 11.24 -12.82
CA SER C 374 -47.39 11.79 -13.47
C SER C 374 -46.32 12.07 -12.43
N PHE C 375 -45.25 12.75 -12.84
CA PHE C 375 -44.25 13.13 -11.86
C PHE C 375 -44.85 14.14 -10.91
N ALA C 376 -45.42 15.21 -11.49
CA ALA C 376 -46.06 16.27 -10.73
C ALA C 376 -47.07 15.70 -9.77
N GLY C 377 -47.75 14.64 -10.21
CA GLY C 377 -48.76 13.97 -9.42
C GLY C 377 -48.27 13.35 -8.13
N ALA C 378 -47.16 12.64 -8.19
CA ALA C 378 -46.57 12.05 -6.99
C ALA C 378 -46.07 13.16 -6.08
N LEU C 379 -45.44 14.15 -6.72
CA LEU C 379 -44.91 15.30 -6.02
C LEU C 379 -46.00 16.05 -5.28
N THR C 380 -47.13 16.28 -5.95
CA THR C 380 -48.23 17.02 -5.34
C THR C 380 -48.80 16.30 -4.10
N ARG C 381 -49.08 15.00 -4.23
CA ARG C 381 -49.68 14.26 -3.12
C ARG C 381 -48.75 14.19 -1.92
N LEU C 382 -47.45 14.03 -2.19
CA LEU C 382 -46.45 13.99 -1.11
C LEU C 382 -46.34 15.34 -0.43
N ARG C 383 -46.32 16.41 -1.23
CA ARG C 383 -46.29 17.78 -0.73
C ARG C 383 -47.51 18.11 0.14
N ASP C 384 -48.69 17.82 -0.40
CA ASP C 384 -49.95 18.18 0.25
C ASP C 384 -50.14 17.43 1.56
N SER C 385 -49.69 16.18 1.62
CA SER C 385 -49.86 15.35 2.80
C SER C 385 -48.83 15.62 3.88
N GLY C 386 -47.75 16.29 3.53
CA GLY C 386 -46.67 16.54 4.46
C GLY C 386 -45.60 15.44 4.49
N HIS C 387 -45.73 14.45 3.62
CA HIS C 387 -44.83 13.30 3.60
C HIS C 387 -43.58 13.51 2.73
N LEU C 388 -43.63 14.49 1.86
CA LEU C 388 -42.48 14.91 1.04
C LEU C 388 -41.28 15.29 1.92
N TYR C 389 -40.09 14.82 1.55
CA TYR C 389 -38.87 15.20 2.29
C TYR C 389 -38.79 16.71 2.50
N ASP C 390 -38.50 17.11 3.74
CA ASP C 390 -38.49 18.51 4.15
C ASP C 390 -37.12 18.85 4.70
N PRO C 391 -36.38 19.73 4.02
CA PRO C 391 -35.01 20.06 4.41
C PRO C 391 -34.89 20.59 5.84
N GLU C 392 -35.98 21.14 6.35
CA GLU C 392 -35.96 21.70 7.70
C GLU C 392 -36.04 20.64 8.78
N THR C 393 -36.73 19.53 8.49
CA THR C 393 -36.84 18.44 9.45
C THR C 393 -35.85 17.34 9.11
N ARG C 394 -35.33 17.36 7.88
CA ARG C 394 -34.49 16.27 7.38
C ARG C 394 -35.23 14.93 7.49
N ARG C 395 -36.52 14.95 7.15
CA ARG C 395 -37.37 13.76 7.19
C ARG C 395 -38.33 13.77 6.02
N GLY C 396 -38.68 12.58 5.55
CA GLY C 396 -39.73 12.42 4.55
C GLY C 396 -39.24 11.70 3.32
N ALA C 397 -40.07 11.63 2.29
CA ALA C 397 -39.74 10.89 1.08
C ALA C 397 -39.07 11.78 0.05
N VAL C 398 -37.92 11.34 -0.43
CA VAL C 398 -37.26 11.97 -1.55
C VAL C 398 -37.64 11.23 -2.80
N ILE C 399 -38.06 11.95 -3.84
CA ILE C 399 -38.32 11.32 -5.13
C ILE C 399 -37.00 11.14 -5.87
N LEU C 400 -36.62 9.89 -6.08
CA LEU C 400 -35.30 9.56 -6.66
C LEU C 400 -35.28 9.55 -8.16
N ALA C 401 -36.41 9.23 -8.78
CA ALA C 401 -36.40 8.93 -10.20
C ALA C 401 -37.50 9.64 -10.97
N ALA C 402 -37.26 9.79 -12.27
CA ALA C 402 -38.23 10.36 -13.20
C ALA C 402 -39.54 9.58 -13.21
N TYR C 403 -40.54 10.14 -13.87
CA TYR C 403 -41.79 9.42 -14.10
C TYR C 403 -41.54 8.24 -15.05
N ASN C 404 -41.93 7.05 -14.61
CA ASN C 404 -41.80 5.85 -15.43
C ASN C 404 -43.15 5.52 -16.09
N ARG C 407 -44.86 1.96 -15.67
CA ARG C 407 -45.11 1.56 -14.29
C ARG C 407 -46.02 2.56 -13.60
N LYS C 408 -46.15 3.73 -14.21
CA LYS C 408 -46.95 4.82 -13.66
C LYS C 408 -46.56 5.15 -12.23
N GLY C 409 -45.25 5.32 -12.02
CA GLY C 409 -44.73 5.61 -10.71
C GLY C 409 -43.35 6.26 -10.74
N VAL C 410 -42.79 6.49 -9.57
CA VAL C 410 -41.48 7.03 -9.48
C VAL C 410 -40.68 6.13 -8.57
N LEU C 412 -38.98 6.14 -4.61
CA LEU C 412 -38.85 6.92 -3.43
C LEU C 412 -37.71 6.50 -2.52
N CYS C 413 -37.10 7.47 -1.86
CA CYS C 413 -36.13 7.23 -0.81
C CYS C 413 -36.68 7.85 0.48
N TYR C 414 -36.90 7.03 1.50
CA TYR C 414 -37.38 7.53 2.79
C TYR C 414 -36.22 7.91 3.69
N VAL C 415 -36.24 9.14 4.17
CA VAL C 415 -35.27 9.62 5.15
C VAL C 415 -35.91 9.65 6.55
N ALA C 416 -35.31 8.92 7.48
CA ALA C 416 -35.85 8.83 8.83
C ALA C 416 -34.75 8.62 9.86
N GLU C 417 -35.12 8.74 11.13
CA GLU C 417 -34.18 8.48 12.22
C GLU C 417 -33.68 7.05 12.20
N ASP C 418 -34.57 6.11 11.90
CA ASP C 418 -34.20 4.70 11.86
C ASP C 418 -35.11 3.94 10.92
N LEU C 419 -34.84 2.65 10.72
CA LEU C 419 -35.58 1.83 9.78
C LEU C 419 -37.07 1.76 10.14
N GLU C 420 -37.36 1.58 11.42
CA GLU C 420 -38.74 1.55 11.87
C GLU C 420 -39.51 2.82 11.48
N ALA C 421 -38.92 3.99 11.74
CA ALA C 421 -39.56 5.24 11.36
C ALA C 421 -39.72 5.32 9.85
N ALA C 422 -38.74 4.83 9.10
CA ALA C 422 -38.83 4.84 7.64
C ALA C 422 -40.00 3.98 7.16
N LEU C 423 -40.17 2.81 7.76
CA LEU C 423 -41.24 1.90 7.34
C LEU C 423 -42.62 2.49 7.71
N HIS C 424 -42.69 3.23 8.82
CA HIS C 424 -43.94 3.93 9.15
C HIS C 424 -44.26 4.98 8.11
N ARG C 425 -43.24 5.75 7.70
CA ARG C 425 -43.41 6.74 6.65
C ARG C 425 -43.92 6.06 5.39
N GLU C 426 -43.29 4.95 5.01
CA GLU C 426 -43.69 4.27 3.79
C GLU C 426 -45.12 3.74 3.87
N GLU C 427 -45.49 3.21 5.03
CA GLU C 427 -46.83 2.70 5.24
C GLU C 427 -47.86 3.85 5.15
N SER C 428 -47.53 4.99 5.72
CA SER C 428 -48.38 6.19 5.59
C SER C 428 -48.49 6.63 4.14
N VAL C 429 -47.37 6.56 3.43
CA VAL C 429 -47.31 7.10 2.07
C VAL C 429 -48.15 6.22 1.14
N SER C 430 -48.26 4.93 1.45
CA SER C 430 -49.04 4.04 0.60
C SER C 430 -50.51 4.47 0.41
N ARG C 431 -51.06 5.27 1.33
CA ARG C 431 -52.45 5.75 1.19
C ARG C 431 -52.59 6.76 0.03
N LEU C 432 -51.52 7.47 -0.28
CA LEU C 432 -51.56 8.42 -1.39
C LEU C 432 -51.54 7.71 -2.75
N PHE C 433 -50.96 6.51 -2.78
CA PHE C 433 -50.80 5.78 -4.04
C PHE C 433 -51.42 4.38 -3.94
N ARG D 2 13.36 -28.24 -1.95
CA ARG D 2 12.37 -27.50 -2.70
C ARG D 2 11.71 -28.44 -3.70
N LEU D 3 10.43 -28.22 -3.96
CA LEU D 3 9.72 -28.94 -5.01
C LEU D 3 9.76 -28.09 -6.29
N LEU D 4 10.41 -28.63 -7.30
CA LEU D 4 10.55 -27.95 -8.59
C LEU D 4 9.66 -28.66 -9.60
N VAL D 5 8.77 -27.90 -10.26
CA VAL D 5 7.78 -28.53 -11.12
C VAL D 5 7.97 -28.12 -12.57
N GLY D 6 8.31 -29.10 -13.42
CA GLY D 6 8.59 -28.79 -14.81
C GLY D 6 7.34 -28.84 -15.67
N ASN D 7 6.36 -27.97 -15.37
CA ASN D 7 5.11 -27.99 -16.11
C ASN D 7 5.12 -27.08 -17.32
N ASP D 8 4.10 -27.24 -18.16
CA ASP D 8 4.06 -26.65 -19.50
C ASP D 8 2.94 -25.59 -19.58
N TRP D 9 2.75 -25.04 -20.77
CA TRP D 9 1.68 -24.07 -21.03
C TRP D 9 0.35 -24.57 -20.45
N SER D 10 -0.45 -23.66 -19.90
CA SER D 10 -1.64 -24.05 -19.12
C SER D 10 -2.63 -24.91 -19.89
N GLU D 11 -2.96 -26.04 -19.27
CA GLU D 11 -4.02 -26.91 -19.75
C GLU D 11 -5.36 -26.19 -19.88
N GLU D 12 -5.54 -25.11 -19.12
CA GLU D 12 -6.75 -24.30 -19.21
C GLU D 12 -6.86 -23.61 -20.57
N LEU D 13 -5.72 -23.35 -21.20
CA LEU D 13 -5.70 -22.54 -22.42
C LEU D 13 -5.56 -23.41 -23.67
N ALA D 14 -4.82 -24.50 -23.58
CA ALA D 14 -4.64 -25.36 -24.73
C ALA D 14 -4.23 -26.78 -24.32
N GLU D 15 -4.59 -27.73 -25.16
CA GLU D 15 -4.17 -29.11 -25.01
C GLU D 15 -2.71 -29.24 -25.45
N PRO D 16 -1.82 -29.64 -24.52
CA PRO D 16 -0.39 -29.74 -24.86
C PRO D 16 -0.09 -31.04 -25.57
N THR D 17 -0.77 -31.27 -26.70
CA THR D 17 -0.68 -32.53 -27.42
C THR D 17 0.65 -32.72 -28.14
N GLY D 18 1.25 -31.61 -28.60
CA GLY D 18 2.49 -31.67 -29.34
C GLY D 18 3.74 -31.69 -28.48
N SER D 19 3.57 -31.64 -27.17
CA SER D 19 4.71 -31.61 -26.24
C SER D 19 5.44 -32.96 -26.18
N THR D 20 6.77 -32.90 -26.06
CA THR D 20 7.60 -34.10 -26.08
C THR D 20 8.45 -34.29 -24.81
N GLY D 21 8.39 -33.32 -23.89
CA GLY D 21 9.09 -33.44 -22.63
C GLY D 21 10.54 -33.01 -22.68
N TRP D 22 10.93 -32.36 -23.77
CA TRP D 22 12.30 -31.90 -23.93
C TRP D 22 12.57 -30.54 -23.28
N ALA D 23 11.79 -29.53 -23.67
CA ALA D 23 12.04 -28.16 -23.25
C ALA D 23 12.06 -27.95 -21.72
N VAL D 24 11.20 -28.67 -21.00
CA VAL D 24 11.10 -28.39 -19.57
C VAL D 24 12.28 -28.97 -18.79
N GLN D 25 13.14 -29.73 -19.46
CA GLN D 25 14.34 -30.25 -18.76
C GLN D 25 15.31 -29.12 -18.39
N ARG D 26 15.08 -27.92 -18.91
CA ARG D 26 15.81 -26.74 -18.42
C ARG D 26 15.61 -26.55 -16.91
N LEU D 27 14.55 -27.17 -16.37
CA LEU D 27 14.32 -27.18 -14.92
C LEU D 27 15.59 -27.50 -14.12
N VAL D 28 16.42 -28.38 -14.67
CA VAL D 28 17.60 -28.85 -13.94
C VAL D 28 18.60 -27.74 -13.60
N TRP D 29 18.67 -26.70 -14.43
CA TRP D 29 19.53 -25.56 -14.12
C TRP D 29 19.20 -24.90 -12.78
N PHE D 30 17.92 -24.93 -12.40
CA PHE D 30 17.49 -24.27 -11.16
C PHE D 30 17.73 -25.13 -9.90
N ALA D 31 18.04 -26.41 -10.07
CA ALA D 31 18.16 -27.32 -8.93
C ALA D 31 19.30 -26.93 -7.97
N ARG D 32 19.00 -27.02 -6.67
CA ARG D 32 19.99 -26.84 -5.61
C ARG D 32 19.98 -28.09 -4.73
N ASP D 33 21.02 -28.26 -3.91
CA ASP D 33 21.18 -29.50 -3.13
C ASP D 33 19.92 -29.88 -2.36
N GLY D 34 19.46 -31.11 -2.59
CA GLY D 34 18.31 -31.66 -1.92
C GLY D 34 16.98 -31.54 -2.67
N ASP D 35 16.95 -30.81 -3.78
CA ASP D 35 15.67 -30.58 -4.45
C ASP D 35 15.09 -31.87 -5.05
N VAL D 36 13.77 -31.84 -5.21
CA VAL D 36 13.02 -32.86 -5.89
C VAL D 36 12.40 -32.23 -7.11
N LEU D 37 12.67 -32.80 -8.28
CA LEU D 37 12.19 -32.25 -9.53
C LEU D 37 11.10 -33.13 -10.11
N VAL D 38 10.02 -32.52 -10.56
CA VAL D 38 8.94 -33.23 -11.22
C VAL D 38 8.99 -32.93 -12.71
N LEU D 39 9.23 -33.98 -13.51
CA LEU D 39 9.37 -33.82 -14.95
C LEU D 39 8.50 -34.84 -15.70
N PRO D 40 8.06 -34.49 -16.92
CA PRO D 40 7.17 -35.40 -17.65
C PRO D 40 7.95 -36.56 -18.27
N VAL D 41 9.23 -36.35 -18.55
CA VAL D 41 10.10 -37.39 -19.11
C VAL D 41 11.40 -37.41 -18.34
N ALA D 42 11.88 -38.61 -17.99
CA ALA D 42 13.14 -38.76 -17.26
C ALA D 42 14.31 -38.24 -18.07
N PRO D 43 15.11 -37.36 -17.48
CA PRO D 43 16.28 -36.87 -18.22
C PRO D 43 17.40 -37.91 -18.24
N GLN D 44 18.26 -37.83 -19.25
CA GLN D 44 19.40 -38.73 -19.35
C GLN D 44 20.41 -38.32 -18.28
N GLU D 45 21.03 -39.31 -17.64
CA GLU D 45 21.94 -39.07 -16.52
C GLU D 45 23.09 -38.15 -16.94
N GLU D 46 23.51 -38.28 -18.19
CA GLU D 46 24.61 -37.50 -18.74
C GLU D 46 24.33 -36.00 -18.66
N PHE D 47 23.08 -35.62 -18.92
CA PHE D 47 22.65 -34.22 -18.87
C PHE D 47 22.65 -33.68 -17.44
N LEU D 48 22.10 -34.45 -16.50
CA LEU D 48 22.11 -34.08 -15.09
C LEU D 48 23.53 -33.94 -14.59
N ALA D 49 24.39 -34.88 -14.98
CA ALA D 49 25.79 -34.86 -14.55
C ALA D 49 26.48 -33.59 -15.03
N TYR D 50 26.28 -33.25 -16.30
CA TYR D 50 26.89 -32.04 -16.87
C TYR D 50 26.36 -30.76 -16.22
N VAL D 51 25.03 -30.61 -16.17
CA VAL D 51 24.46 -29.39 -15.61
C VAL D 51 24.89 -29.20 -14.16
N THR D 52 24.73 -30.23 -13.34
CA THR D 52 25.01 -30.07 -11.92
C THR D 52 26.48 -29.85 -11.65
N SER D 53 27.33 -30.30 -12.57
CA SER D 53 28.77 -30.13 -12.43
C SER D 53 29.12 -28.65 -12.58
N LEU D 54 28.39 -27.96 -13.45
CA LEU D 54 28.58 -26.52 -13.63
C LEU D 54 27.93 -25.70 -12.50
N THR D 55 26.72 -26.07 -12.10
CA THR D 55 26.00 -25.29 -11.09
C THR D 55 26.55 -25.56 -9.71
N GLY D 56 27.26 -26.68 -9.56
CA GLY D 56 27.86 -27.03 -8.29
C GLY D 56 26.87 -27.68 -7.35
N THR D 57 25.77 -28.16 -7.93
CA THR D 57 24.76 -28.88 -7.15
C THR D 57 25.15 -30.35 -7.12
N ARG D 58 25.11 -30.97 -5.95
CA ARG D 58 25.45 -32.39 -5.83
C ARG D 58 24.33 -33.23 -6.44
N ARG D 59 24.61 -33.86 -7.57
CA ARG D 59 23.61 -34.64 -8.29
C ARG D 59 22.95 -35.70 -7.42
N SER D 60 23.74 -36.31 -6.53
CA SER D 60 23.22 -37.42 -5.72
C SER D 60 22.24 -36.94 -4.64
N SER D 61 22.19 -35.63 -4.39
CA SER D 61 21.22 -35.09 -3.44
C SER D 61 19.89 -34.79 -4.12
N LEU D 62 19.84 -34.91 -5.44
CA LEU D 62 18.63 -34.66 -6.21
C LEU D 62 17.82 -35.92 -6.41
N THR D 63 16.50 -35.76 -6.49
CA THR D 63 15.63 -36.84 -6.95
C THR D 63 14.73 -36.33 -8.05
N VAL D 64 14.61 -37.12 -9.11
CA VAL D 64 13.71 -36.80 -10.21
C VAL D 64 12.52 -37.73 -10.17
N VAL D 65 11.31 -37.16 -10.19
CA VAL D 65 10.09 -37.97 -10.15
C VAL D 65 9.28 -37.73 -11.42
N VAL D 66 8.93 -38.82 -12.11
CA VAL D 66 8.22 -38.75 -13.37
C VAL D 66 6.90 -39.50 -13.23
N PRO D 67 5.76 -38.82 -13.46
CA PRO D 67 4.47 -39.53 -13.36
C PRO D 67 4.31 -40.54 -14.49
N PRO D 68 3.46 -41.55 -14.28
CA PRO D 68 3.03 -42.37 -15.42
C PRO D 68 2.44 -41.51 -16.53
N PRO D 69 2.44 -42.01 -17.77
CA PRO D 69 1.81 -41.26 -18.88
C PRO D 69 0.34 -41.05 -18.60
N GLY D 70 -0.27 -40.02 -19.18
CA GLY D 70 -1.67 -39.72 -18.92
C GLY D 70 -2.52 -39.76 -20.17
N ARG D 71 -3.67 -39.08 -20.14
CA ARG D 71 -4.62 -39.09 -21.23
C ARG D 71 -4.06 -38.56 -22.55
N LEU D 72 -2.96 -37.81 -22.48
CA LEU D 72 -2.31 -37.30 -23.67
C LEU D 72 -0.88 -37.81 -23.80
N GLY D 73 -0.60 -38.96 -23.21
CA GLY D 73 0.76 -39.49 -23.25
C GLY D 73 1.63 -38.96 -22.13
N ALA D 74 2.94 -38.86 -22.40
CA ALA D 74 3.90 -38.49 -21.36
C ALA D 74 4.68 -37.19 -21.66
N GLY D 75 4.30 -36.48 -22.71
CA GLY D 75 5.04 -35.30 -23.13
C GLY D 75 4.89 -34.08 -22.23
N ALA D 76 3.78 -34.00 -21.50
CA ALA D 76 3.51 -32.85 -20.64
C ALA D 76 2.91 -33.30 -19.33
N LEU D 77 3.17 -32.53 -18.28
CA LEU D 77 2.56 -32.77 -16.99
C LEU D 77 1.09 -32.34 -16.94
N THR D 78 0.20 -33.18 -17.45
CA THR D 78 -1.22 -32.86 -17.41
C THR D 78 -1.81 -33.07 -16.03
N ALA D 79 -2.98 -32.48 -15.81
CA ALA D 79 -3.64 -32.52 -14.51
C ALA D 79 -3.83 -33.94 -14.03
N ASP D 80 -4.15 -34.85 -14.95
CA ASP D 80 -4.44 -36.22 -14.53
C ASP D 80 -3.16 -36.94 -14.09
N ARG D 81 -2.02 -36.54 -14.65
CA ARG D 81 -0.74 -37.12 -14.25
C ARG D 81 -0.30 -36.63 -12.87
N LEU D 82 -0.62 -35.38 -12.53
CA LEU D 82 -0.17 -34.85 -11.26
C LEU D 82 -1.11 -35.28 -10.13
N ALA D 83 -2.27 -35.81 -10.50
CA ALA D 83 -3.23 -36.32 -9.48
C ALA D 83 -3.13 -37.85 -9.32
N ASP D 84 -2.32 -38.48 -10.16
CA ASP D 84 -2.19 -39.94 -10.16
C ASP D 84 -1.63 -40.44 -8.83
N PRO D 85 -2.37 -41.34 -8.15
CA PRO D 85 -1.86 -41.87 -6.88
C PRO D 85 -0.51 -42.57 -7.00
N ARG D 86 -0.22 -43.18 -8.15
CA ARG D 86 1.09 -43.79 -8.32
C ARG D 86 2.18 -42.72 -8.28
N PHE D 87 1.96 -41.64 -9.04
CA PHE D 87 2.85 -40.49 -8.99
C PHE D 87 2.97 -39.89 -7.59
N LEU D 88 1.85 -39.71 -6.90
CA LEU D 88 1.90 -39.06 -5.59
C LEU D 88 2.64 -39.93 -4.58
N ALA D 89 2.51 -41.24 -4.70
CA ALA D 89 3.28 -42.16 -3.85
C ALA D 89 4.78 -42.00 -4.09
N ALA D 90 5.18 -41.95 -5.36
CA ALA D 90 6.59 -41.78 -5.72
C ALA D 90 7.12 -40.43 -5.23
N LEU D 91 6.27 -39.40 -5.33
CA LEU D 91 6.67 -38.06 -4.91
C LEU D 91 6.91 -38.03 -3.41
N ARG D 92 6.04 -38.65 -2.63
CA ARG D 92 6.23 -38.70 -1.19
C ARG D 92 7.44 -39.55 -0.76
N GLU D 93 7.75 -40.62 -1.49
CA GLU D 93 8.97 -41.37 -1.18
C GLU D 93 10.20 -40.51 -1.48
N ALA D 94 10.15 -39.74 -2.57
CA ALA D 94 11.23 -38.82 -2.88
C ALA D 94 11.46 -37.81 -1.74
N PHE D 95 10.38 -37.33 -1.14
CA PHE D 95 10.50 -36.37 -0.05
C PHE D 95 11.22 -37.01 1.13
N ALA D 96 10.92 -38.28 1.38
CA ALA D 96 11.60 -39.05 2.44
C ALA D 96 11.46 -38.38 3.81
N GLY D 97 10.25 -37.96 4.15
CA GLY D 97 10.01 -37.31 5.42
C GLY D 97 10.39 -35.84 5.48
N ARG D 98 11.01 -35.31 4.43
CA ARG D 98 11.39 -33.90 4.41
C ARG D 98 10.21 -33.00 4.03
N PRO D 99 10.08 -31.86 4.71
CA PRO D 99 9.02 -30.90 4.33
C PRO D 99 9.41 -30.10 3.09
N VAL D 100 8.41 -29.62 2.35
CA VAL D 100 8.67 -28.76 1.21
C VAL D 100 8.95 -27.32 1.66
N HIS D 101 10.18 -26.85 1.45
CA HIS D 101 10.53 -25.50 1.88
C HIS D 101 10.04 -24.42 0.91
N GLU D 102 9.95 -24.76 -0.38
CA GLU D 102 9.30 -23.87 -1.35
C GLU D 102 8.88 -24.63 -2.60
N VAL D 103 7.92 -24.10 -3.33
CA VAL D 103 7.55 -24.73 -4.58
C VAL D 103 7.88 -23.78 -5.72
N PHE D 104 8.66 -24.26 -6.68
CA PHE D 104 9.01 -23.50 -7.87
C PHE D 104 8.44 -24.21 -9.08
N ALA D 105 7.72 -23.47 -9.92
CA ALA D 105 7.15 -24.05 -11.12
C ALA D 105 7.44 -23.19 -12.35
N LEU D 106 7.63 -23.87 -13.48
CA LEU D 106 7.93 -23.19 -14.72
C LEU D 106 6.75 -22.36 -15.21
N TRP D 107 5.52 -22.84 -14.97
CA TRP D 107 4.33 -22.10 -15.41
C TRP D 107 3.38 -21.89 -14.21
N PRO D 108 2.92 -20.65 -13.99
CA PRO D 108 2.11 -20.33 -12.80
C PRO D 108 0.66 -20.78 -12.95
N ASP D 109 0.37 -22.04 -12.65
CA ASP D 109 -0.93 -22.59 -13.03
C ASP D 109 -1.64 -23.18 -11.81
N ALA D 110 -2.96 -23.28 -11.91
CA ALA D 110 -3.74 -23.85 -10.81
C ALA D 110 -3.40 -25.32 -10.54
N VAL D 111 -2.89 -26.04 -11.53
CA VAL D 111 -2.53 -27.45 -11.27
C VAL D 111 -1.39 -27.47 -10.26
N VAL D 112 -0.55 -26.45 -10.28
CA VAL D 112 0.54 -26.39 -9.33
C VAL D 112 -0.03 -26.16 -7.93
N ALA D 113 -1.03 -25.29 -7.86
CA ALA D 113 -1.74 -25.07 -6.60
C ALA D 113 -2.45 -26.35 -6.14
N ASP D 114 -3.07 -27.07 -7.07
CA ASP D 114 -3.69 -28.36 -6.76
C ASP D 114 -2.72 -29.33 -6.12
N LEU D 115 -1.53 -29.43 -6.70
CA LEU D 115 -0.49 -30.32 -6.23
C LEU D 115 -0.06 -29.97 -4.82
N ALA D 116 0.21 -28.68 -4.60
CA ALA D 116 0.60 -28.21 -3.27
C ALA D 116 -0.46 -28.55 -2.24
N ASP D 117 -1.73 -28.44 -2.63
CA ASP D 117 -2.83 -28.74 -1.73
C ASP D 117 -2.84 -30.24 -1.40
N ALA D 118 -2.73 -31.08 -2.41
CA ALA D 118 -2.72 -32.53 -2.20
C ALA D 118 -1.54 -32.93 -1.32
N LEU D 119 -0.45 -32.19 -1.41
CA LEU D 119 0.73 -32.49 -0.61
C LEU D 119 0.65 -31.87 0.79
N GLY D 120 -0.33 -31.00 1.00
CA GLY D 120 -0.44 -30.30 2.27
C GLY D 120 0.62 -29.24 2.49
N CYS D 121 1.13 -28.65 1.42
CA CYS D 121 2.07 -27.54 1.59
C CYS D 121 1.68 -26.30 0.79
N PRO D 122 0.41 -25.84 0.89
CA PRO D 122 0.00 -24.65 0.14
C PRO D 122 0.80 -23.40 0.48
N GLU D 123 1.24 -23.26 1.72
CA GLU D 123 1.99 -22.09 2.13
C GLU D 123 3.38 -22.03 1.50
N ALA D 124 3.87 -23.18 1.02
CA ALA D 124 5.19 -23.22 0.37
C ALA D 124 5.13 -22.72 -1.06
N LEU D 125 3.93 -22.57 -1.58
CA LEU D 125 3.70 -22.02 -2.92
C LEU D 125 3.31 -20.53 -2.83
N GLU D 126 4.24 -19.64 -3.13
CA GLU D 126 3.88 -18.22 -3.17
C GLU D 126 2.74 -17.98 -4.12
N GLY D 127 1.72 -17.24 -3.68
CA GLY D 127 0.60 -16.90 -4.54
C GLY D 127 -0.40 -18.02 -4.74
N HIS D 128 -0.34 -19.02 -3.86
CA HIS D 128 -1.23 -20.16 -3.95
C HIS D 128 -2.72 -19.79 -4.14
N ASP D 129 -3.26 -18.98 -3.24
CA ASP D 129 -4.69 -18.65 -3.32
C ASP D 129 -5.05 -18.03 -4.67
N PHE D 130 -4.24 -17.06 -5.10
CA PHE D 130 -4.38 -16.42 -6.42
C PHE D 130 -4.39 -17.48 -7.52
N LEU D 131 -3.49 -18.45 -7.43
CA LEU D 131 -3.40 -19.49 -8.45
C LEU D 131 -4.62 -20.39 -8.43
N THR D 132 -5.16 -20.69 -7.24
CA THR D 132 -6.35 -21.56 -7.16
C THR D 132 -7.53 -20.96 -7.91
N GLN D 133 -7.55 -19.63 -8.00
CA GLN D 133 -8.61 -18.95 -8.73
C GLN D 133 -8.20 -18.69 -10.19
N SER D 134 -7.13 -19.36 -10.64
CA SER D 134 -6.66 -19.29 -12.02
C SER D 134 -6.14 -17.91 -12.38
N GLY D 135 -5.66 -17.17 -11.38
CA GLY D 135 -5.14 -15.84 -11.58
C GLY D 135 -3.92 -15.82 -12.48
N GLY D 136 -3.16 -16.92 -12.48
CA GLY D 136 -1.92 -17.02 -13.24
C GLY D 136 -2.06 -16.83 -14.73
N LEU D 137 -3.24 -17.11 -15.26
CA LEU D 137 -3.53 -16.92 -16.68
C LEU D 137 -3.30 -15.48 -17.12
N ILE D 138 -3.40 -14.53 -16.19
CA ILE D 138 -3.21 -13.12 -16.51
C ILE D 138 -1.79 -12.88 -17.08
N GLY D 139 -0.85 -13.76 -16.75
CA GLY D 139 0.53 -13.63 -17.24
C GLY D 139 0.71 -13.99 -18.70
N SER D 140 -0.35 -14.50 -19.32
CA SER D 140 -0.28 -14.92 -20.71
C SER D 140 -1.35 -14.24 -21.54
N SER D 141 -2.03 -13.27 -20.93
CA SER D 141 -3.08 -12.52 -21.62
C SER D 141 -2.55 -11.19 -22.18
N LYS D 142 -2.63 -11.04 -23.50
CA LYS D 142 -2.22 -9.78 -24.13
C LYS D 142 -3.24 -8.69 -23.87
N ALA D 143 -4.50 -9.09 -23.71
CA ALA D 143 -5.54 -8.14 -23.32
C ALA D 143 -5.25 -7.57 -21.93
N ALA D 144 -4.90 -8.44 -20.99
CA ALA D 144 -4.51 -7.99 -19.67
C ALA D 144 -3.27 -7.12 -19.71
N PHE D 145 -2.30 -7.48 -20.55
CA PHE D 145 -1.09 -6.68 -20.66
C PHE D 145 -1.38 -5.26 -21.13
N ARG D 146 -2.25 -5.11 -22.12
CA ARG D 146 -2.55 -3.80 -22.69
C ARG D 146 -3.16 -2.86 -21.65
N ALA D 147 -4.09 -3.38 -20.85
CA ALA D 147 -4.73 -2.57 -19.82
C ALA D 147 -3.76 -2.22 -18.68
N LEU D 148 -2.97 -3.20 -18.25
CA LEU D 148 -2.02 -2.98 -17.15
C LEU D 148 -0.91 -2.00 -17.54
N ALA D 149 -0.34 -2.19 -18.73
CA ALA D 149 0.66 -1.27 -19.21
C ALA D 149 0.10 0.16 -19.33
N ALA D 150 -1.07 0.28 -19.93
CA ALA D 150 -1.68 1.60 -20.13
C ALA D 150 -1.96 2.27 -18.78
N GLY D 151 -2.45 1.51 -17.82
CA GLY D 151 -2.70 2.05 -16.50
C GLY D 151 -1.45 2.40 -15.71
N ALA D 152 -0.36 1.68 -15.98
CA ALA D 152 0.88 1.91 -15.24
C ALA D 152 1.74 3.01 -15.90
N GLY D 153 1.25 3.62 -16.97
CA GLY D 153 2.01 4.63 -17.67
C GLY D 153 3.18 4.07 -18.46
N VAL D 154 3.05 2.83 -18.93
CA VAL D 154 4.10 2.15 -19.69
C VAL D 154 3.90 2.32 -21.19
N ALA D 155 4.91 2.82 -21.90
CA ALA D 155 4.79 3.08 -23.33
C ALA D 155 4.45 1.82 -24.15
N LEU D 156 3.41 1.95 -24.98
CA LEU D 156 2.83 0.91 -25.83
C LEU D 156 2.61 1.46 -27.23
N PRO D 157 2.67 0.58 -28.25
CA PRO D 157 2.15 0.99 -29.55
C PRO D 157 0.68 1.41 -29.46
N ALA D 158 0.29 2.40 -30.27
CA ALA D 158 -1.10 2.80 -30.39
C ALA D 158 -1.96 1.58 -30.72
N GLY D 159 -3.14 1.49 -30.12
CA GLY D 159 -4.01 0.37 -30.40
C GLY D 159 -5.14 0.16 -29.41
N ALA D 160 -5.80 -1.00 -29.50
CA ALA D 160 -6.94 -1.28 -28.63
C ALA D 160 -7.14 -2.78 -28.48
N VAL D 161 -8.11 -3.13 -27.64
CA VAL D 161 -8.45 -4.53 -27.38
C VAL D 161 -9.88 -4.77 -27.80
N CYS D 162 -10.06 -5.65 -28.78
CA CYS D 162 -11.35 -5.75 -29.48
C CYS D 162 -12.05 -7.10 -29.37
N ALA D 163 -13.34 -7.06 -29.02
CA ALA D 163 -14.12 -8.28 -28.81
C ALA D 163 -15.05 -8.60 -29.97
N ASP D 164 -15.13 -7.71 -30.96
CA ASP D 164 -15.98 -7.93 -32.12
C ASP D 164 -15.41 -7.23 -33.34
N ARG D 165 -15.98 -7.53 -34.50
CA ARG D 165 -15.42 -7.07 -35.76
C ARG D 165 -15.66 -5.59 -35.98
N ARG D 166 -16.81 -5.11 -35.51
CA ARG D 166 -17.16 -3.71 -35.63
C ARG D 166 -16.05 -2.83 -35.05
N ARG D 167 -15.66 -3.09 -33.81
CA ARG D 167 -14.60 -2.29 -33.20
C ARG D 167 -13.22 -2.57 -33.80
N ALA D 168 -12.96 -3.83 -34.14
CA ALA D 168 -11.69 -4.16 -34.78
C ALA D 168 -11.53 -3.38 -36.09
N HIS D 169 -12.58 -3.38 -36.90
CA HIS D 169 -12.55 -2.67 -38.17
C HIS D 169 -12.20 -1.19 -37.97
N ARG D 170 -12.83 -0.55 -36.99
CA ARG D 170 -12.63 0.85 -36.72
C ARG D 170 -11.19 1.16 -36.34
N HIS D 171 -10.65 0.34 -35.43
CA HIS D 171 -9.31 0.58 -34.92
C HIS D 171 -8.23 0.20 -35.93
N VAL D 172 -8.46 -0.85 -36.71
CA VAL D 172 -7.53 -1.18 -37.78
C VAL D 172 -7.50 -0.03 -38.80
N THR D 173 -8.67 0.45 -39.17
CA THR D 173 -8.80 1.51 -40.16
C THR D 173 -8.13 2.81 -39.73
N ARG D 174 -8.38 3.23 -38.49
CA ARG D 174 -7.70 4.40 -37.92
C ARG D 174 -6.19 4.36 -38.15
N LEU D 175 -5.59 3.21 -37.85
CA LEU D 175 -4.14 3.07 -37.93
C LEU D 175 -3.63 2.96 -39.37
N LEU D 176 -4.29 2.15 -40.20
CA LEU D 176 -3.91 2.08 -41.61
C LEU D 176 -3.99 3.46 -42.28
N ASP D 177 -4.99 4.25 -41.92
CA ASP D 177 -5.19 5.57 -42.54
C ASP D 177 -4.09 6.56 -42.17
N GLU D 178 -3.41 6.31 -41.04
CA GLU D 178 -2.25 7.11 -40.66
C GLU D 178 -0.96 6.69 -41.39
N GLY D 179 -1.07 5.68 -42.27
CA GLY D 179 0.07 5.22 -43.04
C GLY D 179 0.90 4.13 -42.36
N SER D 180 0.36 3.57 -41.29
CA SER D 180 1.04 2.52 -40.54
C SER D 180 0.45 1.15 -40.81
N PRO D 181 1.30 0.12 -40.89
CA PRO D 181 0.74 -1.24 -40.86
C PRO D 181 0.22 -1.57 -39.46
N VAL D 182 -0.57 -2.63 -39.33
CA VAL D 182 -1.19 -3.01 -38.07
C VAL D 182 -0.84 -4.47 -37.77
N ILE D 183 -0.73 -4.82 -36.49
CA ILE D 183 -0.58 -6.23 -36.16
C ILE D 183 -1.74 -6.65 -35.26
N LEU D 184 -2.38 -7.76 -35.64
CA LEU D 184 -3.47 -8.36 -34.86
C LEU D 184 -2.94 -9.54 -34.04
N LYS D 185 -3.32 -9.62 -32.77
CA LYS D 185 -2.75 -10.65 -31.89
C LYS D 185 -3.82 -11.38 -31.10
N GLN D 186 -3.77 -12.71 -31.11
CA GLN D 186 -4.63 -13.52 -30.25
C GLN D 186 -4.33 -13.24 -28.80
N ASP D 187 -5.37 -12.99 -28.01
CA ASP D 187 -5.21 -12.68 -26.59
C ASP D 187 -4.23 -13.64 -25.92
N TYR D 188 -4.50 -14.93 -26.06
CA TYR D 188 -3.67 -15.96 -25.41
C TYR D 188 -2.72 -16.68 -26.35
N GLY D 189 -2.42 -16.07 -27.49
CA GLY D 189 -1.54 -16.72 -28.46
C GLY D 189 -0.16 -16.91 -27.89
N SER D 190 0.58 -17.89 -28.39
CA SER D 190 1.96 -18.06 -27.96
C SER D 190 2.89 -17.79 -29.14
N GLY D 191 3.77 -16.81 -28.98
CA GLY D 191 4.68 -16.44 -30.04
C GLY D 191 4.00 -15.86 -31.27
N SER D 192 4.77 -15.71 -32.32
CA SER D 192 4.31 -15.08 -33.56
C SER D 192 3.24 -15.87 -34.29
N ASP D 193 3.09 -17.15 -33.93
CA ASP D 193 2.03 -18.01 -34.47
C ASP D 193 0.62 -17.44 -34.25
N GLY D 194 0.47 -16.62 -33.23
CA GLY D 194 -0.85 -16.09 -32.91
C GLY D 194 -1.12 -14.70 -33.42
N ASN D 195 -0.26 -14.18 -34.31
CA ASN D 195 -0.35 -12.81 -34.80
C ASN D 195 -0.36 -12.70 -36.32
N GLU D 196 -1.06 -11.71 -36.86
CA GLU D 196 -0.98 -11.42 -38.30
C GLU D 196 -0.79 -9.94 -38.53
N ILE D 197 -0.06 -9.59 -39.59
CA ILE D 197 0.21 -8.20 -39.93
C ILE D 197 -0.72 -7.72 -41.05
N LEU D 198 -1.34 -6.57 -40.87
CA LEU D 198 -2.16 -6.01 -41.93
C LEU D 198 -1.49 -4.75 -42.43
N SER D 199 -1.42 -4.58 -43.75
CA SER D 199 -0.79 -3.42 -44.35
C SER D 199 -1.51 -2.96 -45.61
N ARG D 200 -1.41 -1.68 -45.92
CA ARG D 200 -1.85 -1.21 -47.22
C ARG D 200 -0.72 -1.36 -48.23
N THR D 201 0.48 -1.66 -47.76
CA THR D 201 1.65 -1.77 -48.64
C THR D 201 2.26 -3.17 -48.59
N PRO D 202 2.62 -3.72 -49.76
CA PRO D 202 3.13 -5.10 -49.84
C PRO D 202 4.61 -5.19 -49.49
N GLY D 203 5.11 -6.40 -49.22
CA GLY D 203 6.55 -6.62 -49.16
C GLY D 203 7.25 -6.42 -47.81
N LEU D 204 6.47 -6.26 -46.75
CA LEU D 204 7.02 -6.21 -45.39
C LEU D 204 7.55 -7.56 -44.92
N ALA D 205 8.66 -7.54 -44.20
CA ALA D 205 9.19 -8.75 -43.56
C ALA D 205 8.26 -9.25 -42.45
N LEU D 206 8.06 -10.56 -42.39
CA LEU D 206 7.20 -11.16 -41.37
C LEU D 206 7.91 -11.34 -40.04
N ARG D 207 8.18 -10.25 -39.33
CA ARG D 207 8.85 -10.38 -38.05
C ARG D 207 7.85 -10.20 -36.91
N GLY D 208 7.61 -11.28 -36.17
CA GLY D 208 6.71 -11.23 -35.04
C GLY D 208 5.31 -11.70 -35.40
N ALA D 209 5.15 -12.26 -36.60
CA ALA D 209 3.84 -12.75 -37.03
C ALA D 209 3.96 -13.89 -38.05
N ARG D 210 2.89 -14.67 -38.18
CA ARG D 210 2.85 -15.82 -39.09
C ARG D 210 2.59 -15.42 -40.56
N ALA D 211 2.02 -14.24 -40.77
CA ALA D 211 1.57 -13.84 -42.10
C ALA D 211 1.31 -12.36 -42.24
N LEU D 212 1.37 -11.89 -43.49
CA LEU D 212 1.10 -10.53 -43.84
C LEU D 212 -0.12 -10.47 -44.75
N ARG D 213 -1.08 -9.63 -44.41
CA ARG D 213 -2.24 -9.48 -45.25
C ARG D 213 -2.25 -8.08 -45.82
N VAL D 214 -2.18 -7.97 -47.14
CA VAL D 214 -2.24 -6.67 -47.78
C VAL D 214 -3.70 -6.34 -48.11
N LEU D 215 -4.19 -5.23 -47.55
CA LEU D 215 -5.60 -4.88 -47.66
C LEU D 215 -5.78 -3.46 -48.17
N ALA D 216 -6.32 -3.34 -49.37
CA ALA D 216 -6.32 -2.05 -50.08
C ALA D 216 -7.35 -1.06 -49.55
N ASP D 217 -8.49 -1.54 -49.04
CA ASP D 217 -9.54 -0.62 -48.61
C ASP D 217 -10.48 -1.23 -47.57
N SER D 218 -11.53 -0.48 -47.22
CA SER D 218 -12.52 -0.92 -46.23
C SER D 218 -13.18 -2.27 -46.58
N ALA D 219 -13.55 -2.44 -47.85
CA ALA D 219 -14.18 -3.68 -48.29
C ALA D 219 -13.24 -4.88 -48.14
N ALA D 220 -11.96 -4.66 -48.43
CA ALA D 220 -10.96 -5.72 -48.28
C ALA D 220 -10.82 -6.10 -46.80
N LEU D 221 -10.91 -5.11 -45.93
CA LEU D 221 -10.83 -5.37 -44.49
C LEU D 221 -12.06 -6.14 -44.00
N ASP D 222 -13.23 -5.70 -44.44
CA ASP D 222 -14.48 -6.42 -44.20
C ASP D 222 -14.32 -7.88 -44.55
N ALA D 223 -13.79 -8.13 -45.74
CA ALA D 223 -13.61 -9.49 -46.24
C ALA D 223 -12.63 -10.28 -45.39
N TYR D 224 -11.49 -9.66 -45.07
CA TYR D 224 -10.50 -10.29 -44.19
C TYR D 224 -11.09 -10.67 -42.83
N LEU D 225 -11.79 -9.74 -42.19
CA LEU D 225 -12.30 -9.96 -40.85
C LEU D 225 -13.31 -11.10 -40.85
N ASP D 226 -14.20 -11.10 -41.84
CA ASP D 226 -15.21 -12.16 -41.93
C ASP D 226 -14.55 -13.51 -42.12
N GLU D 227 -13.44 -13.55 -42.83
CA GLU D 227 -12.71 -14.80 -43.06
C GLU D 227 -11.84 -15.28 -41.88
N ARG D 228 -11.19 -14.35 -41.19
CA ARG D 228 -10.19 -14.71 -40.19
C ARG D 228 -10.61 -14.55 -38.73
N TRP D 229 -11.78 -14.00 -38.47
CA TRP D 229 -12.16 -13.65 -37.09
C TRP D 229 -12.28 -14.89 -36.22
N ASP D 230 -12.81 -15.96 -36.80
CA ASP D 230 -12.95 -17.21 -36.07
C ASP D 230 -11.58 -17.66 -35.59
N TRP D 231 -10.58 -17.60 -36.46
CA TRP D 231 -9.23 -17.99 -36.04
C TRP D 231 -8.63 -16.98 -35.04
N LEU D 232 -8.82 -15.70 -35.30
CA LEU D 232 -8.27 -14.65 -34.44
C LEU D 232 -8.82 -14.72 -33.00
N THR D 233 -10.08 -15.11 -32.86
CA THR D 233 -10.75 -15.18 -31.56
C THR D 233 -10.70 -16.58 -30.93
N GLU D 234 -9.98 -17.49 -31.59
CA GLU D 234 -9.93 -18.90 -31.18
C GLU D 234 -11.31 -19.49 -31.04
N GLY D 235 -12.13 -19.30 -32.07
CA GLY D 235 -13.44 -19.90 -32.12
C GLY D 235 -14.51 -19.05 -31.47
N GLY D 236 -14.18 -17.79 -31.21
CA GLY D 236 -15.11 -16.88 -30.55
C GLY D 236 -14.91 -16.80 -29.06
N ARG D 237 -13.82 -17.41 -28.58
CA ARG D 237 -13.55 -17.49 -27.14
C ARG D 237 -12.88 -16.26 -26.53
N HIS D 238 -12.02 -15.59 -27.30
CA HIS D 238 -11.15 -14.56 -26.75
C HIS D 238 -11.10 -13.31 -27.62
N ARG D 239 -10.65 -12.22 -27.02
CA ARG D 239 -10.53 -10.97 -27.72
C ARG D 239 -9.27 -10.88 -28.58
N VAL D 240 -9.19 -9.82 -29.36
CA VAL D 240 -8.09 -9.63 -30.29
C VAL D 240 -7.43 -8.29 -30.03
N VAL D 241 -6.11 -8.30 -29.87
CA VAL D 241 -5.40 -7.05 -29.69
C VAL D 241 -5.08 -6.44 -31.05
N VAL D 242 -5.41 -5.16 -31.21
CA VAL D 242 -5.08 -4.43 -32.44
C VAL D 242 -4.07 -3.36 -32.10
N GLU D 243 -2.88 -3.40 -32.71
CA GLU D 243 -1.91 -2.36 -32.45
C GLU D 243 -1.05 -1.96 -33.66
N ARG D 244 -0.50 -0.76 -33.60
CA ARG D 244 0.37 -0.29 -34.66
C ARG D 244 1.62 -1.16 -34.72
N TYR D 245 1.99 -1.57 -35.93
CA TYR D 245 3.17 -2.37 -36.18
C TYR D 245 4.33 -1.46 -36.64
N HIS D 246 5.51 -1.65 -36.08
CA HIS D 246 6.67 -0.82 -36.42
C HIS D 246 7.73 -1.66 -37.14
N PRO D 247 7.66 -1.70 -38.48
CA PRO D 247 8.59 -2.49 -39.30
C PRO D 247 10.05 -2.21 -38.94
N GLY D 248 10.88 -3.24 -38.92
CA GLY D 248 12.31 -3.06 -38.74
C GLY D 248 12.74 -2.81 -37.32
N SER D 249 11.85 -3.04 -36.35
CA SER D 249 12.18 -2.87 -34.94
C SER D 249 13.05 -4.00 -34.43
N ARG D 250 13.86 -3.71 -33.43
CA ARG D 250 14.57 -4.77 -32.73
C ARG D 250 13.79 -5.13 -31.46
N ALA D 251 13.89 -6.40 -31.06
CA ALA D 251 13.06 -6.93 -29.98
C ALA D 251 13.88 -7.14 -28.72
N TYR D 252 13.39 -6.60 -27.61
CA TYR D 252 14.08 -6.74 -26.35
C TYR D 252 13.19 -7.31 -25.25
N PHE D 253 13.81 -7.73 -24.16
CA PHE D 253 13.05 -8.15 -23.00
C PHE D 253 13.75 -7.71 -21.73
N ALA D 254 12.95 -7.49 -20.68
CA ALA D 254 13.45 -7.34 -19.32
C ALA D 254 12.61 -8.28 -18.44
N GLU D 255 13.28 -9.11 -17.65
CA GLU D 255 12.61 -10.19 -16.97
C GLU D 255 12.77 -10.05 -15.47
N PHE D 256 11.66 -10.16 -14.75
CA PHE D 256 11.68 -9.90 -13.31
C PHE D 256 11.20 -11.12 -12.51
N TRP D 257 11.63 -11.18 -11.26
CA TRP D 257 11.16 -12.18 -10.32
C TRP D 257 10.24 -11.48 -9.33
N ILE D 258 8.98 -11.91 -9.31
CA ILE D 258 7.96 -11.28 -8.50
C ILE D 258 7.66 -12.22 -7.34
N SER D 259 8.01 -11.77 -6.14
CA SER D 259 7.83 -12.57 -4.92
C SER D 259 7.01 -11.79 -3.92
N ASP D 260 6.73 -12.39 -2.77
CA ASP D 260 5.96 -11.71 -1.71
C ASP D 260 6.67 -10.41 -1.33
N GLY D 261 7.99 -10.47 -1.23
CA GLY D 261 8.81 -9.32 -0.88
C GLY D 261 8.86 -8.21 -1.92
N GLY D 262 8.48 -8.52 -3.16
CA GLY D 262 8.42 -7.50 -4.18
C GLY D 262 8.98 -7.93 -5.53
N VAL D 263 9.49 -6.96 -6.29
CA VAL D 263 9.93 -7.17 -7.65
C VAL D 263 11.46 -7.03 -7.76
N ARG D 264 12.10 -8.01 -8.37
CA ARG D 264 13.56 -7.98 -8.51
C ARG D 264 13.93 -8.19 -9.97
N LEU D 265 14.81 -7.35 -10.50
CA LEU D 265 15.30 -7.53 -11.87
C LEU D 265 16.09 -8.84 -12.02
N GLY D 266 15.68 -9.65 -12.97
CA GLY D 266 16.40 -10.87 -13.30
C GLY D 266 17.50 -10.58 -14.31
N GLY D 267 17.13 -10.15 -15.50
CA GLY D 267 18.09 -9.76 -16.51
C GLY D 267 17.38 -9.23 -17.73
N HIS D 268 18.15 -8.69 -18.68
CA HIS D 268 17.57 -8.21 -19.93
C HIS D 268 18.37 -8.76 -21.12
N GLY D 269 17.79 -8.69 -22.30
CA GLY D 269 18.44 -9.20 -23.50
C GLY D 269 17.75 -8.79 -24.78
N GLU D 270 18.33 -9.20 -25.91
CA GLU D 270 17.71 -8.97 -27.20
C GLU D 270 17.35 -10.31 -27.85
N ARG D 272 16.79 -11.85 -31.32
CA ARG D 272 17.17 -11.47 -32.66
C ARG D 272 16.34 -12.19 -33.73
N TYR D 273 15.34 -11.47 -34.25
CA TYR D 273 14.46 -11.94 -35.33
C TYR D 273 15.12 -11.72 -36.67
N ARG D 274 15.75 -12.75 -37.23
CA ARG D 274 16.55 -12.55 -38.43
C ARG D 274 16.28 -13.50 -39.62
N PRO D 275 15.02 -13.57 -40.11
CA PRO D 275 13.77 -12.92 -39.68
C PRO D 275 13.05 -13.69 -38.58
N LEU D 276 13.52 -14.92 -38.29
CA LEU D 276 12.96 -15.70 -37.19
C LEU D 276 13.79 -15.51 -35.92
N PRO D 277 13.13 -15.54 -34.76
CA PRO D 277 13.84 -15.41 -33.49
C PRO D 277 14.59 -16.68 -33.13
N ASP D 278 15.77 -16.90 -33.71
CA ASP D 278 16.51 -18.14 -33.45
C ASP D 278 17.72 -17.94 -32.53
N SER D 279 17.89 -16.74 -32.00
CA SER D 279 18.99 -16.49 -31.07
C SER D 279 18.73 -15.28 -30.19
N GLN D 280 19.43 -15.21 -29.07
CA GLN D 280 19.27 -14.08 -28.15
C GLN D 280 20.57 -13.80 -27.43
N VAL D 281 20.83 -12.52 -27.18
CA VAL D 281 22.01 -12.09 -26.46
C VAL D 281 21.67 -11.42 -25.14
N PRO D 283 23.65 -9.46 -21.64
CA PRO D 283 22.56 -8.49 -21.43
C PRO D 283 22.18 -7.75 -22.72
N ALA D 284 21.19 -6.85 -22.63
CA ALA D 284 20.68 -6.16 -23.80
C ALA D 284 21.75 -5.25 -24.44
N PRO D 285 22.09 -5.51 -25.71
CA PRO D 285 23.12 -4.72 -26.41
C PRO D 285 22.57 -3.52 -27.19
N ASP D 286 23.46 -2.57 -27.46
CA ASP D 286 23.20 -1.47 -28.37
C ASP D 286 22.10 -0.51 -27.89
N LEU D 287 21.83 -0.53 -26.60
CA LEU D 287 20.95 0.50 -26.04
C LEU D 287 21.78 1.57 -25.33
N ASP D 288 21.38 2.83 -25.44
CA ASP D 288 22.00 3.83 -24.59
C ASP D 288 21.31 3.82 -23.22
N GLN D 289 21.92 4.49 -22.24
CA GLN D 289 21.43 4.48 -20.87
C GLN D 289 19.97 4.84 -20.76
N ALA D 290 19.54 5.85 -21.51
CA ALA D 290 18.13 6.26 -21.48
C ALA D 290 17.22 5.14 -21.96
N GLN D 291 17.63 4.43 -23.00
CA GLN D 291 16.83 3.33 -23.54
C GLN D 291 16.81 2.13 -22.60
N LEU D 292 17.96 1.78 -22.03
CA LEU D 292 18.02 0.68 -21.08
C LEU D 292 17.18 0.98 -19.87
N ASP D 293 17.17 2.23 -19.42
CA ASP D 293 16.34 2.60 -18.28
C ASP D 293 14.86 2.49 -18.61
N ASP D 294 14.48 2.97 -19.80
CA ASP D 294 13.11 2.84 -20.28
C ASP D 294 12.64 1.38 -20.29
N LEU D 295 13.51 0.49 -20.75
CA LEU D 295 13.17 -0.93 -20.83
C LEU D 295 13.02 -1.53 -19.43
N VAL D 296 14.03 -1.31 -18.59
CA VAL D 296 14.05 -1.91 -17.26
C VAL D 296 13.01 -1.27 -16.33
N GLU D 297 12.90 0.05 -16.37
CA GLU D 297 11.95 0.72 -15.49
C GLU D 297 10.51 0.56 -15.99
N GLY D 298 10.34 0.45 -17.30
CA GLY D 298 9.03 0.14 -17.85
C GLY D 298 8.55 -1.23 -17.40
N GLY D 299 9.43 -2.23 -17.50
CA GLY D 299 9.09 -3.56 -17.03
C GLY D 299 8.82 -3.59 -15.54
N ARG D 300 9.64 -2.87 -14.78
CA ARG D 300 9.47 -2.79 -13.33
C ARG D 300 8.08 -2.28 -12.95
N ARG D 301 7.61 -1.24 -13.63
CA ARG D 301 6.28 -0.66 -13.35
C ARG D 301 5.15 -1.67 -13.62
N LEU D 302 5.28 -2.41 -14.71
CA LEU D 302 4.32 -3.43 -15.05
C LEU D 302 4.30 -4.51 -13.96
N CYS D 303 5.47 -4.91 -13.47
CA CYS D 303 5.57 -5.98 -12.47
C CYS D 303 5.09 -5.53 -11.10
N VAL D 304 5.23 -4.25 -10.79
CA VAL D 304 4.69 -3.70 -9.54
C VAL D 304 3.18 -3.87 -9.54
N ALA D 305 2.54 -3.53 -10.66
CA ALA D 305 1.09 -3.67 -10.77
C ALA D 305 0.69 -5.14 -10.64
N LEU D 306 1.41 -6.03 -11.34
CA LEU D 306 1.14 -7.46 -11.25
C LEU D 306 1.33 -7.97 -9.84
N HIS D 307 2.40 -7.51 -9.19
CA HIS D 307 2.65 -7.87 -7.81
C HIS D 307 1.48 -7.48 -6.91
N ALA D 308 0.99 -6.26 -7.11
CA ALA D 308 -0.04 -5.69 -6.24
C ALA D 308 -1.32 -6.46 -6.34
N LEU D 309 -1.61 -7.00 -7.53
CA LEU D 309 -2.86 -7.71 -7.71
C LEU D 309 -2.76 -9.21 -7.35
N GLY D 310 -1.56 -9.68 -7.02
CA GLY D 310 -1.40 -11.03 -6.50
C GLY D 310 -0.52 -11.99 -7.30
N TYR D 311 -0.07 -11.58 -8.48
CA TYR D 311 0.74 -12.48 -9.29
C TYR D 311 2.08 -12.77 -8.61
N ARG D 312 2.52 -14.02 -8.66
CA ARG D 312 3.84 -14.38 -8.15
C ARG D 312 4.56 -15.32 -9.15
N GLY D 313 5.84 -15.07 -9.40
CA GLY D 313 6.59 -15.90 -10.33
C GLY D 313 7.57 -15.09 -11.16
N VAL D 314 7.94 -15.64 -12.31
CA VAL D 314 8.77 -14.93 -13.27
C VAL D 314 7.87 -14.16 -14.23
N LEU D 315 8.31 -12.97 -14.63
CA LEU D 315 7.55 -12.15 -15.55
C LEU D 315 8.51 -11.55 -16.55
N SER D 316 8.30 -11.87 -17.82
CA SER D 316 9.13 -11.32 -18.89
C SER D 316 8.37 -10.23 -19.60
N ALA D 317 8.87 -9.01 -19.53
CA ALA D 317 8.25 -7.92 -20.26
C ALA D 317 8.94 -7.78 -21.61
N ASP D 318 8.18 -7.93 -22.69
CA ASP D 318 8.71 -7.82 -24.05
C ASP D 318 8.50 -6.42 -24.61
N ALA D 319 9.48 -5.95 -25.37
CA ALA D 319 9.39 -4.63 -25.97
C ALA D 319 10.09 -4.59 -27.31
N VAL D 320 9.74 -3.60 -28.12
CA VAL D 320 10.56 -3.32 -29.28
C VAL D 320 11.23 -1.97 -29.12
N VAL D 321 12.36 -1.82 -29.80
CA VAL D 321 12.95 -0.51 -29.98
C VAL D 321 12.77 -0.16 -31.43
N THR D 322 11.99 0.89 -31.69
CA THR D 322 11.66 1.30 -33.06
C THR D 322 12.89 1.84 -33.78
N PRO D 323 12.85 1.91 -35.12
CA PRO D 323 13.99 2.49 -35.84
C PRO D 323 14.38 3.88 -35.33
N ALA D 324 13.41 4.68 -34.90
CA ALA D 324 13.69 6.01 -34.36
C ALA D 324 14.28 5.92 -32.96
N GLY D 325 14.26 4.74 -32.37
CA GLY D 325 14.84 4.53 -31.05
C GLY D 325 13.87 4.58 -29.87
N GLU D 326 12.57 4.53 -30.15
CA GLU D 326 11.57 4.55 -29.09
C GLU D 326 11.29 3.15 -28.52
N VAL D 327 11.26 3.02 -27.20
CA VAL D 327 11.02 1.71 -26.55
C VAL D 327 9.53 1.53 -26.31
N LEU D 328 8.92 0.56 -26.96
CA LEU D 328 7.49 0.30 -26.80
C LEU D 328 7.27 -1.15 -26.33
N PHE D 329 6.51 -1.34 -25.25
CA PHE D 329 6.29 -2.70 -24.75
C PHE D 329 5.18 -3.37 -25.54
N THR D 330 5.35 -4.66 -25.83
CA THR D 330 4.42 -5.36 -26.73
C THR D 330 3.62 -6.49 -26.06
N GLU D 331 4.16 -7.08 -25.01
CA GLU D 331 3.43 -8.10 -24.27
C GLU D 331 4.19 -8.47 -23.02
N HIS D 332 3.53 -9.16 -22.10
CA HIS D 332 4.30 -9.78 -21.03
C HIS D 332 4.10 -11.29 -21.07
N ASN D 333 5.02 -12.00 -20.42
CA ASN D 333 4.99 -13.45 -20.38
C ASN D 333 5.24 -13.94 -18.97
N GLY D 334 4.18 -14.43 -18.31
CA GLY D 334 4.27 -14.89 -16.95
C GLY D 334 4.62 -16.37 -16.85
N ARG D 335 5.92 -16.66 -16.81
CA ARG D 335 6.44 -18.04 -16.76
C ARG D 335 7.96 -18.02 -16.86
N ALA D 336 8.59 -19.11 -16.46
CA ALA D 336 10.02 -19.29 -16.76
C ALA D 336 10.17 -19.43 -18.27
N THR D 337 10.84 -18.47 -18.90
CA THR D 337 10.97 -18.45 -20.36
C THR D 337 12.23 -19.16 -20.87
N GLY D 338 12.46 -19.08 -22.16
CA GLY D 338 13.67 -19.62 -22.75
C GLY D 338 14.91 -18.89 -22.28
N SER D 339 14.72 -17.70 -21.70
CA SER D 339 15.81 -16.87 -21.22
C SER D 339 16.18 -17.04 -19.75
N THR D 340 15.22 -17.50 -18.93
CA THR D 340 15.33 -17.35 -17.49
C THR D 340 16.54 -18.04 -16.87
N HIS D 341 16.75 -19.30 -17.22
CA HIS D 341 17.84 -20.06 -16.63
C HIS D 341 19.19 -19.57 -17.18
N ILE D 342 19.16 -18.96 -18.36
CA ILE D 342 20.39 -18.51 -18.98
C ILE D 342 21.01 -17.34 -18.23
N TYR D 343 20.28 -16.25 -17.97
CA TYR D 343 20.90 -15.16 -17.22
C TYR D 343 20.99 -15.50 -15.73
N GLU D 344 20.01 -16.21 -15.18
CA GLU D 344 19.93 -16.34 -13.72
C GLU D 344 20.92 -17.37 -13.21
N ILE D 345 21.15 -18.42 -14.00
CA ILE D 345 22.00 -19.51 -13.57
C ILE D 345 23.32 -19.54 -14.35
N VAL D 346 23.23 -19.62 -15.67
CA VAL D 346 24.44 -19.71 -16.49
C VAL D 346 25.24 -18.43 -16.32
N GLY D 347 24.55 -17.30 -16.35
CA GLY D 347 25.23 -16.02 -16.24
C GLY D 347 25.70 -15.72 -14.82
N LYS D 348 24.75 -15.58 -13.90
CA LYS D 348 25.08 -15.09 -12.57
C LYS D 348 25.83 -16.11 -11.70
N ARG D 349 25.48 -17.40 -11.84
CA ARG D 349 26.07 -18.43 -10.96
C ARG D 349 27.29 -19.14 -11.57
N VAL D 350 27.17 -19.54 -12.83
CA VAL D 350 28.24 -20.26 -13.49
C VAL D 350 29.35 -19.32 -13.95
N VAL D 351 29.03 -18.34 -14.79
CA VAL D 351 30.04 -17.40 -15.30
C VAL D 351 30.52 -16.47 -14.17
N GLY D 352 29.59 -16.00 -13.36
CA GLY D 352 29.94 -15.20 -12.20
C GLY D 352 29.72 -13.73 -12.43
N PRO D 353 30.16 -12.89 -11.48
CA PRO D 353 29.89 -11.45 -11.44
C PRO D 353 30.41 -10.68 -12.65
N GLY D 354 31.18 -11.34 -13.52
CA GLY D 354 31.68 -10.72 -14.73
C GLY D 354 30.63 -10.73 -15.82
N PHE D 355 29.61 -11.57 -15.63
CA PHE D 355 28.46 -11.56 -16.53
C PHE D 355 27.80 -10.19 -16.47
N GLY D 356 27.69 -9.54 -17.62
CA GLY D 356 27.16 -8.20 -17.69
C GLY D 356 28.25 -7.15 -17.56
N THR D 357 29.47 -7.60 -17.27
CA THR D 357 30.61 -6.69 -17.12
C THR D 357 31.67 -6.97 -18.16
N ASP D 358 32.29 -8.14 -18.09
CA ASP D 358 33.32 -8.46 -19.08
C ASP D 358 32.94 -9.66 -19.94
N ARG D 359 31.71 -10.15 -19.78
CA ARG D 359 31.23 -11.31 -20.55
C ARG D 359 29.78 -11.15 -20.98
N ILE D 360 29.45 -11.69 -22.16
CA ILE D 360 28.08 -11.74 -22.63
C ILE D 360 27.66 -13.20 -22.89
N LEU D 361 26.36 -13.39 -23.13
CA LEU D 361 25.80 -14.71 -23.44
C LEU D 361 25.05 -14.69 -24.75
N LEU D 362 25.40 -15.62 -25.64
CA LEU D 362 24.70 -15.76 -26.91
C LEU D 362 24.11 -17.15 -27.00
N GLU D 363 22.78 -17.23 -27.00
CA GLU D 363 22.10 -18.50 -27.11
C GLU D 363 21.57 -18.68 -28.51
N ARG D 364 21.78 -19.84 -29.11
CA ARG D 364 21.19 -20.11 -30.42
C ARG D 364 20.45 -21.44 -30.41
N VAL D 365 19.28 -21.48 -31.05
CA VAL D 365 18.54 -22.72 -31.20
C VAL D 365 19.37 -23.58 -32.14
N TRP D 366 19.52 -24.87 -31.81
CA TRP D 366 20.35 -25.79 -32.60
C TRP D 366 20.12 -25.57 -34.09
N PRO D 367 21.13 -25.01 -34.78
CA PRO D 367 20.94 -24.58 -36.17
C PRO D 367 20.58 -25.76 -37.05
N GLU D 368 19.81 -25.52 -38.10
CA GLU D 368 19.48 -26.61 -38.99
C GLU D 368 20.74 -27.05 -39.73
N GLY D 369 20.86 -28.35 -39.96
CA GLY D 369 22.03 -28.89 -40.61
C GLY D 369 22.95 -29.49 -39.57
N TRP D 370 22.91 -28.93 -38.36
CA TRP D 370 23.75 -29.42 -37.29
C TRP D 370 23.25 -30.76 -36.80
N GLU D 371 24.19 -31.69 -36.60
CA GLU D 371 23.84 -33.01 -36.09
C GLU D 371 24.82 -33.49 -35.03
N ALA D 372 24.24 -34.12 -34.01
CA ALA D 372 24.99 -34.75 -32.93
C ALA D 372 24.33 -36.09 -32.67
N PRO D 373 25.13 -37.13 -32.39
CA PRO D 373 24.56 -38.47 -32.22
C PRO D 373 23.84 -38.64 -30.88
N SER D 374 24.35 -37.94 -29.87
CA SER D 374 23.85 -38.06 -28.52
C SER D 374 24.34 -36.88 -27.72
N PHE D 375 23.92 -36.78 -26.46
CA PHE D 375 24.41 -35.71 -25.61
C PHE D 375 25.89 -35.93 -25.31
N ALA D 376 26.25 -37.15 -24.95
CA ALA D 376 27.62 -37.44 -24.52
C ALA D 376 28.65 -37.19 -25.63
N GLY D 377 28.22 -37.38 -26.88
CA GLY D 377 29.07 -37.10 -28.03
C GLY D 377 29.27 -35.61 -28.27
N ALA D 378 28.19 -34.84 -28.14
CA ALA D 378 28.27 -33.40 -28.28
C ALA D 378 29.28 -32.85 -27.27
N LEU D 379 29.16 -33.31 -26.03
CA LEU D 379 30.04 -32.87 -24.96
C LEU D 379 31.51 -33.19 -25.30
N THR D 380 31.75 -34.42 -25.75
CA THR D 380 33.10 -34.88 -26.07
C THR D 380 33.77 -34.09 -27.20
N ARG D 381 33.05 -33.91 -28.32
CA ARG D 381 33.57 -33.13 -29.44
C ARG D 381 33.92 -31.69 -29.02
N LEU D 382 33.14 -31.13 -28.09
CA LEU D 382 33.40 -29.78 -27.57
C LEU D 382 34.59 -29.77 -26.62
N ARG D 383 34.66 -30.76 -25.74
CA ARG D 383 35.77 -30.85 -24.82
C ARG D 383 37.08 -31.05 -25.59
N ASP D 384 37.03 -31.91 -26.60
CA ASP D 384 38.23 -32.25 -27.36
C ASP D 384 38.67 -31.09 -28.25
N SER D 385 37.71 -30.41 -28.86
CA SER D 385 38.02 -29.27 -29.71
C SER D 385 38.49 -28.07 -28.89
N GLY D 386 38.19 -28.08 -27.59
CA GLY D 386 38.58 -27.00 -26.71
C GLY D 386 37.61 -25.84 -26.68
N HIS D 387 36.46 -26.00 -27.34
CA HIS D 387 35.48 -24.93 -27.41
C HIS D 387 34.41 -25.02 -26.31
N LEU D 388 34.53 -26.03 -25.46
CA LEU D 388 33.66 -26.16 -24.31
C LEU D 388 33.92 -25.04 -23.30
N TYR D 389 32.88 -24.58 -22.61
CA TYR D 389 33.06 -23.52 -21.62
C TYR D 389 34.02 -23.98 -20.53
N ASP D 390 35.00 -23.14 -20.21
CA ASP D 390 35.93 -23.46 -19.13
C ASP D 390 35.90 -22.39 -18.04
N PRO D 391 35.59 -22.81 -16.80
CA PRO D 391 35.52 -22.00 -15.57
C PRO D 391 36.72 -21.10 -15.33
N GLU D 392 37.93 -21.58 -15.63
CA GLU D 392 39.12 -20.78 -15.31
C GLU D 392 39.47 -19.77 -16.41
N THR D 393 38.92 -19.95 -17.60
CA THR D 393 39.03 -18.93 -18.64
C THR D 393 37.73 -18.09 -18.75
N ARG D 394 36.61 -18.70 -18.33
CA ARG D 394 35.26 -18.14 -18.47
C ARG D 394 34.88 -17.88 -19.94
N ARG D 395 35.27 -18.80 -20.83
CA ARG D 395 34.98 -18.66 -22.27
C ARG D 395 34.55 -19.99 -22.87
N GLY D 396 33.68 -19.93 -23.87
CA GLY D 396 33.29 -21.13 -24.58
C GLY D 396 31.80 -21.46 -24.58
N ALA D 397 31.50 -22.65 -25.07
CA ALA D 397 30.13 -23.07 -25.27
C ALA D 397 29.58 -23.85 -24.08
N VAL D 398 28.48 -23.37 -23.51
CA VAL D 398 27.75 -24.12 -22.49
C VAL D 398 26.64 -24.90 -23.17
N ILE D 399 26.50 -26.18 -22.81
CA ILE D 399 25.36 -26.95 -23.30
C ILE D 399 24.14 -26.67 -22.40
N LEU D 400 23.11 -26.04 -22.97
CA LEU D 400 21.93 -25.63 -22.19
C LEU D 400 20.88 -26.73 -22.03
N ALA D 401 20.76 -27.58 -23.05
CA ALA D 401 19.61 -28.46 -23.15
C ALA D 401 19.98 -29.92 -23.28
N ALA D 402 19.00 -30.76 -22.99
CA ALA D 402 19.12 -32.20 -23.14
C ALA D 402 19.23 -32.57 -24.61
N TYR D 403 19.52 -33.84 -24.88
CA TYR D 403 19.63 -34.26 -26.28
C TYR D 403 18.27 -34.26 -26.92
N ASN D 404 18.16 -33.63 -28.08
CA ASN D 404 16.89 -33.55 -28.79
C ASN D 404 16.88 -34.52 -29.97
N THR D 405 16.30 -35.70 -29.78
CA THR D 405 16.28 -36.74 -30.82
C THR D 405 15.57 -36.26 -32.09
N HIS D 406 14.44 -35.59 -31.91
CA HIS D 406 13.64 -35.14 -33.05
C HIS D 406 14.34 -34.01 -33.79
N ARG D 407 15.53 -33.64 -33.33
CA ARG D 407 16.33 -32.64 -34.02
C ARG D 407 17.83 -33.00 -34.08
N LYS D 408 18.18 -34.11 -33.44
CA LYS D 408 19.57 -34.58 -33.41
C LYS D 408 20.57 -33.50 -33.00
N GLY D 409 20.34 -32.88 -31.85
CA GLY D 409 21.23 -31.86 -31.34
C GLY D 409 20.92 -31.45 -29.93
N VAL D 410 21.68 -30.48 -29.42
CA VAL D 410 21.39 -29.92 -28.11
C VAL D 410 21.00 -28.47 -28.30
N LEU D 412 23.17 -24.65 -27.48
CA LEU D 412 24.40 -24.11 -26.92
C LEU D 412 24.28 -22.64 -26.56
N CYS D 413 24.98 -22.26 -25.49
CA CYS D 413 25.11 -20.87 -25.08
C CYS D 413 26.58 -20.48 -25.11
N TYR D 414 26.91 -19.44 -25.87
CA TYR D 414 28.30 -19.06 -26.03
C TYR D 414 28.67 -17.96 -25.06
N VAL D 415 29.75 -18.17 -24.31
CA VAL D 415 30.23 -17.17 -23.36
C VAL D 415 31.48 -16.48 -23.90
N ALA D 416 31.38 -15.19 -24.21
CA ALA D 416 32.51 -14.46 -24.78
C ALA D 416 32.60 -13.03 -24.24
N GLU D 417 33.67 -12.34 -24.63
CA GLU D 417 33.87 -10.94 -24.24
C GLU D 417 32.82 -10.05 -24.86
N ASP D 418 32.44 -10.38 -26.09
CA ASP D 418 31.47 -9.60 -26.82
C ASP D 418 30.82 -10.47 -27.88
N LEU D 419 29.86 -9.90 -28.59
CA LEU D 419 29.07 -10.68 -29.55
C LEU D 419 29.91 -11.31 -30.66
N GLU D 420 30.81 -10.54 -31.26
CA GLU D 420 31.47 -11.05 -32.45
C GLU D 420 32.44 -12.17 -32.05
N ALA D 421 33.01 -12.08 -30.85
CA ALA D 421 33.80 -13.19 -30.31
C ALA D 421 32.94 -14.43 -30.11
N ALA D 422 31.70 -14.24 -29.68
CA ALA D 422 30.80 -15.37 -29.46
C ALA D 422 30.36 -15.94 -30.78
N LEU D 423 30.15 -15.07 -31.73
CA LEU D 423 29.78 -15.56 -33.02
C LEU D 423 30.96 -16.30 -33.66
N HIS D 424 32.14 -15.93 -33.26
CA HIS D 424 33.30 -16.52 -33.81
C HIS D 424 33.48 -17.85 -33.14
N ARG D 425 33.19 -17.93 -31.84
CA ARG D 425 33.27 -19.23 -31.16
C ARG D 425 32.28 -20.18 -31.84
N GLU D 426 31.09 -19.66 -32.16
CA GLU D 426 30.07 -20.46 -32.81
C GLU D 426 30.50 -20.97 -34.18
N GLU D 427 31.15 -20.11 -34.95
CA GLU D 427 31.60 -20.49 -36.28
C GLU D 427 32.58 -21.66 -36.21
N SER D 428 33.49 -21.63 -35.23
CA SER D 428 34.42 -22.73 -35.04
C SER D 428 33.67 -24.01 -34.72
N VAL D 429 32.80 -23.94 -33.72
CA VAL D 429 32.05 -25.06 -33.22
C VAL D 429 31.28 -25.70 -34.36
N SER D 430 30.92 -24.87 -35.31
CA SER D 430 30.27 -25.29 -36.54
C SER D 430 30.91 -26.57 -37.10
N ARG D 431 32.21 -26.58 -37.08
CA ARG D 431 33.10 -27.61 -37.62
C ARG D 431 32.82 -28.97 -36.97
N LEU D 432 32.32 -28.94 -35.74
CA LEU D 432 32.11 -30.15 -34.97
C LEU D 432 30.85 -30.91 -35.36
N PHE D 433 29.89 -30.21 -35.95
CA PHE D 433 28.55 -30.77 -36.11
C PHE D 433 28.01 -30.65 -37.53
#